data_6F30
#
_entry.id   6F30
#
_cell.length_a   75.270
_cell.length_b   127.682
_cell.length_c   113.414
_cell.angle_alpha   90.00
_cell.angle_beta   97.14
_cell.angle_gamma   90.00
#
_symmetry.space_group_name_H-M   'P 1 21 1'
#
loop_
_entity.id
_entity.type
_entity.pdbx_description
1 polymer 'Ectonucleotide pyrophosphatase/phosphodiesterase family member 3'
2 branched 2-acetamido-2-deoxy-beta-D-glucopyranose-(1-4)-2-acetamido-2-deoxy-beta-D-glucopyranose
3 branched beta-D-mannopyranose-(1-4)-2-acetamido-2-deoxy-beta-D-glucopyranose-(1-4)-2-acetamido-2-deoxy-beta-D-glucopyranose
4 non-polymer URIDINE-DIPHOSPHATE-N-ACETYLGLUCOSAMINE
5 non-polymer 'ZINC ION'
6 non-polymer 'CALCIUM ION'
7 non-polymer 2-acetamido-2-deoxy-beta-D-glucopyranose
8 water water
#
_entity_poly.entity_id   1
_entity_poly.type   'polypeptide(L)'
_entity_poly.pdbx_seq_one_letter_code
;AETGWVTEACASSQEPQCPEGFDQPPVILFSMDGFRAEYLQTWSTLLPNINKLKTCGLHSKYMRAVYPTKAFPNHYTIVT
GLYPESHGIIDNNMYDVYLNKNFSLSSVEKSNPAWWSGQPIWLTAMYQGLKAASYYWPGSDVAVNGSFPNIYRNYSNSVP
YESRIATLLQWLDLPKAERPSFYTIYVEEPDSAGHKSGPVSAGVIKALQLVDDAFGMLMEGLKQRNLHNCVNIIVLADHG
MDQTSCDRVEYMTDYFPEINFYMYQGPAPRIRTRNIPQDFFTFNSEEIVRDLSCRKSDQHFKPYLTPDLPKRLHYAKNVR
IDKVHLMVDRQWLAYRNKGSSNCEGGTHGYNNEFKSMEAIFLAHGPSFKEKTVIEPFENIEVYNLLCDLLHIQPAPNNGS
HGSLNHLLKAPFYQPSHAEELSKSAGCGFTTPLPKDSLNCSCLALQTSGEEEQVNQRLNLNRGEVSATEKTNLPFGRPRV
IQKNKDHCLLYHREYVSGFGKAMKMPMWSSYTVPKPGDTSSLPPTVPDCLRADVRVDPSESQKCSFYLADQNIDHGFLYP
PAIKGNNESQYDALITSNLVPMYKEFKKMWDYFHKVLLIKYAIERNGVNVVSGPIFDYNYDGHFDAPDEITNYVAGTDVP
VPTHYFVVLTSCKNKTHTPDSCPGWLDVLPFVVPHRPTNVESCPENKAEDLWVEERFKAHIARVRDVELLTGLDFYQEKT
QPVSEILQLKTYLPTFETIIGTKHHHHHH
;
_entity_poly.pdbx_strand_id   A,B
#
# COMPACT_ATOMS: atom_id res chain seq x y z
N TRP A 5 -29.48 -27.37 5.15
CA TRP A 5 -29.59 -26.03 5.71
C TRP A 5 -28.94 -24.96 4.83
N VAL A 6 -27.71 -25.22 4.33
CA VAL A 6 -26.92 -24.29 3.52
C VAL A 6 -27.61 -23.94 2.17
N THR A 7 -28.35 -24.91 1.58
CA THR A 7 -29.08 -24.72 0.31
C THR A 7 -30.48 -24.13 0.55
N GLU A 8 -31.04 -24.34 1.75
CA GLU A 8 -32.36 -23.87 2.16
C GLU A 8 -32.39 -22.34 2.26
N ALA A 9 -33.54 -21.73 1.88
CA ALA A 9 -33.79 -20.29 1.88
C ALA A 9 -33.80 -19.70 3.30
N CYS A 10 -33.72 -18.34 3.40
CA CYS A 10 -33.77 -17.62 4.68
C CYS A 10 -35.11 -17.92 5.36
N ALA A 11 -35.08 -18.48 6.57
CA ALA A 11 -36.28 -18.82 7.32
C ALA A 11 -36.69 -17.70 8.27
N GLN A 17 -39.21 -19.88 16.04
CA GLN A 17 -39.69 -21.26 15.87
C GLN A 17 -38.93 -22.22 16.79
N CYS A 18 -39.44 -22.41 18.02
CA CYS A 18 -38.87 -23.27 19.05
C CYS A 18 -39.70 -24.54 19.28
N PRO A 19 -39.06 -25.73 19.40
CA PRO A 19 -39.84 -26.96 19.62
C PRO A 19 -40.30 -27.15 21.07
N GLU A 20 -41.03 -28.25 21.34
CA GLU A 20 -41.58 -28.63 22.63
C GLU A 20 -40.48 -28.76 23.71
N GLY A 21 -40.70 -28.09 24.84
CA GLY A 21 -39.76 -28.08 25.95
C GLY A 21 -38.82 -26.89 25.96
N PHE A 22 -38.78 -26.12 24.85
CA PHE A 22 -37.94 -24.93 24.70
C PHE A 22 -38.78 -23.66 24.83
N ASP A 23 -39.04 -23.24 26.08
CA ASP A 23 -39.82 -22.04 26.41
C ASP A 23 -39.05 -20.77 26.08
N GLN A 24 -37.74 -20.77 26.38
CA GLN A 24 -36.83 -19.66 26.12
C GLN A 24 -35.77 -20.08 25.09
N PRO A 25 -35.40 -19.19 24.14
CA PRO A 25 -34.40 -19.57 23.13
C PRO A 25 -33.00 -19.77 23.72
N PRO A 26 -32.29 -20.89 23.42
CA PRO A 26 -30.93 -21.05 23.95
C PRO A 26 -29.95 -20.09 23.28
N VAL A 27 -28.86 -19.74 24.00
CA VAL A 27 -27.83 -18.83 23.50
C VAL A 27 -26.51 -19.56 23.27
N ILE A 28 -25.95 -19.44 22.05
CA ILE A 28 -24.66 -20.02 21.69
C ILE A 28 -23.71 -18.89 21.27
N LEU A 29 -22.58 -18.74 21.99
CA LEU A 29 -21.54 -17.76 21.70
C LEU A 29 -20.37 -18.54 21.09
N PHE A 30 -20.15 -18.35 19.78
CA PHE A 30 -19.13 -19.05 18.99
C PHE A 30 -17.98 -18.10 18.67
N SER A 31 -16.75 -18.46 19.08
CA SER A 31 -15.57 -17.66 18.80
C SER A 31 -14.68 -18.36 17.80
N MET A 32 -14.38 -17.65 16.70
CA MET A 32 -13.45 -18.11 15.67
C MET A 32 -12.27 -17.16 15.82
N ASP A 33 -11.23 -17.63 16.52
CA ASP A 33 -10.04 -16.84 16.84
C ASP A 33 -9.37 -16.19 15.63
N GLY A 34 -9.07 -14.91 15.75
CA GLY A 34 -8.38 -14.11 14.73
C GLY A 34 -9.11 -13.92 13.42
N PHE A 35 -10.46 -14.05 13.43
CA PHE A 35 -11.28 -13.85 12.24
C PHE A 35 -11.49 -12.36 12.06
N ARG A 36 -10.59 -11.70 11.30
CA ARG A 36 -10.68 -10.26 11.06
C ARG A 36 -11.88 -9.91 10.19
N ALA A 37 -12.46 -8.71 10.40
CA ALA A 37 -13.62 -8.17 9.70
C ALA A 37 -13.47 -8.24 8.17
N GLU A 38 -12.25 -7.94 7.68
CA GLU A 38 -11.82 -7.94 6.28
C GLU A 38 -12.06 -9.31 5.62
N TYR A 39 -11.83 -10.43 6.35
CA TYR A 39 -12.04 -11.79 5.84
C TYR A 39 -13.49 -11.99 5.40
N LEU A 40 -14.45 -11.46 6.18
CA LEU A 40 -15.88 -11.55 5.87
C LEU A 40 -16.23 -10.66 4.69
N GLN A 41 -15.68 -9.43 4.65
CA GLN A 41 -15.92 -8.46 3.58
C GLN A 41 -15.46 -8.97 2.21
N THR A 42 -14.30 -9.67 2.17
CA THR A 42 -13.69 -10.16 0.93
C THR A 42 -14.01 -11.62 0.60
N TRP A 43 -13.89 -12.54 1.56
CA TRP A 43 -14.02 -13.98 1.29
C TRP A 43 -15.33 -14.67 1.72
N SER A 44 -16.39 -13.92 2.07
CA SER A 44 -17.68 -14.54 2.47
C SER A 44 -18.28 -15.51 1.45
N THR A 45 -18.24 -15.16 0.14
CA THR A 45 -18.80 -15.99 -0.94
C THR A 45 -18.06 -17.33 -1.12
N LEU A 46 -16.86 -17.47 -0.52
CA LEU A 46 -16.06 -18.70 -0.53
C LEU A 46 -16.47 -19.61 0.65
N LEU A 47 -17.21 -19.05 1.62
CA LEU A 47 -17.67 -19.73 2.84
C LEU A 47 -19.22 -19.82 2.81
N PRO A 48 -19.79 -20.89 2.19
CA PRO A 48 -21.25 -20.98 2.04
C PRO A 48 -22.10 -20.93 3.30
N ASN A 49 -21.64 -21.53 4.41
CA ASN A 49 -22.39 -21.57 5.67
C ASN A 49 -22.40 -20.22 6.38
N ILE A 50 -21.23 -19.56 6.47
CA ILE A 50 -21.08 -18.24 7.08
C ILE A 50 -21.76 -17.18 6.17
N ASN A 51 -21.73 -17.38 4.83
CA ASN A 51 -22.38 -16.48 3.87
C ASN A 51 -23.89 -16.51 4.00
N LYS A 52 -24.49 -17.68 4.33
CA LYS A 52 -25.94 -17.80 4.54
C LYS A 52 -26.31 -17.04 5.82
N LEU A 53 -25.48 -17.19 6.86
CA LEU A 53 -25.63 -16.50 8.15
C LEU A 53 -25.52 -14.97 7.94
N LYS A 54 -24.60 -14.54 7.05
CA LYS A 54 -24.39 -13.14 6.69
C LYS A 54 -25.59 -12.57 5.92
N THR A 55 -26.16 -13.38 4.99
CA THR A 55 -27.30 -13.00 4.16
C THR A 55 -28.62 -12.96 4.96
N CYS A 56 -28.94 -14.05 5.66
CA CYS A 56 -30.20 -14.22 6.40
C CYS A 56 -30.25 -13.51 7.75
N GLY A 57 -29.17 -13.58 8.51
CA GLY A 57 -29.10 -13.00 9.85
C GLY A 57 -28.67 -11.55 9.92
N LEU A 58 -28.18 -11.17 11.11
CA LEU A 58 -27.69 -9.84 11.42
C LEU A 58 -26.16 -9.87 11.50
N HIS A 59 -25.50 -8.78 11.08
CA HIS A 59 -24.06 -8.63 11.17
C HIS A 59 -23.62 -7.16 11.18
N SER A 60 -22.54 -6.86 11.90
CA SER A 60 -21.98 -5.51 11.91
C SER A 60 -20.89 -5.44 10.86
N LYS A 61 -20.58 -4.22 10.37
CA LYS A 61 -19.50 -3.99 9.41
C LYS A 61 -18.18 -4.50 10.03
N TYR A 62 -18.07 -4.34 11.37
CA TYR A 62 -16.98 -4.83 12.23
C TYR A 62 -17.33 -4.66 13.71
N MET A 63 -16.67 -5.44 14.57
CA MET A 63 -16.77 -5.33 16.01
C MET A 63 -15.40 -4.89 16.52
N ARG A 64 -15.35 -3.82 17.33
CA ARG A 64 -14.11 -3.32 17.88
C ARG A 64 -13.72 -4.12 19.12
N ALA A 65 -12.46 -4.56 19.14
CA ALA A 65 -11.87 -5.31 20.24
C ALA A 65 -11.30 -4.34 21.28
N VAL A 66 -10.83 -4.85 22.43
CA VAL A 66 -10.20 -4.03 23.47
C VAL A 66 -8.69 -4.11 23.29
N TYR A 67 -7.96 -3.07 23.73
CA TYR A 67 -6.51 -3.04 23.66
C TYR A 67 -5.92 -3.67 24.96
N PRO A 68 -4.90 -4.58 24.87
CA PRO A 68 -4.24 -5.12 23.66
C PRO A 68 -5.14 -6.12 22.94
N THR A 69 -5.09 -6.14 21.60
CA THR A 69 -5.92 -7.02 20.77
C THR A 69 -5.36 -8.46 20.78
N LYS A 70 -5.41 -9.07 21.97
CA LYS A 70 -4.94 -10.43 22.29
C LYS A 70 -6.11 -11.28 22.78
N ALA A 71 -5.96 -12.62 22.72
CA ALA A 71 -6.94 -13.65 23.06
C ALA A 71 -7.62 -13.52 24.42
N PHE A 72 -6.85 -13.69 25.51
CA PHE A 72 -7.33 -13.70 26.88
C PHE A 72 -7.94 -12.35 27.33
N PRO A 73 -7.35 -11.15 27.10
CA PRO A 73 -8.03 -9.91 27.53
C PRO A 73 -9.36 -9.68 26.82
N ASN A 74 -9.43 -10.04 25.52
CA ASN A 74 -10.62 -9.88 24.68
C ASN A 74 -11.72 -10.88 24.93
N HIS A 75 -11.40 -12.19 25.04
CA HIS A 75 -12.40 -13.23 25.30
C HIS A 75 -13.07 -13.01 26.65
N TYR A 76 -12.27 -12.63 27.66
CA TYR A 76 -12.78 -12.35 29.00
C TYR A 76 -13.59 -11.05 29.04
N THR A 77 -13.27 -10.07 28.14
CA THR A 77 -14.00 -8.80 28.01
C THR A 77 -15.41 -9.07 27.45
N ILE A 78 -15.51 -9.91 26.39
CA ILE A 78 -16.78 -10.29 25.74
C ILE A 78 -17.78 -10.88 26.77
N VAL A 79 -17.29 -11.75 27.66
CA VAL A 79 -18.12 -12.43 28.65
C VAL A 79 -18.30 -11.64 29.98
N THR A 80 -17.62 -10.49 30.17
CA THR A 80 -17.77 -9.69 31.40
C THR A 80 -18.31 -8.27 31.20
N GLY A 81 -18.09 -7.73 30.00
CA GLY A 81 -18.45 -6.36 29.62
C GLY A 81 -17.52 -5.35 30.26
N LEU A 82 -16.34 -5.82 30.70
CA LEU A 82 -15.32 -5.03 31.38
C LEU A 82 -14.08 -4.79 30.56
N TYR A 83 -13.40 -3.65 30.82
CA TYR A 83 -12.12 -3.33 30.20
C TYR A 83 -11.07 -4.19 30.90
N PRO A 84 -10.02 -4.68 30.18
CA PRO A 84 -8.98 -5.49 30.85
C PRO A 84 -8.47 -4.97 32.20
N GLU A 85 -8.37 -3.63 32.36
CA GLU A 85 -7.92 -2.99 33.61
C GLU A 85 -8.81 -3.30 34.82
N SER A 86 -10.11 -3.58 34.57
CA SER A 86 -11.10 -3.92 35.60
C SER A 86 -11.23 -5.43 35.81
N HIS A 87 -11.25 -6.24 34.72
CA HIS A 87 -11.39 -7.69 34.88
C HIS A 87 -10.06 -8.40 35.23
N GLY A 88 -8.95 -7.67 35.17
CA GLY A 88 -7.64 -8.15 35.57
C GLY A 88 -6.76 -8.79 34.52
N ILE A 89 -7.35 -9.42 33.49
CA ILE A 89 -6.58 -10.08 32.43
C ILE A 89 -6.14 -9.00 31.42
N ILE A 90 -5.03 -8.32 31.72
CA ILE A 90 -4.53 -7.21 30.92
C ILE A 90 -3.64 -7.69 29.75
N ASP A 91 -3.23 -8.98 29.76
CA ASP A 91 -2.40 -9.62 28.73
C ASP A 91 -2.34 -11.13 29.00
N ASN A 92 -1.82 -11.91 28.02
CA ASN A 92 -1.61 -13.36 28.16
C ASN A 92 -0.42 -13.60 29.08
N ASN A 93 0.55 -12.68 29.06
CA ASN A 93 1.75 -12.71 29.91
C ASN A 93 1.75 -11.44 30.76
N MET A 94 1.71 -11.62 32.09
CA MET A 94 1.69 -10.51 33.05
C MET A 94 2.23 -10.90 34.41
N TYR A 95 2.61 -9.90 35.21
CA TYR A 95 3.13 -10.10 36.55
C TYR A 95 2.38 -9.21 37.54
N ASP A 96 1.98 -9.80 38.69
CA ASP A 96 1.31 -9.11 39.78
C ASP A 96 2.33 -9.02 40.93
N VAL A 97 2.64 -7.80 41.37
CA VAL A 97 3.62 -7.55 42.43
C VAL A 97 3.10 -8.03 43.80
N TYR A 98 1.81 -7.77 44.11
CA TYR A 98 1.18 -8.16 45.38
C TYR A 98 1.03 -9.67 45.54
N LEU A 99 0.71 -10.37 44.43
CA LEU A 99 0.58 -11.83 44.41
C LEU A 99 1.96 -12.47 44.28
N ASN A 100 2.92 -11.74 43.66
CA ASN A 100 4.30 -12.14 43.35
C ASN A 100 4.31 -13.45 42.54
N LYS A 101 3.43 -13.49 41.52
CA LYS A 101 3.25 -14.63 40.63
C LYS A 101 3.26 -14.16 39.18
N ASN A 102 3.64 -15.07 38.26
CA ASN A 102 3.70 -14.79 36.83
C ASN A 102 2.56 -15.52 36.13
N PHE A 103 1.77 -14.79 35.34
CA PHE A 103 0.67 -15.34 34.57
C PHE A 103 1.14 -15.59 33.14
N SER A 104 0.83 -16.78 32.62
CA SER A 104 1.13 -17.22 31.25
C SER A 104 0.24 -18.40 30.90
N LEU A 105 0.05 -18.67 29.60
CA LEU A 105 -0.77 -19.79 29.14
C LEU A 105 -0.02 -21.13 29.31
N SER A 106 1.32 -21.06 29.48
CA SER A 106 2.21 -22.20 29.68
C SER A 106 2.41 -22.59 31.16
N SER A 107 1.99 -21.71 32.10
CA SER A 107 2.09 -21.94 33.54
C SER A 107 0.75 -22.40 34.12
N VAL A 108 0.76 -23.02 35.32
CA VAL A 108 -0.45 -23.47 36.02
C VAL A 108 -1.20 -22.28 36.66
N GLU A 109 -0.54 -21.09 36.69
CA GLU A 109 -1.08 -19.84 37.22
C GLU A 109 -2.28 -19.29 36.43
N LYS A 110 -2.51 -19.81 35.20
CA LYS A 110 -3.65 -19.46 34.33
C LYS A 110 -4.98 -19.89 34.98
N SER A 111 -4.93 -20.97 35.81
CA SER A 111 -6.05 -21.58 36.51
C SER A 111 -6.29 -21.00 37.92
N ASN A 112 -5.37 -20.12 38.39
CA ASN A 112 -5.48 -19.46 39.70
C ASN A 112 -6.59 -18.41 39.66
N PRO A 113 -7.66 -18.56 40.49
CA PRO A 113 -8.78 -17.60 40.45
C PRO A 113 -8.47 -16.16 40.87
N ALA A 114 -7.29 -15.94 41.53
CA ALA A 114 -6.84 -14.62 42.00
C ALA A 114 -6.66 -13.58 40.88
N TRP A 115 -6.35 -14.04 39.66
CA TRP A 115 -6.14 -13.18 38.48
C TRP A 115 -7.45 -12.75 37.82
N TRP A 116 -8.54 -13.53 37.99
CA TRP A 116 -9.81 -13.31 37.31
C TRP A 116 -10.84 -12.53 38.13
N SER A 117 -11.00 -11.23 37.81
CA SER A 117 -11.96 -10.33 38.46
C SER A 117 -13.26 -10.24 37.64
N GLY A 118 -14.25 -9.55 38.17
CA GLY A 118 -15.55 -9.38 37.53
C GLY A 118 -16.41 -10.62 37.59
N GLN A 119 -17.50 -10.61 36.80
CA GLN A 119 -18.46 -11.72 36.76
C GLN A 119 -18.77 -12.16 35.32
N PRO A 120 -18.15 -13.27 34.82
CA PRO A 120 -18.48 -13.74 33.47
C PRO A 120 -19.93 -14.19 33.33
N ILE A 121 -20.48 -14.10 32.11
CA ILE A 121 -21.88 -14.39 31.75
C ILE A 121 -22.37 -15.76 32.29
N TRP A 122 -21.53 -16.82 32.25
CA TRP A 122 -21.92 -18.14 32.77
C TRP A 122 -22.29 -18.06 34.25
N LEU A 123 -21.50 -17.31 35.07
CA LEU A 123 -21.78 -17.09 36.50
C LEU A 123 -23.06 -16.29 36.69
N THR A 124 -23.26 -15.20 35.89
CA THR A 124 -24.43 -14.32 35.92
C THR A 124 -25.72 -15.13 35.66
N ALA A 125 -25.67 -16.06 34.70
CA ALA A 125 -26.76 -16.96 34.34
C ALA A 125 -27.03 -17.95 35.48
N MET A 126 -25.96 -18.55 36.05
CA MET A 126 -26.02 -19.52 37.15
C MET A 126 -26.55 -18.93 38.46
N TYR A 127 -26.18 -17.68 38.77
CA TYR A 127 -26.63 -16.98 39.97
C TYR A 127 -28.11 -16.59 39.87
N GLN A 128 -28.69 -16.61 38.65
CA GLN A 128 -30.07 -16.22 38.40
C GLN A 128 -30.97 -17.38 37.88
N GLY A 129 -30.68 -18.60 38.34
CA GLY A 129 -31.45 -19.80 38.06
C GLY A 129 -31.33 -20.47 36.70
N LEU A 130 -30.26 -20.18 35.94
CA LEU A 130 -30.05 -20.81 34.63
C LEU A 130 -28.81 -21.69 34.63
N LYS A 131 -28.75 -22.68 33.74
CA LYS A 131 -27.60 -23.55 33.62
C LYS A 131 -26.72 -23.11 32.45
N ALA A 132 -25.39 -23.24 32.59
CA ALA A 132 -24.45 -22.81 31.55
C ALA A 132 -23.39 -23.86 31.23
N ALA A 133 -23.17 -24.10 29.92
CA ALA A 133 -22.18 -25.06 29.41
C ALA A 133 -21.10 -24.36 28.61
N SER A 134 -19.92 -24.97 28.52
CA SER A 134 -18.79 -24.37 27.81
C SER A 134 -17.87 -25.39 27.16
N TYR A 135 -17.70 -25.30 25.84
CA TYR A 135 -16.75 -26.12 25.13
C TYR A 135 -15.64 -25.19 24.68
N TYR A 136 -14.76 -24.85 25.64
CA TYR A 136 -13.64 -23.92 25.55
C TYR A 136 -14.07 -22.46 25.52
N TRP A 137 -13.38 -21.65 26.33
CA TRP A 137 -13.46 -20.19 26.47
C TRP A 137 -12.54 -19.77 27.60
N PRO A 138 -11.61 -18.81 27.37
CA PRO A 138 -10.72 -18.37 28.45
C PRO A 138 -11.50 -17.96 29.70
N GLY A 139 -11.19 -18.63 30.82
CA GLY A 139 -11.84 -18.40 32.10
C GLY A 139 -12.86 -19.46 32.50
N SER A 140 -13.44 -20.18 31.50
CA SER A 140 -14.45 -21.22 31.73
C SER A 140 -13.87 -22.52 32.33
N ASP A 141 -12.56 -22.73 32.18
CA ASP A 141 -11.86 -23.88 32.77
C ASP A 141 -11.11 -23.44 34.04
N VAL A 142 -11.55 -22.29 34.60
CA VAL A 142 -11.01 -21.65 35.81
C VAL A 142 -12.19 -21.47 36.79
N ALA A 143 -11.96 -21.69 38.10
CA ALA A 143 -12.97 -21.53 39.13
C ALA A 143 -13.11 -20.05 39.53
N VAL A 144 -13.60 -19.21 38.58
CA VAL A 144 -13.82 -17.77 38.77
C VAL A 144 -14.86 -17.56 39.87
N ASN A 145 -14.47 -16.80 40.93
CA ASN A 145 -15.29 -16.52 42.12
C ASN A 145 -15.74 -17.82 42.84
N GLY A 146 -14.87 -18.83 42.80
CA GLY A 146 -15.07 -20.14 43.41
C GLY A 146 -15.98 -21.09 42.67
N SER A 147 -16.36 -20.77 41.41
CA SER A 147 -17.26 -21.61 40.63
C SER A 147 -16.89 -21.75 39.15
N PHE A 148 -17.20 -22.93 38.59
CA PHE A 148 -17.02 -23.31 37.19
C PHE A 148 -18.42 -23.34 36.53
N PRO A 149 -18.55 -23.31 35.18
CA PRO A 149 -19.89 -23.47 34.57
C PRO A 149 -20.41 -24.90 34.83
N ASN A 150 -21.74 -25.10 34.77
CA ASN A 150 -22.38 -26.42 34.99
C ASN A 150 -21.67 -27.57 34.27
N ILE A 151 -21.31 -27.35 32.99
CA ILE A 151 -20.56 -28.28 32.16
C ILE A 151 -19.44 -27.49 31.49
N TYR A 152 -18.20 -27.97 31.60
CA TYR A 152 -17.03 -27.32 31.00
C TYR A 152 -16.01 -28.35 30.51
N ARG A 153 -15.10 -27.91 29.64
CA ARG A 153 -14.05 -28.76 29.10
C ARG A 153 -12.71 -28.11 29.36
N ASN A 154 -11.75 -28.88 29.90
CA ASN A 154 -10.39 -28.41 30.14
C ASN A 154 -9.75 -28.28 28.77
N TYR A 155 -9.19 -27.09 28.47
CA TYR A 155 -8.65 -26.75 27.16
C TYR A 155 -7.67 -27.77 26.59
N SER A 156 -7.97 -28.20 25.35
CA SER A 156 -7.24 -29.18 24.54
C SER A 156 -7.43 -28.72 23.07
N ASN A 157 -6.44 -27.97 22.55
CA ASN A 157 -6.46 -27.33 21.23
C ASN A 157 -6.54 -28.26 20.01
N SER A 158 -6.18 -29.55 20.14
CA SER A 158 -6.18 -30.45 18.98
C SER A 158 -7.47 -31.28 18.82
N VAL A 159 -8.44 -31.16 19.74
CA VAL A 159 -9.72 -31.88 19.65
C VAL A 159 -10.46 -31.45 18.35
N PRO A 160 -10.70 -32.40 17.40
CA PRO A 160 -11.36 -32.02 16.14
C PRO A 160 -12.66 -31.26 16.32
N TYR A 161 -12.87 -30.21 15.49
CA TYR A 161 -14.03 -29.32 15.52
C TYR A 161 -15.36 -30.06 15.56
N GLU A 162 -15.49 -31.17 14.79
CA GLU A 162 -16.68 -32.03 14.74
C GLU A 162 -17.03 -32.57 16.12
N SER A 163 -16.01 -33.02 16.88
CA SER A 163 -16.16 -33.56 18.24
C SER A 163 -16.66 -32.51 19.23
N ARG A 164 -16.21 -31.25 19.09
CA ARG A 164 -16.61 -30.11 19.93
C ARG A 164 -18.10 -29.80 19.70
N ILE A 165 -18.50 -29.76 18.41
CA ILE A 165 -19.87 -29.50 17.95
C ILE A 165 -20.81 -30.61 18.44
N ALA A 166 -20.42 -31.90 18.26
CA ALA A 166 -21.18 -33.09 18.66
C ALA A 166 -21.50 -33.11 20.16
N THR A 167 -20.52 -32.74 21.01
CA THR A 167 -20.67 -32.66 22.47
C THR A 167 -21.66 -31.55 22.83
N LEU A 168 -21.60 -30.41 22.12
CA LEU A 168 -22.49 -29.26 22.32
C LEU A 168 -23.93 -29.63 21.96
N LEU A 169 -24.12 -30.38 20.83
CA LEU A 169 -25.43 -30.84 20.38
C LEU A 169 -26.00 -31.86 21.37
N GLN A 170 -25.11 -32.67 21.99
CA GLN A 170 -25.41 -33.67 23.02
C GLN A 170 -25.93 -32.95 24.28
N TRP A 171 -25.36 -31.76 24.61
CA TRP A 171 -25.77 -30.93 25.75
C TRP A 171 -27.17 -30.34 25.52
N LEU A 172 -27.50 -30.05 24.24
CA LEU A 172 -28.81 -29.52 23.83
C LEU A 172 -29.86 -30.65 23.80
N ASP A 173 -29.42 -31.92 23.79
CA ASP A 173 -30.26 -33.12 23.80
C ASP A 173 -30.61 -33.55 25.22
N LEU A 174 -29.94 -32.97 26.24
CA LEU A 174 -30.15 -33.25 27.67
C LEU A 174 -31.58 -32.87 28.10
N PRO A 175 -32.16 -33.53 29.13
CA PRO A 175 -33.52 -33.14 29.58
C PRO A 175 -33.53 -31.73 30.17
N LYS A 176 -34.67 -31.01 30.02
CA LYS A 176 -34.90 -29.63 30.44
C LYS A 176 -34.29 -29.23 31.79
N ALA A 177 -34.37 -30.11 32.81
CA ALA A 177 -33.82 -29.88 34.15
C ALA A 177 -32.29 -29.80 34.18
N GLU A 178 -31.61 -30.57 33.31
CA GLU A 178 -30.15 -30.62 33.20
C GLU A 178 -29.61 -29.69 32.11
N ARG A 179 -30.40 -29.48 31.04
CA ARG A 179 -30.05 -28.72 29.85
C ARG A 179 -29.69 -27.24 30.12
N PRO A 180 -28.47 -26.82 29.70
CA PRO A 180 -28.07 -25.42 29.87
C PRO A 180 -28.75 -24.47 28.88
N SER A 181 -28.86 -23.19 29.26
CA SER A 181 -29.48 -22.13 28.47
C SER A 181 -28.42 -21.33 27.69
N PHE A 182 -27.21 -21.22 28.25
CA PHE A 182 -26.09 -20.51 27.64
C PHE A 182 -24.94 -21.46 27.32
N TYR A 183 -24.34 -21.29 26.13
CA TYR A 183 -23.25 -22.11 25.63
C TYR A 183 -22.14 -21.26 25.01
N THR A 184 -20.90 -21.68 25.22
CA THR A 184 -19.73 -21.08 24.59
C THR A 184 -19.00 -22.17 23.85
N ILE A 185 -18.46 -21.84 22.68
CA ILE A 185 -17.67 -22.73 21.83
C ILE A 185 -16.56 -21.91 21.17
N TYR A 186 -15.33 -22.43 21.21
CA TYR A 186 -14.15 -21.77 20.68
C TYR A 186 -13.42 -22.63 19.64
N VAL A 187 -12.89 -21.96 18.61
CA VAL A 187 -12.14 -22.54 17.50
C VAL A 187 -10.85 -21.70 17.30
N GLU A 188 -9.69 -22.38 17.16
CA GLU A 188 -8.35 -21.76 17.02
C GLU A 188 -8.14 -21.02 15.70
N GLU A 189 -8.79 -21.47 14.61
CA GLU A 189 -8.64 -20.88 13.29
C GLU A 189 -9.67 -19.74 13.02
N PRO A 190 -9.39 -18.76 12.11
CA PRO A 190 -8.20 -18.62 11.23
C PRO A 190 -6.97 -17.94 11.84
N ASP A 191 -6.88 -17.86 13.19
CA ASP A 191 -5.75 -17.23 13.88
C ASP A 191 -4.42 -17.95 13.65
N SER A 192 -4.40 -19.30 13.82
CA SER A 192 -3.19 -20.11 13.64
C SER A 192 -2.58 -19.95 12.25
N ALA A 193 -3.42 -19.96 11.19
CA ALA A 193 -3.00 -19.77 9.80
C ALA A 193 -2.52 -18.33 9.57
N GLY A 194 -3.17 -17.37 10.25
CA GLY A 194 -2.83 -15.95 10.21
C GLY A 194 -1.42 -15.68 10.69
N HIS A 195 -0.98 -16.39 11.74
CA HIS A 195 0.36 -16.26 12.29
C HIS A 195 1.40 -16.86 11.35
N LYS A 196 1.08 -18.01 10.74
CA LYS A 196 1.96 -18.76 9.84
C LYS A 196 2.32 -18.04 8.54
N SER A 197 1.32 -17.53 7.81
CA SER A 197 1.57 -16.92 6.50
C SER A 197 0.93 -15.53 6.24
N GLY A 198 0.46 -14.87 7.30
CA GLY A 198 -0.14 -13.54 7.19
C GLY A 198 -1.62 -13.54 6.85
N PRO A 199 -2.30 -12.36 6.95
CA PRO A 199 -3.74 -12.31 6.66
C PRO A 199 -4.16 -12.52 5.19
N VAL A 200 -3.27 -12.25 4.22
CA VAL A 200 -3.56 -12.43 2.79
C VAL A 200 -2.71 -13.62 2.29
N SER A 201 -3.21 -14.84 2.54
CA SER A 201 -2.52 -16.09 2.19
C SER A 201 -3.51 -17.22 1.88
N ALA A 202 -3.00 -18.27 1.21
CA ALA A 202 -3.76 -19.47 0.87
C ALA A 202 -4.13 -20.26 2.14
N GLY A 203 -3.23 -20.22 3.12
CA GLY A 203 -3.39 -20.87 4.43
C GLY A 203 -4.58 -20.36 5.20
N VAL A 204 -4.83 -19.03 5.17
CA VAL A 204 -5.98 -18.44 5.86
C VAL A 204 -7.29 -18.79 5.13
N ILE A 205 -7.27 -18.91 3.78
CA ILE A 205 -8.45 -19.29 2.98
C ILE A 205 -8.90 -20.69 3.41
N LYS A 206 -7.95 -21.64 3.48
CA LYS A 206 -8.17 -23.02 3.92
C LYS A 206 -8.71 -23.05 5.36
N ALA A 207 -8.15 -22.22 6.25
CA ALA A 207 -8.57 -22.08 7.66
C ALA A 207 -9.99 -21.53 7.77
N LEU A 208 -10.34 -20.54 6.91
CA LEU A 208 -11.67 -19.93 6.84
C LEU A 208 -12.70 -20.95 6.35
N GLN A 209 -12.30 -21.81 5.38
CA GLN A 209 -13.15 -22.87 4.83
C GLN A 209 -13.38 -23.97 5.88
N LEU A 210 -12.35 -24.22 6.73
CA LEU A 210 -12.40 -25.20 7.82
C LEU A 210 -13.37 -24.75 8.91
N VAL A 211 -13.36 -23.44 9.26
CA VAL A 211 -14.27 -22.89 10.29
C VAL A 211 -15.71 -22.80 9.75
N ASP A 212 -15.86 -22.68 8.42
CA ASP A 212 -17.16 -22.66 7.73
C ASP A 212 -17.81 -24.04 7.83
N ASP A 213 -17.00 -25.11 7.70
CA ASP A 213 -17.42 -26.50 7.82
C ASP A 213 -17.89 -26.78 9.25
N ALA A 214 -17.16 -26.24 10.26
CA ALA A 214 -17.47 -26.36 11.69
C ALA A 214 -18.81 -25.70 12.00
N PHE A 215 -19.04 -24.47 11.46
CA PHE A 215 -20.30 -23.75 11.64
C PHE A 215 -21.45 -24.46 10.89
N GLY A 216 -21.12 -25.07 9.74
CA GLY A 216 -22.06 -25.83 8.91
C GLY A 216 -22.57 -27.06 9.62
N MET A 217 -21.67 -27.79 10.31
CA MET A 217 -21.98 -29.00 11.10
C MET A 217 -22.90 -28.64 12.27
N LEU A 218 -22.68 -27.46 12.89
CA LEU A 218 -23.49 -26.97 14.00
C LEU A 218 -24.91 -26.65 13.56
N MET A 219 -25.06 -25.92 12.43
CA MET A 219 -26.36 -25.55 11.86
C MET A 219 -27.15 -26.75 11.37
N GLU A 220 -26.47 -27.73 10.73
CA GLU A 220 -27.09 -28.96 10.26
C GLU A 220 -27.54 -29.82 11.44
N GLY A 221 -26.72 -29.83 12.49
CA GLY A 221 -27.00 -30.54 13.73
C GLY A 221 -28.19 -29.96 14.45
N LEU A 222 -28.32 -28.61 14.44
CA LEU A 222 -29.45 -27.89 15.02
C LEU A 222 -30.73 -28.13 14.23
N LYS A 223 -30.63 -28.19 12.88
CA LYS A 223 -31.75 -28.45 11.96
C LYS A 223 -32.36 -29.83 12.22
N GLN A 224 -31.49 -30.83 12.53
CA GLN A 224 -31.87 -32.20 12.86
C GLN A 224 -32.76 -32.23 14.12
N ARG A 225 -32.45 -31.36 15.10
CA ARG A 225 -33.18 -31.23 16.37
C ARG A 225 -34.30 -30.18 16.29
N ASN A 226 -34.48 -29.54 15.11
CA ASN A 226 -35.46 -28.48 14.83
C ASN A 226 -35.22 -27.24 15.73
N LEU A 227 -33.94 -26.88 15.89
CA LEU A 227 -33.45 -25.77 16.71
C LEU A 227 -32.72 -24.68 15.92
N HIS A 228 -32.60 -24.84 14.58
CA HIS A 228 -31.91 -23.88 13.70
C HIS A 228 -32.52 -22.48 13.70
N ASN A 229 -33.85 -22.38 13.91
CA ASN A 229 -34.58 -21.11 13.98
C ASN A 229 -35.05 -20.82 15.42
N CYS A 230 -34.55 -21.61 16.39
CA CYS A 230 -34.87 -21.49 17.80
C CYS A 230 -33.71 -20.87 18.59
N VAL A 231 -32.49 -21.36 18.35
CA VAL A 231 -31.29 -20.91 19.03
C VAL A 231 -30.85 -19.52 18.58
N ASN A 232 -30.48 -18.66 19.55
CA ASN A 232 -29.91 -17.34 19.30
C ASN A 232 -28.40 -17.55 19.32
N ILE A 233 -27.79 -17.59 18.13
CA ILE A 233 -26.35 -17.82 17.97
C ILE A 233 -25.61 -16.54 17.55
N ILE A 234 -24.48 -16.30 18.20
CA ILE A 234 -23.58 -15.18 17.92
C ILE A 234 -22.22 -15.75 17.53
N VAL A 235 -21.74 -15.42 16.32
CA VAL A 235 -20.41 -15.85 15.90
C VAL A 235 -19.54 -14.58 15.82
N LEU A 236 -18.46 -14.56 16.60
CA LEU A 236 -17.55 -13.43 16.65
C LEU A 236 -16.09 -13.84 16.75
N ALA A 237 -15.20 -12.86 16.84
CA ALA A 237 -13.76 -13.06 16.99
C ALA A 237 -13.26 -12.16 18.10
N ASP A 238 -12.13 -12.53 18.68
CA ASP A 238 -11.43 -11.82 19.74
C ASP A 238 -10.61 -10.62 19.23
N HIS A 239 -10.12 -10.68 17.97
CA HIS A 239 -9.32 -9.64 17.33
C HIS A 239 -9.15 -9.96 15.84
N GLY A 240 -8.44 -9.09 15.15
CA GLY A 240 -8.11 -9.25 13.74
C GLY A 240 -6.74 -9.88 13.54
N MET A 241 -6.09 -9.54 12.41
CA MET A 241 -4.77 -10.05 12.04
C MET A 241 -4.07 -9.09 11.07
N ASP A 242 -2.77 -8.87 11.26
CA ASP A 242 -1.97 -8.03 10.38
C ASP A 242 -0.67 -8.71 9.98
N GLN A 243 -0.09 -8.31 8.85
CA GLN A 243 1.14 -8.88 8.32
C GLN A 243 2.37 -8.30 9.05
N THR A 244 3.29 -9.19 9.44
CA THR A 244 4.55 -8.81 10.09
C THR A 244 5.72 -9.06 9.15
N SER A 245 6.88 -8.46 9.46
CA SER A 245 8.10 -8.61 8.69
C SER A 245 9.30 -8.44 9.60
N CYS A 246 10.37 -9.22 9.34
CA CYS A 246 11.61 -9.13 10.10
C CYS A 246 12.40 -7.87 9.73
N ASP A 247 11.94 -7.16 8.68
CA ASP A 247 12.48 -5.89 8.20
C ASP A 247 11.66 -4.74 8.83
N ARG A 248 10.63 -5.09 9.61
CA ARG A 248 9.76 -4.14 10.32
C ARG A 248 9.80 -4.41 11.84
N VAL A 249 11.01 -4.41 12.41
CA VAL A 249 11.24 -4.64 13.84
C VAL A 249 12.15 -3.54 14.42
N GLU A 250 11.69 -2.92 15.52
CA GLU A 250 12.41 -1.89 16.27
C GLU A 250 13.15 -2.58 17.42
N TYR A 251 14.42 -2.21 17.62
CA TYR A 251 15.24 -2.83 18.66
C TYR A 251 15.62 -1.82 19.74
N MET A 252 15.49 -2.21 21.02
CA MET A 252 15.80 -1.37 22.17
C MET A 252 17.30 -1.13 22.35
N THR A 253 18.15 -1.94 21.67
CA THR A 253 19.62 -1.83 21.67
C THR A 253 20.05 -0.56 20.91
N ASP A 254 19.18 -0.09 19.97
CA ASP A 254 19.39 1.11 19.15
C ASP A 254 19.10 2.40 19.93
N TYR A 255 18.54 2.29 21.14
CA TYR A 255 18.18 3.43 21.99
C TYR A 255 18.90 3.43 23.35
N PHE A 256 19.25 2.24 23.88
CA PHE A 256 19.94 2.10 25.15
C PHE A 256 21.33 1.45 25.00
N PRO A 257 22.38 1.95 25.69
CA PRO A 257 23.70 1.32 25.57
C PRO A 257 23.77 -0.07 26.25
N GLU A 258 22.94 -0.26 27.30
CA GLU A 258 22.83 -1.48 28.09
C GLU A 258 21.40 -1.60 28.60
N ILE A 259 20.75 -2.75 28.33
CA ILE A 259 19.37 -3.01 28.75
C ILE A 259 19.36 -3.81 30.06
N ASN A 260 18.96 -3.15 31.15
CA ASN A 260 18.88 -3.73 32.49
C ASN A 260 17.42 -3.93 32.92
N PHE A 261 16.49 -3.68 31.99
CA PHE A 261 15.05 -3.80 32.23
C PHE A 261 14.45 -5.03 31.56
N TYR A 262 13.27 -5.45 32.04
CA TYR A 262 12.51 -6.56 31.48
C TYR A 262 11.50 -5.93 30.51
N MET A 263 11.32 -6.56 29.35
CA MET A 263 10.40 -6.07 28.33
C MET A 263 9.45 -7.17 27.87
N TYR A 264 8.14 -6.84 27.81
CA TYR A 264 7.09 -7.70 27.27
C TYR A 264 7.09 -7.28 25.80
N GLN A 265 7.75 -8.07 24.95
CA GLN A 265 7.98 -7.76 23.54
C GLN A 265 6.77 -8.02 22.63
N GLY A 266 6.82 -7.46 21.42
CA GLY A 266 5.78 -7.63 20.41
C GLY A 266 5.03 -6.40 19.97
N PRO A 267 3.71 -6.53 19.69
CA PRO A 267 2.92 -5.39 19.21
C PRO A 267 2.37 -4.43 20.26
N ALA A 268 2.36 -4.85 21.55
CA ALA A 268 1.85 -4.03 22.66
C ALA A 268 2.85 -4.12 23.83
N PRO A 269 4.07 -3.52 23.70
CA PRO A 269 5.10 -3.68 24.74
C PRO A 269 4.90 -2.94 26.04
N ARG A 270 5.45 -3.54 27.11
CA ARG A 270 5.49 -3.04 28.49
C ARG A 270 6.91 -3.19 29.00
N ILE A 271 7.41 -2.20 29.74
CA ILE A 271 8.75 -2.23 30.32
C ILE A 271 8.67 -2.09 31.84
N ARG A 272 9.36 -2.99 32.56
CA ARG A 272 9.45 -3.02 34.02
C ARG A 272 10.86 -3.44 34.45
N THR A 273 11.12 -3.43 35.78
CA THR A 273 12.40 -3.85 36.34
C THR A 273 12.53 -5.38 36.29
N ARG A 274 13.77 -5.88 36.26
CA ARG A 274 14.06 -7.31 36.28
C ARG A 274 14.03 -7.78 37.74
N ASN A 275 14.46 -6.90 38.67
CA ASN A 275 14.50 -7.16 40.10
C ASN A 275 13.12 -6.97 40.76
N ILE A 276 12.22 -7.93 40.53
CA ILE A 276 10.85 -7.97 41.05
C ILE A 276 10.76 -8.95 42.24
N PRO A 277 10.00 -8.67 43.33
CA PRO A 277 9.09 -7.53 43.57
C PRO A 277 9.72 -6.25 44.13
N GLN A 278 10.95 -6.34 44.63
CA GLN A 278 11.72 -5.27 45.29
C GLN A 278 11.69 -3.91 44.58
N ASP A 279 12.21 -3.83 43.34
CA ASP A 279 12.31 -2.58 42.59
C ASP A 279 11.08 -2.20 41.73
N PHE A 280 9.96 -2.95 41.85
CA PHE A 280 8.76 -2.72 41.03
C PHE A 280 8.25 -1.27 41.04
N PHE A 281 8.15 -0.66 42.23
CA PHE A 281 7.66 0.71 42.40
C PHE A 281 8.75 1.77 42.31
N THR A 282 9.99 1.44 42.75
CA THR A 282 11.13 2.37 42.73
C THR A 282 11.72 2.56 41.32
N PHE A 283 11.43 1.63 40.39
CA PHE A 283 11.90 1.66 38.99
C PHE A 283 11.53 2.98 38.32
N ASN A 284 12.53 3.67 37.78
CA ASN A 284 12.34 4.97 37.12
C ASN A 284 11.68 4.79 35.75
N SER A 285 10.35 4.67 35.77
CA SER A 285 9.51 4.49 34.59
C SER A 285 9.53 5.72 33.69
N GLU A 286 9.53 6.91 34.31
CA GLU A 286 9.54 8.20 33.62
C GLU A 286 10.87 8.45 32.89
N GLU A 287 11.97 7.82 33.36
CA GLU A 287 13.29 7.91 32.73
C GLU A 287 13.30 7.14 31.40
N ILE A 288 12.72 5.91 31.39
CA ILE A 288 12.61 5.03 30.22
C ILE A 288 11.80 5.67 29.09
N VAL A 289 10.62 6.26 29.42
CA VAL A 289 9.74 6.91 28.43
C VAL A 289 10.42 8.16 27.84
N ARG A 290 11.21 8.89 28.66
CA ARG A 290 11.95 10.09 28.26
C ARG A 290 13.10 9.70 27.32
N ASP A 291 13.82 8.61 27.66
CA ASP A 291 14.96 8.09 26.89
C ASP A 291 14.56 7.46 25.55
N LEU A 292 13.24 7.24 25.33
CA LEU A 292 12.70 6.66 24.10
C LEU A 292 11.88 7.67 23.28
N SER A 293 11.55 8.85 23.86
CA SER A 293 10.76 9.90 23.21
C SER A 293 11.55 10.74 22.22
N CYS A 294 11.03 10.85 20.97
CA CYS A 294 11.55 11.65 19.85
C CYS A 294 13.05 11.42 19.57
N ARG A 295 13.50 10.17 19.69
CA ARG A 295 14.90 9.79 19.50
C ARG A 295 15.31 9.76 18.03
N LYS A 296 14.45 9.19 17.18
CA LYS A 296 14.66 9.06 15.73
C LYS A 296 13.46 9.69 15.00
N SER A 297 13.71 10.35 13.85
CA SER A 297 12.69 11.01 13.04
C SER A 297 11.62 10.05 12.52
N ASP A 298 12.03 8.86 12.05
CA ASP A 298 11.12 7.84 11.53
C ASP A 298 10.87 6.69 12.53
N GLN A 299 10.79 7.03 13.84
CA GLN A 299 10.53 6.11 14.95
C GLN A 299 9.17 5.42 14.75
N HIS A 300 9.18 4.06 14.74
CA HIS A 300 7.99 3.24 14.47
C HIS A 300 7.24 2.79 15.74
N PHE A 301 7.42 3.56 16.84
CA PHE A 301 6.78 3.35 18.14
C PHE A 301 6.75 4.67 18.92
N LYS A 302 5.87 4.77 19.91
CA LYS A 302 5.79 5.95 20.75
C LYS A 302 5.72 5.56 22.23
N PRO A 303 6.70 5.96 23.06
CA PRO A 303 6.63 5.61 24.48
C PRO A 303 5.61 6.47 25.23
N TYR A 304 4.99 5.89 26.25
CA TYR A 304 3.98 6.55 27.07
C TYR A 304 4.03 6.04 28.49
N LEU A 305 3.69 6.92 29.44
CA LEU A 305 3.44 6.56 30.82
C LEU A 305 1.95 6.24 30.73
N THR A 306 1.48 5.12 31.31
CA THR A 306 0.08 4.68 31.18
C THR A 306 -0.98 5.79 31.42
N PRO A 307 -0.88 6.75 32.40
CA PRO A 307 -1.92 7.81 32.48
C PRO A 307 -1.96 8.75 31.26
N ASP A 308 -0.86 8.82 30.49
CA ASP A 308 -0.73 9.67 29.30
C ASP A 308 -1.28 9.02 28.02
N LEU A 309 -1.55 7.70 28.04
CA LEU A 309 -2.12 6.96 26.90
C LEU A 309 -3.51 7.50 26.55
N PRO A 310 -3.92 7.46 25.25
CA PRO A 310 -5.29 7.91 24.89
C PRO A 310 -6.34 7.27 25.80
N LYS A 311 -7.18 8.12 26.41
CA LYS A 311 -8.22 7.78 27.38
C LYS A 311 -9.25 6.74 26.89
N ARG A 312 -9.52 6.69 25.58
CA ARG A 312 -10.47 5.73 24.99
C ARG A 312 -10.02 4.26 25.14
N LEU A 313 -8.70 4.03 25.34
CA LEU A 313 -8.12 2.70 25.50
C LEU A 313 -8.44 2.11 26.87
N HIS A 314 -8.61 2.97 27.91
CA HIS A 314 -8.88 2.61 29.30
C HIS A 314 -7.87 1.54 29.77
N TYR A 315 -6.57 1.81 29.55
CA TYR A 315 -5.51 0.87 29.85
C TYR A 315 -4.44 1.48 30.76
N ALA A 316 -4.78 1.64 32.06
CA ALA A 316 -3.90 2.22 33.08
C ALA A 316 -4.20 1.79 34.52
N LYS A 317 -5.49 1.74 34.92
CA LYS A 317 -5.91 1.45 36.29
C LYS A 317 -5.84 -0.05 36.67
N ASN A 318 -4.60 -0.55 36.82
CA ASN A 318 -4.28 -1.93 37.23
C ASN A 318 -2.79 -2.04 37.48
N VAL A 319 -2.41 -2.65 38.63
CA VAL A 319 -1.01 -2.89 39.03
C VAL A 319 -0.24 -3.72 37.99
N ARG A 320 -0.95 -4.65 37.32
CA ARG A 320 -0.41 -5.52 36.28
C ARG A 320 0.00 -4.74 35.03
N ILE A 321 -0.65 -3.59 34.78
CA ILE A 321 -0.31 -2.72 33.64
C ILE A 321 0.88 -1.88 34.11
N ASP A 322 2.09 -2.22 33.63
CA ASP A 322 3.35 -1.53 33.95
C ASP A 322 3.26 -0.07 33.50
N LYS A 323 3.90 0.85 34.23
CA LYS A 323 3.86 2.28 33.91
C LYS A 323 4.43 2.61 32.53
N VAL A 324 5.48 1.88 32.08
CA VAL A 324 6.07 2.10 30.75
C VAL A 324 5.27 1.32 29.70
N HIS A 325 4.76 2.03 28.69
CA HIS A 325 4.05 1.43 27.58
C HIS A 325 4.55 1.97 26.25
N LEU A 326 4.55 1.11 25.22
CA LEU A 326 4.98 1.46 23.87
C LEU A 326 3.81 1.27 22.90
N MET A 327 3.42 2.32 22.17
CA MET A 327 2.37 2.24 21.16
C MET A 327 3.09 2.01 19.84
N VAL A 328 2.98 0.79 19.31
CA VAL A 328 3.67 0.37 18.08
C VAL A 328 2.82 0.67 16.84
N ASP A 329 3.47 1.22 15.80
CA ASP A 329 2.86 1.54 14.51
C ASP A 329 2.39 0.28 13.78
N ARG A 330 1.46 0.45 12.82
CA ARG A 330 0.89 -0.60 11.98
C ARG A 330 1.98 -1.46 11.33
N GLN A 331 1.84 -2.79 11.44
CA GLN A 331 2.70 -3.83 10.87
C GLN A 331 4.15 -3.87 11.43
N TRP A 332 4.43 -3.14 12.53
CA TRP A 332 5.76 -3.14 13.15
C TRP A 332 5.80 -3.93 14.47
N LEU A 333 7.01 -4.21 14.99
CA LEU A 333 7.22 -4.95 16.24
C LEU A 333 8.34 -4.30 17.04
N ALA A 334 8.32 -4.46 18.38
CA ALA A 334 9.37 -3.92 19.26
C ALA A 334 9.90 -5.02 20.18
N TYR A 335 11.22 -5.27 20.09
CA TYR A 335 11.93 -6.31 20.84
C TYR A 335 13.14 -5.75 21.60
N ARG A 336 13.67 -6.52 22.58
CA ARG A 336 14.85 -6.18 23.39
C ARG A 336 16.09 -6.08 22.52
N ASN A 337 16.38 -7.15 21.76
CA ASN A 337 17.57 -7.27 20.90
C ASN A 337 17.23 -7.86 19.51
N LYS A 338 18.25 -7.97 18.64
CA LYS A 338 18.15 -8.48 17.26
C LYS A 338 18.03 -10.02 17.15
N GLY A 339 18.22 -10.73 18.26
CA GLY A 339 18.13 -12.18 18.32
C GLY A 339 16.71 -12.70 18.18
N ASN A 342 7.62 -15.51 15.05
CA ASN A 342 8.78 -14.71 15.44
C ASN A 342 8.62 -13.26 14.93
N CYS A 343 8.87 -13.04 13.63
CA CYS A 343 8.70 -11.75 12.96
C CYS A 343 8.12 -11.92 11.54
N GLU A 344 8.06 -13.18 11.06
CA GLU A 344 7.51 -13.52 9.75
C GLU A 344 6.06 -14.03 9.88
N GLY A 345 5.24 -13.76 8.86
CA GLY A 345 3.85 -14.15 8.83
C GLY A 345 2.92 -13.02 9.25
N GLY A 346 2.27 -13.20 10.40
CA GLY A 346 1.35 -12.21 10.94
C GLY A 346 1.15 -12.31 12.44
N THR A 347 0.58 -11.24 13.05
CA THR A 347 0.27 -11.18 14.49
C THR A 347 -0.83 -10.14 14.77
N HIS A 348 -1.21 -10.03 16.04
CA HIS A 348 -2.23 -9.14 16.60
C HIS A 348 -1.77 -8.67 17.97
N GLY A 349 -2.42 -7.65 18.52
CA GLY A 349 -2.09 -7.08 19.82
C GLY A 349 -2.02 -5.57 19.76
N TYR A 350 -1.97 -5.04 18.53
CA TYR A 350 -1.91 -3.63 18.16
C TYR A 350 -3.14 -2.85 18.62
N ASN A 351 -3.12 -1.51 18.38
CA ASN A 351 -4.20 -0.57 18.64
C ASN A 351 -5.50 -1.12 18.05
N ASN A 352 -6.58 -1.14 18.83
CA ASN A 352 -7.90 -1.64 18.44
C ASN A 352 -8.58 -0.81 17.34
N GLU A 353 -8.08 0.42 17.09
CA GLU A 353 -8.59 1.35 16.06
C GLU A 353 -8.09 0.94 14.66
N PHE A 354 -6.97 0.19 14.59
CA PHE A 354 -6.39 -0.28 13.34
C PHE A 354 -7.37 -1.23 12.65
N LYS A 355 -7.67 -0.96 11.35
CA LYS A 355 -8.59 -1.73 10.51
C LYS A 355 -8.31 -3.24 10.54
N SER A 356 -7.03 -3.63 10.49
CA SER A 356 -6.59 -5.02 10.52
C SER A 356 -6.93 -5.73 11.84
N MET A 357 -7.09 -4.98 12.94
CA MET A 357 -7.41 -5.50 14.28
C MET A 357 -8.90 -5.67 14.53
N GLU A 358 -9.75 -5.20 13.59
CA GLU A 358 -11.21 -5.30 13.68
C GLU A 358 -11.66 -6.76 13.57
N ALA A 359 -12.62 -7.15 14.42
CA ALA A 359 -13.17 -8.50 14.49
C ALA A 359 -14.55 -8.60 13.84
N ILE A 360 -15.00 -9.82 13.55
CA ILE A 360 -16.33 -10.08 12.98
C ILE A 360 -17.37 -10.16 14.10
N PHE A 361 -18.64 -9.97 13.76
CA PHE A 361 -19.80 -10.12 14.62
C PHE A 361 -21.00 -10.44 13.75
N LEU A 362 -21.54 -11.65 13.91
CA LEU A 362 -22.72 -12.13 13.18
C LEU A 362 -23.68 -12.76 14.18
N ALA A 363 -24.98 -12.57 13.96
CA ALA A 363 -26.04 -13.08 14.83
C ALA A 363 -27.19 -13.67 14.03
N HIS A 364 -27.72 -14.81 14.51
CA HIS A 364 -28.84 -15.54 13.90
C HIS A 364 -29.75 -16.03 15.02
N GLY A 365 -31.05 -15.98 14.79
CA GLY A 365 -32.02 -16.43 15.79
C GLY A 365 -33.30 -15.63 15.86
N PRO A 366 -34.30 -16.12 16.64
CA PRO A 366 -35.60 -15.42 16.71
C PRO A 366 -35.58 -14.03 17.38
N SER A 367 -34.65 -13.81 18.34
CA SER A 367 -34.55 -12.52 19.04
C SER A 367 -33.85 -11.43 18.22
N PHE A 368 -33.11 -11.81 17.16
CA PHE A 368 -32.39 -10.86 16.29
C PHE A 368 -33.17 -10.44 15.05
N LYS A 369 -32.87 -9.24 14.54
CA LYS A 369 -33.49 -8.70 13.33
C LYS A 369 -32.86 -9.40 12.12
N GLU A 370 -33.72 -9.83 11.18
CA GLU A 370 -33.32 -10.57 9.97
C GLU A 370 -32.75 -9.64 8.91
N LYS A 371 -31.84 -10.17 8.07
CA LYS A 371 -31.21 -9.49 6.91
C LYS A 371 -30.80 -8.04 7.25
N THR A 372 -30.11 -7.87 8.39
CA THR A 372 -29.73 -6.55 8.89
C THR A 372 -28.22 -6.35 8.97
N VAL A 373 -27.76 -5.20 8.45
CA VAL A 373 -26.36 -4.77 8.52
C VAL A 373 -26.34 -3.59 9.51
N ILE A 374 -25.65 -3.76 10.64
CA ILE A 374 -25.56 -2.71 11.66
C ILE A 374 -24.19 -2.02 11.61
N GLU A 375 -24.11 -0.80 12.14
CA GLU A 375 -22.89 0.00 12.19
C GLU A 375 -21.91 -0.62 13.20
N PRO A 376 -20.58 -0.38 13.08
CA PRO A 376 -19.65 -0.96 14.05
C PRO A 376 -19.92 -0.60 15.52
N PHE A 377 -19.60 -1.54 16.42
CA PHE A 377 -19.79 -1.38 17.86
C PHE A 377 -18.65 -2.10 18.61
N GLU A 378 -18.53 -1.86 19.92
CA GLU A 378 -17.47 -2.44 20.74
C GLU A 378 -17.86 -3.73 21.43
N ASN A 379 -16.88 -4.64 21.62
CA ASN A 379 -17.08 -5.94 22.25
C ASN A 379 -17.50 -5.84 23.74
N ILE A 380 -17.30 -4.66 24.38
CA ILE A 380 -17.68 -4.37 25.78
C ILE A 380 -19.21 -4.33 25.95
N GLU A 381 -19.94 -4.19 24.83
CA GLU A 381 -21.41 -4.11 24.76
C GLU A 381 -22.11 -5.47 24.67
N VAL A 382 -21.36 -6.54 24.33
CA VAL A 382 -21.87 -7.90 24.14
C VAL A 382 -22.49 -8.49 25.42
N TYR A 383 -21.84 -8.28 26.59
CA TYR A 383 -22.29 -8.79 27.89
C TYR A 383 -23.75 -8.44 28.21
N ASN A 384 -24.14 -7.15 28.06
CA ASN A 384 -25.51 -6.68 28.31
C ASN A 384 -26.49 -7.33 27.34
N LEU A 385 -26.08 -7.50 26.06
CA LEU A 385 -26.89 -8.16 25.02
C LEU A 385 -27.13 -9.63 25.41
N LEU A 386 -26.09 -10.35 25.87
CA LEU A 386 -26.17 -11.75 26.31
C LEU A 386 -27.14 -11.90 27.49
N CYS A 387 -27.13 -10.90 28.42
CA CYS A 387 -28.02 -10.84 29.58
C CYS A 387 -29.48 -10.64 29.13
N ASP A 388 -29.69 -9.79 28.12
CA ASP A 388 -31.00 -9.48 27.54
C ASP A 388 -31.59 -10.70 26.83
N LEU A 389 -30.75 -11.49 26.15
CA LEU A 389 -31.16 -12.71 25.44
C LEU A 389 -31.56 -13.81 26.44
N LEU A 390 -30.84 -13.88 27.57
CA LEU A 390 -31.07 -14.87 28.63
C LEU A 390 -32.09 -14.41 29.68
N HIS A 391 -32.66 -13.18 29.50
CA HIS A 391 -33.65 -12.53 30.38
C HIS A 391 -33.14 -12.39 31.83
N ILE A 392 -31.84 -12.10 31.98
CA ILE A 392 -31.16 -11.94 33.27
C ILE A 392 -30.61 -10.53 33.46
N GLN A 393 -30.41 -10.13 34.73
CA GLN A 393 -29.90 -8.81 35.12
C GLN A 393 -28.37 -8.78 35.07
N PRO A 394 -27.77 -7.80 34.36
CA PRO A 394 -26.30 -7.77 34.28
C PRO A 394 -25.60 -7.27 35.52
N ALA A 395 -24.39 -7.78 35.78
CA ALA A 395 -23.53 -7.35 36.89
C ALA A 395 -22.91 -6.00 36.46
N PRO A 396 -22.43 -5.11 37.38
CA PRO A 396 -21.87 -3.82 36.92
C PRO A 396 -20.73 -3.97 35.92
N ASN A 397 -20.89 -3.37 34.73
CA ASN A 397 -19.92 -3.44 33.65
C ASN A 397 -19.73 -2.08 32.93
N ASN A 398 -18.95 -2.07 31.84
CA ASN A 398 -18.61 -0.83 31.11
C ASN A 398 -19.43 -0.61 29.83
N GLY A 399 -20.35 -1.53 29.54
CA GLY A 399 -21.25 -1.38 28.41
C GLY A 399 -22.34 -0.38 28.74
N SER A 400 -23.00 0.16 27.70
CA SER A 400 -24.10 1.10 27.85
C SER A 400 -25.37 0.33 27.53
N HIS A 401 -26.05 -0.15 28.57
CA HIS A 401 -27.26 -0.99 28.47
C HIS A 401 -28.38 -0.31 27.69
N GLY A 402 -28.63 -0.82 26.49
CA GLY A 402 -29.64 -0.30 25.57
C GLY A 402 -29.08 0.14 24.23
N SER A 403 -27.74 0.33 24.14
CA SER A 403 -27.07 0.76 22.91
C SER A 403 -27.13 -0.30 21.79
N LEU A 404 -27.40 -1.56 22.16
CA LEU A 404 -27.48 -2.71 21.24
C LEU A 404 -28.93 -3.18 21.03
N ASN A 405 -29.92 -2.36 21.43
CA ASN A 405 -31.36 -2.66 21.26
C ASN A 405 -31.81 -2.71 19.80
N HIS A 406 -31.07 -2.00 18.90
CA HIS A 406 -31.36 -1.95 17.46
C HIS A 406 -31.03 -3.27 16.74
N LEU A 407 -30.45 -4.24 17.47
CA LEU A 407 -30.10 -5.58 17.00
C LEU A 407 -31.26 -6.55 17.27
N LEU A 408 -32.06 -6.25 18.31
CA LEU A 408 -33.18 -7.06 18.79
C LEU A 408 -34.53 -6.69 18.19
N LYS A 409 -35.37 -7.71 17.93
CA LYS A 409 -36.74 -7.56 17.40
C LYS A 409 -37.62 -6.93 18.49
N ALA A 410 -37.50 -7.43 19.72
CA ALA A 410 -38.23 -6.96 20.91
C ALA A 410 -37.23 -6.78 22.06
N PRO A 411 -36.71 -5.54 22.27
CA PRO A 411 -35.70 -5.33 23.34
C PRO A 411 -36.21 -5.68 24.75
N PHE A 412 -35.34 -6.30 25.56
CA PHE A 412 -35.64 -6.72 26.93
C PHE A 412 -35.51 -5.57 27.93
N TYR A 413 -34.50 -4.70 27.72
CA TYR A 413 -34.24 -3.55 28.59
C TYR A 413 -34.48 -2.24 27.86
N GLN A 414 -35.23 -1.33 28.50
CA GLN A 414 -35.52 0.00 27.97
C GLN A 414 -34.66 1.01 28.72
N PRO A 415 -33.70 1.67 28.03
CA PRO A 415 -32.86 2.66 28.75
C PRO A 415 -33.58 3.97 29.01
N SER A 416 -33.13 4.69 30.04
CA SER A 416 -33.69 5.99 30.42
C SER A 416 -32.58 7.01 30.61
N HIS A 417 -32.90 8.31 30.44
CA HIS A 417 -31.93 9.39 30.61
C HIS A 417 -31.46 9.46 32.06
N ALA A 418 -30.15 9.69 32.27
CA ALA A 418 -29.55 9.77 33.60
C ALA A 418 -30.11 10.98 34.34
N GLU A 419 -30.57 10.76 35.58
CA GLU A 419 -31.16 11.80 36.42
C GLU A 419 -30.12 12.78 36.94
N GLU A 420 -30.39 14.09 36.79
CA GLU A 420 -29.53 15.17 37.26
C GLU A 420 -29.53 15.19 38.79
N LEU A 421 -28.34 15.17 39.39
CA LEU A 421 -28.15 15.12 40.84
C LEU A 421 -27.98 16.51 41.49
N SER A 422 -27.65 17.54 40.68
CA SER A 422 -27.48 18.93 41.15
C SER A 422 -28.13 19.91 40.19
N LYS A 423 -28.95 20.84 40.74
CA LYS A 423 -29.66 21.87 39.98
C LYS A 423 -28.93 23.20 39.99
N SER A 424 -29.04 23.96 38.89
CA SER A 424 -28.44 25.29 38.71
C SER A 424 -29.08 26.28 39.70
N ALA A 425 -28.24 27.12 40.34
CA ALA A 425 -28.69 28.13 41.31
C ALA A 425 -27.79 29.36 41.32
N GLY A 426 -28.40 30.53 41.47
CA GLY A 426 -27.71 31.81 41.54
C GLY A 426 -27.15 32.31 40.22
N CYS A 427 -26.14 33.22 40.32
CA CYS A 427 -25.43 33.89 39.23
C CYS A 427 -26.33 34.77 38.35
N GLY A 428 -27.40 35.30 38.94
CA GLY A 428 -28.32 36.19 38.27
C GLY A 428 -27.75 37.59 38.20
N PHE A 429 -28.08 38.32 37.12
CA PHE A 429 -27.62 39.70 36.94
C PHE A 429 -28.35 40.61 37.92
N THR A 430 -27.58 41.46 38.62
CA THR A 430 -28.11 42.42 39.61
C THR A 430 -27.60 43.83 39.34
N THR A 431 -26.26 44.00 39.27
CA THR A 431 -25.61 45.29 39.03
C THR A 431 -24.58 45.20 37.89
N PRO A 432 -24.45 46.24 37.03
CA PRO A 432 -23.43 46.18 35.97
C PRO A 432 -22.05 46.65 36.44
N LEU A 433 -21.94 47.05 37.73
CA LEU A 433 -20.71 47.52 38.36
C LEU A 433 -20.10 46.39 39.21
N PRO A 434 -18.84 45.98 38.94
CA PRO A 434 -18.24 44.89 39.75
C PRO A 434 -17.89 45.31 41.17
N LYS A 435 -18.16 44.42 42.15
CA LYS A 435 -17.87 44.64 43.57
C LYS A 435 -16.37 44.52 43.85
N ASP A 436 -15.67 43.74 43.02
CA ASP A 436 -14.24 43.49 43.08
C ASP A 436 -13.69 43.42 41.66
N SER A 437 -12.53 44.05 41.42
CA SER A 437 -11.88 44.06 40.10
C SER A 437 -11.13 42.75 39.85
N LEU A 438 -10.81 42.00 40.94
CA LEU A 438 -10.10 40.71 40.98
C LEU A 438 -8.69 40.80 40.37
N ASN A 439 -8.05 41.98 40.51
CA ASN A 439 -6.71 42.32 40.00
C ASN A 439 -6.58 42.12 38.47
N CYS A 440 -7.70 42.31 37.75
CA CYS A 440 -7.82 42.19 36.30
C CYS A 440 -7.88 43.58 35.68
N SER A 441 -7.25 43.75 34.51
CA SER A 441 -7.23 45.04 33.81
C SER A 441 -7.56 44.96 32.33
N CYS A 442 -8.31 45.95 31.85
CA CYS A 442 -8.68 46.17 30.46
C CYS A 442 -8.67 47.69 30.25
N LEU A 443 -7.54 48.20 29.75
CA LEU A 443 -7.30 49.63 29.50
C LEU A 443 -8.16 50.19 28.36
N ALA A 444 -8.76 49.31 27.53
CA ALA A 444 -9.65 49.67 26.43
C ALA A 444 -10.96 50.26 26.96
N LEU A 445 -11.32 49.92 28.22
CA LEU A 445 -12.51 50.36 28.94
C LEU A 445 -12.10 51.11 30.24
N GLN A 446 -12.16 52.46 30.28
CA GLN A 446 -12.60 53.35 29.20
C GLN A 446 -11.46 54.22 28.69
N GLU A 451 -16.71 52.83 28.56
CA GLU A 451 -17.46 52.62 29.80
C GLU A 451 -17.89 51.15 29.93
N GLU A 452 -18.06 50.67 31.18
CA GLU A 452 -18.48 49.30 31.49
C GLU A 452 -19.99 49.09 31.23
N GLN A 453 -20.46 49.50 30.03
CA GLN A 453 -21.84 49.35 29.56
C GLN A 453 -21.95 48.02 28.81
N VAL A 454 -20.79 47.38 28.52
CA VAL A 454 -20.70 46.07 27.87
C VAL A 454 -21.16 44.97 28.85
N ASN A 455 -21.27 45.34 30.15
CA ASN A 455 -21.75 44.48 31.23
C ASN A 455 -23.27 44.30 31.10
N GLN A 456 -23.96 45.25 30.43
CA GLN A 456 -25.40 45.17 30.19
C GLN A 456 -25.71 44.14 29.11
N ARG A 457 -24.68 43.77 28.30
CA ARG A 457 -24.78 42.71 27.28
C ARG A 457 -24.91 41.34 27.95
N LEU A 458 -24.45 41.24 29.23
CA LEU A 458 -24.52 40.07 30.08
C LEU A 458 -25.90 39.96 30.74
N ASN A 459 -26.67 41.07 30.75
CA ASN A 459 -28.02 41.16 31.28
C ASN A 459 -28.99 40.86 30.13
N LEU A 460 -29.36 39.57 30.00
CA LEU A 460 -30.24 39.09 28.94
C LEU A 460 -31.68 39.00 29.37
N ASN A 461 -32.61 39.42 28.48
CA ASN A 461 -34.05 39.32 28.72
C ASN A 461 -34.53 37.91 28.38
N ARG A 462 -35.79 37.58 28.73
CA ARG A 462 -36.42 36.26 28.49
C ARG A 462 -36.29 35.74 27.05
N GLY A 463 -36.49 36.64 26.08
CA GLY A 463 -36.38 36.34 24.66
C GLY A 463 -34.96 36.13 24.20
N GLU A 464 -34.00 36.83 24.84
CA GLU A 464 -32.56 36.73 24.54
C GLU A 464 -31.99 35.41 25.06
N VAL A 465 -32.49 34.93 26.24
CA VAL A 465 -32.09 33.67 26.86
C VAL A 465 -32.60 32.52 25.98
N SER A 466 -33.87 32.60 25.53
CA SER A 466 -34.51 31.61 24.66
C SER A 466 -33.82 31.53 23.30
N ALA A 467 -33.35 32.68 22.78
CA ALA A 467 -32.63 32.77 21.50
C ALA A 467 -31.25 32.10 21.58
N THR A 468 -30.53 32.27 22.71
CA THR A 468 -29.20 31.66 22.90
C THR A 468 -29.32 30.17 23.28
N GLU A 469 -30.44 29.78 23.94
CA GLU A 469 -30.71 28.39 24.31
C GLU A 469 -31.02 27.60 23.04
N LYS A 470 -31.79 28.19 22.10
CA LYS A 470 -32.17 27.58 20.83
C LYS A 470 -30.96 27.37 19.92
N THR A 471 -30.04 28.34 19.90
CA THR A 471 -28.84 28.30 19.05
C THR A 471 -27.70 27.49 19.68
N ASN A 472 -27.26 27.85 20.89
CA ASN A 472 -26.09 27.27 21.54
C ASN A 472 -26.35 26.04 22.40
N LEU A 473 -27.62 25.75 22.76
CA LEU A 473 -27.97 24.51 23.47
C LEU A 473 -29.06 23.79 22.64
N PRO A 474 -28.80 23.39 21.36
CA PRO A 474 -29.87 22.77 20.56
C PRO A 474 -30.36 21.41 21.02
N PHE A 475 -29.53 20.68 21.78
CA PHE A 475 -29.84 19.35 22.29
C PHE A 475 -30.06 19.39 23.82
N GLY A 476 -30.16 20.59 24.35
CA GLY A 476 -30.33 20.85 25.78
C GLY A 476 -28.99 20.96 26.50
N ARG A 477 -29.02 21.53 27.70
CA ARG A 477 -27.83 21.71 28.54
C ARG A 477 -27.29 20.35 29.02
N PRO A 478 -25.95 20.18 29.16
CA PRO A 478 -25.44 18.94 29.76
C PRO A 478 -25.90 18.85 31.22
N ARG A 479 -26.41 17.69 31.65
CA ARG A 479 -26.90 17.52 33.02
C ARG A 479 -25.78 17.16 33.97
N VAL A 480 -25.84 17.68 35.21
CA VAL A 480 -24.83 17.44 36.22
C VAL A 480 -25.20 16.18 37.02
N ILE A 481 -24.51 15.06 36.72
CA ILE A 481 -24.72 13.77 37.38
C ILE A 481 -23.69 13.68 38.53
N GLN A 482 -23.72 14.69 39.42
CA GLN A 482 -22.84 14.85 40.57
C GLN A 482 -23.65 15.38 41.75
N LYS A 483 -23.48 14.75 42.93
CA LYS A 483 -24.15 15.17 44.17
C LYS A 483 -23.37 16.34 44.78
N ASN A 484 -24.12 17.33 45.32
CA ASN A 484 -23.62 18.56 45.98
C ASN A 484 -22.64 19.38 45.12
N LYS A 485 -22.86 19.41 43.79
CA LYS A 485 -22.06 20.18 42.85
C LYS A 485 -22.70 21.56 42.65
N ASP A 486 -22.23 22.56 43.43
CA ASP A 486 -22.74 23.94 43.39
C ASP A 486 -22.34 24.59 42.08
N HIS A 487 -23.34 24.87 41.23
CA HIS A 487 -23.11 25.44 39.91
C HIS A 487 -24.24 26.38 39.45
N CYS A 488 -23.95 27.15 38.39
CA CYS A 488 -24.90 28.08 37.77
C CYS A 488 -24.66 28.17 36.28
N LEU A 489 -25.73 28.48 35.52
CA LEU A 489 -25.63 28.65 34.08
C LEU A 489 -25.45 30.12 33.74
N LEU A 490 -24.51 30.41 32.82
CA LEU A 490 -24.21 31.77 32.38
C LEU A 490 -24.55 31.91 30.91
N TYR A 491 -25.52 32.81 30.62
CA TYR A 491 -26.04 33.06 29.28
C TYR A 491 -25.41 34.28 28.64
N HIS A 492 -25.03 34.14 27.36
CA HIS A 492 -24.44 35.19 26.52
C HIS A 492 -25.03 35.01 25.12
N ARG A 493 -25.01 36.06 24.30
CA ARG A 493 -25.56 36.02 22.93
C ARG A 493 -24.87 34.99 22.01
N GLU A 494 -23.57 34.71 22.23
CA GLU A 494 -22.81 33.77 21.39
C GLU A 494 -22.55 32.40 22.01
N TYR A 495 -22.65 32.27 23.34
CA TYR A 495 -22.39 31.00 24.06
C TYR A 495 -23.10 30.90 25.41
N VAL A 496 -23.26 29.66 25.90
CA VAL A 496 -23.86 29.35 27.20
C VAL A 496 -22.86 28.45 27.95
N SER A 497 -22.65 28.71 29.24
CA SER A 497 -21.72 27.90 30.04
C SER A 497 -22.33 27.46 31.37
N GLY A 498 -21.80 26.37 31.92
CA GLY A 498 -22.17 25.84 33.23
C GLY A 498 -20.98 26.04 34.14
N PHE A 499 -21.04 27.07 34.98
CA PHE A 499 -19.96 27.46 35.88
C PHE A 499 -19.91 26.68 37.20
N GLY A 500 -18.76 26.06 37.46
CA GLY A 500 -18.49 25.34 38.71
C GLY A 500 -17.94 26.30 39.74
N LYS A 501 -18.77 26.62 40.76
CA LYS A 501 -18.46 27.59 41.83
C LYS A 501 -17.26 27.23 42.70
N ALA A 502 -17.17 25.96 43.16
CA ALA A 502 -16.09 25.48 44.03
C ALA A 502 -14.71 25.49 43.35
N MET A 503 -14.66 25.15 42.05
CA MET A 503 -13.41 25.11 41.28
C MET A 503 -13.13 26.44 40.57
N LYS A 504 -14.07 27.41 40.66
CA LYS A 504 -14.00 28.77 40.11
C LYS A 504 -13.84 28.84 38.58
N MET A 505 -14.28 27.78 37.87
CA MET A 505 -14.19 27.69 36.41
C MET A 505 -15.40 26.96 35.82
N PRO A 506 -15.69 27.04 34.48
CA PRO A 506 -16.83 26.29 33.95
C PRO A 506 -16.56 24.79 33.88
N MET A 507 -17.62 23.99 34.04
CA MET A 507 -17.58 22.53 33.90
C MET A 507 -17.71 22.26 32.41
N TRP A 508 -18.53 23.09 31.74
CA TRP A 508 -18.81 23.03 30.31
C TRP A 508 -19.11 24.41 29.73
N SER A 509 -18.85 24.57 28.42
CA SER A 509 -19.11 25.77 27.64
C SER A 509 -19.62 25.30 26.28
N SER A 510 -20.87 25.68 25.93
CA SER A 510 -21.56 25.28 24.71
C SER A 510 -21.82 26.45 23.77
N TYR A 511 -21.56 26.23 22.46
CA TYR A 511 -21.74 27.25 21.42
C TYR A 511 -21.79 26.64 20.02
N THR A 512 -22.72 27.12 19.19
CA THR A 512 -22.85 26.66 17.81
C THR A 512 -22.15 27.65 16.88
N VAL A 513 -21.06 27.21 16.24
CA VAL A 513 -20.31 28.02 15.29
C VAL A 513 -21.05 27.91 13.95
N PRO A 514 -21.57 29.01 13.36
CA PRO A 514 -22.25 28.89 12.06
C PRO A 514 -21.26 28.63 10.93
N LYS A 515 -21.73 28.20 9.74
CA LYS A 515 -20.86 27.92 8.59
C LYS A 515 -20.03 29.17 8.19
N PRO A 516 -18.69 29.09 8.29
CA PRO A 516 -17.85 30.26 7.96
C PRO A 516 -17.85 30.60 6.47
N GLY A 517 -17.87 31.91 6.20
CA GLY A 517 -17.87 32.43 4.85
C GLY A 517 -16.48 32.72 4.33
N ASP A 518 -15.97 33.94 4.60
CA ASP A 518 -14.68 34.49 4.18
C ASP A 518 -13.45 33.60 4.47
N THR A 519 -13.11 33.39 5.77
CA THR A 519 -11.96 32.58 6.26
C THR A 519 -10.59 33.28 5.99
N SER A 520 -10.51 34.15 4.96
CA SER A 520 -9.30 34.86 4.55
C SER A 520 -8.71 35.79 5.64
N SER A 521 -9.51 36.74 6.15
CA SER A 521 -9.12 37.68 7.20
C SER A 521 -10.11 37.71 8.36
N LEU A 522 -9.96 36.76 9.31
CA LEU A 522 -10.83 36.63 10.49
C LEU A 522 -10.32 37.49 11.64
N PRO A 523 -11.20 38.19 12.41
CA PRO A 523 -10.70 39.04 13.51
C PRO A 523 -9.95 38.31 14.62
N PRO A 524 -8.82 38.86 15.12
CA PRO A 524 -8.10 38.18 16.21
C PRO A 524 -8.70 38.46 17.59
N THR A 525 -8.16 37.79 18.64
CA THR A 525 -8.62 37.98 20.01
C THR A 525 -8.13 39.33 20.55
N VAL A 526 -9.03 40.07 21.24
CA VAL A 526 -8.73 41.38 21.83
C VAL A 526 -7.65 41.20 22.91
N PRO A 527 -6.44 41.78 22.72
CA PRO A 527 -5.37 41.56 23.70
C PRO A 527 -5.39 42.52 24.90
N ASP A 528 -4.76 42.07 26.01
CA ASP A 528 -4.60 42.80 27.28
C ASP A 528 -5.93 43.29 27.89
N CYS A 529 -7.03 42.56 27.63
CA CYS A 529 -8.35 42.89 28.14
C CYS A 529 -9.00 41.73 28.89
N LEU A 530 -9.10 41.88 30.21
CA LEU A 530 -9.67 40.89 31.12
C LEU A 530 -10.31 41.62 32.30
N ARG A 531 -11.56 41.23 32.64
CA ARG A 531 -12.33 41.85 33.73
C ARG A 531 -13.17 40.84 34.52
N ALA A 532 -13.67 41.25 35.68
CA ALA A 532 -14.50 40.44 36.56
C ALA A 532 -15.92 40.28 36.01
N ASP A 533 -16.52 39.09 36.21
CA ASP A 533 -17.89 38.82 35.80
C ASP A 533 -18.80 39.25 36.95
N VAL A 534 -19.66 40.25 36.69
CA VAL A 534 -20.61 40.83 37.64
C VAL A 534 -21.65 39.83 38.19
N ARG A 535 -21.96 38.78 37.41
CA ARG A 535 -22.94 37.75 37.79
C ARG A 535 -22.42 36.79 38.85
N VAL A 536 -21.11 36.45 38.81
CA VAL A 536 -20.52 35.52 39.76
C VAL A 536 -19.80 36.26 40.91
N ASP A 537 -20.01 35.76 42.14
CA ASP A 537 -19.43 36.23 43.41
C ASP A 537 -17.89 36.30 43.34
N PRO A 538 -17.24 37.35 43.92
CA PRO A 538 -15.76 37.43 43.88
C PRO A 538 -15.05 36.26 44.55
N SER A 539 -15.68 35.68 45.60
CA SER A 539 -15.18 34.53 46.35
C SER A 539 -15.22 33.23 45.53
N GLU A 540 -16.12 33.16 44.53
CA GLU A 540 -16.31 32.01 43.64
C GLU A 540 -15.67 32.26 42.25
N SER A 541 -14.91 33.36 42.12
CA SER A 541 -14.27 33.77 40.88
C SER A 541 -12.75 33.66 40.91
N GLN A 542 -12.15 33.45 39.73
CA GLN A 542 -10.70 33.40 39.54
C GLN A 542 -10.18 34.84 39.47
N LYS A 543 -8.98 35.08 40.00
CA LYS A 543 -8.33 36.39 39.97
C LYS A 543 -7.20 36.36 38.96
N CYS A 544 -6.95 37.48 38.26
CA CYS A 544 -5.87 37.59 37.28
C CYS A 544 -4.49 37.49 37.95
N SER A 545 -4.43 37.84 39.26
CA SER A 545 -3.23 37.79 40.09
C SER A 545 -2.79 36.35 40.42
N PHE A 546 -3.70 35.35 40.26
CA PHE A 546 -3.41 33.93 40.52
C PHE A 546 -2.40 33.39 39.51
N TYR A 547 -2.45 33.91 38.27
CA TYR A 547 -1.57 33.49 37.17
C TYR A 547 -0.27 34.30 37.09
N LEU A 548 0.03 35.12 38.11
CA LEU A 548 1.27 35.89 38.20
C LEU A 548 2.31 35.09 38.97
N ALA A 549 1.91 34.49 40.12
CA ALA A 549 2.76 33.67 40.99
C ALA A 549 3.26 32.40 40.30
N ASP A 550 2.37 31.69 39.57
CA ASP A 550 2.73 30.48 38.84
C ASP A 550 3.30 30.85 37.47
N GLN A 551 4.51 30.35 37.18
CA GLN A 551 5.22 30.61 35.92
C GLN A 551 4.96 29.51 34.88
N ASN A 552 4.74 28.26 35.34
CA ASN A 552 4.47 27.11 34.47
C ASN A 552 3.08 27.13 33.86
N ILE A 553 2.06 27.55 34.64
CA ILE A 553 0.67 27.62 34.18
C ILE A 553 0.22 29.09 33.96
N ASP A 554 -0.59 29.32 32.93
CA ASP A 554 -1.15 30.61 32.57
C ASP A 554 -2.67 30.46 32.34
N HIS A 555 -3.39 31.55 32.10
CA HIS A 555 -4.84 31.48 31.87
C HIS A 555 -5.14 31.31 30.38
N GLY A 556 -6.19 30.54 30.10
CA GLY A 556 -6.67 30.31 28.75
C GLY A 556 -8.17 30.54 28.66
N PHE A 557 -8.68 30.78 27.44
CA PHE A 557 -10.11 30.97 27.25
C PHE A 557 -10.74 29.65 26.83
N LEU A 558 -11.78 29.21 27.57
CA LEU A 558 -12.49 27.97 27.26
C LEU A 558 -13.28 28.17 25.97
N TYR A 559 -14.06 29.27 25.89
CA TYR A 559 -14.78 29.67 24.69
C TYR A 559 -13.89 30.69 23.97
N PRO A 560 -13.53 30.49 22.67
CA PRO A 560 -12.68 31.50 21.99
C PRO A 560 -13.44 32.81 21.73
N PRO A 561 -12.99 33.97 22.27
CA PRO A 561 -13.76 35.21 22.11
C PRO A 561 -14.00 35.69 20.67
N ALA A 562 -13.00 35.51 19.78
CA ALA A 562 -13.05 35.98 18.40
C ALA A 562 -13.75 35.07 17.37
N ILE A 563 -14.32 33.91 17.80
CA ILE A 563 -14.96 32.97 16.88
C ILE A 563 -16.35 33.46 16.39
N LYS A 564 -17.11 34.19 17.22
CA LYS A 564 -18.46 34.65 16.85
C LYS A 564 -18.69 36.14 17.10
N GLY A 565 -19.50 36.74 16.23
CA GLY A 565 -19.89 38.15 16.29
C GLY A 565 -18.82 39.14 15.88
N ASN A 566 -18.96 40.38 16.37
CA ASN A 566 -18.04 41.49 16.10
C ASN A 566 -17.13 41.76 17.31
N ASN A 567 -16.51 42.96 17.38
CA ASN A 567 -15.64 43.36 18.48
C ASN A 567 -16.36 43.50 19.80
N GLU A 568 -17.64 43.95 19.74
CA GLU A 568 -18.55 44.14 20.89
C GLU A 568 -18.90 42.78 21.51
N SER A 569 -18.99 41.71 20.69
CA SER A 569 -19.28 40.34 21.07
C SER A 569 -18.15 39.71 21.87
N GLN A 570 -16.89 40.06 21.55
CA GLN A 570 -15.68 39.55 22.21
C GLN A 570 -15.64 39.86 23.71
N TYR A 571 -16.19 41.02 24.13
CA TYR A 571 -16.24 41.47 25.53
C TYR A 571 -17.02 40.51 26.44
N ASP A 572 -18.01 39.78 25.89
CA ASP A 572 -18.83 38.81 26.63
C ASP A 572 -18.02 37.59 27.08
N ALA A 573 -16.87 37.34 26.41
CA ALA A 573 -15.97 36.21 26.67
C ALA A 573 -14.65 36.61 27.37
N LEU A 574 -14.31 37.91 27.39
CA LEU A 574 -13.09 38.42 28.02
C LEU A 574 -13.32 38.67 29.52
N ILE A 575 -13.94 37.68 30.20
CA ILE A 575 -14.29 37.73 31.62
C ILE A 575 -13.69 36.56 32.40
N THR A 576 -13.57 36.73 33.74
CA THR A 576 -12.99 35.77 34.70
C THR A 576 -13.66 34.39 34.69
N SER A 577 -14.96 34.33 34.35
CA SER A 577 -15.74 33.09 34.31
C SER A 577 -15.45 32.21 33.07
N ASN A 578 -14.74 32.76 32.07
CA ASN A 578 -14.36 32.05 30.84
C ASN A 578 -12.87 31.65 30.88
N LEU A 579 -12.23 31.82 32.05
CA LEU A 579 -10.82 31.47 32.25
C LEU A 579 -10.66 30.06 32.77
N VAL A 580 -9.63 29.35 32.26
CA VAL A 580 -9.26 27.98 32.65
C VAL A 580 -7.73 27.87 32.79
N PRO A 581 -7.20 27.11 33.79
CA PRO A 581 -5.73 27.00 33.92
C PRO A 581 -5.11 26.20 32.80
N MET A 582 -4.18 26.81 32.05
CA MET A 582 -3.53 26.17 30.91
C MET A 582 -2.02 26.29 30.88
N TYR A 583 -1.33 25.18 30.56
CA TYR A 583 0.12 25.15 30.40
C TYR A 583 0.41 25.89 29.11
N LYS A 584 1.45 26.74 29.09
CA LYS A 584 1.84 27.54 27.93
C LYS A 584 2.00 26.72 26.64
N GLU A 585 2.61 25.51 26.74
CA GLU A 585 2.77 24.61 25.60
C GLU A 585 1.44 24.03 25.11
N PHE A 586 0.51 23.75 26.05
CA PHE A 586 -0.82 23.23 25.73
C PHE A 586 -1.67 24.30 25.04
N LYS A 587 -1.53 25.57 25.47
CA LYS A 587 -2.24 26.74 24.94
C LYS A 587 -1.95 26.92 23.44
N LYS A 588 -0.75 26.52 22.98
CA LYS A 588 -0.33 26.58 21.57
C LYS A 588 -1.21 25.64 20.73
N MET A 589 -1.53 24.43 21.26
CA MET A 589 -2.40 23.44 20.60
C MET A 589 -3.86 23.90 20.66
N TRP A 590 -4.30 24.38 21.84
CA TRP A 590 -5.65 24.85 22.12
C TRP A 590 -6.03 26.04 21.23
N ASP A 591 -5.17 27.07 21.17
CA ASP A 591 -5.41 28.26 20.36
C ASP A 591 -5.36 27.95 18.86
N TYR A 592 -4.50 27.00 18.43
CA TYR A 592 -4.41 26.61 17.01
C TYR A 592 -5.67 25.88 16.56
N PHE A 593 -6.20 24.99 17.44
CA PHE A 593 -7.41 24.23 17.17
C PHE A 593 -8.61 25.15 16.98
N HIS A 594 -8.81 26.11 17.89
CA HIS A 594 -9.95 27.04 17.85
C HIS A 594 -9.85 28.12 16.77
N LYS A 595 -8.63 28.45 16.31
CA LYS A 595 -8.40 29.46 15.29
C LYS A 595 -8.40 28.89 13.86
N VAL A 596 -7.79 27.70 13.65
CA VAL A 596 -7.64 27.11 12.33
C VAL A 596 -8.52 25.86 12.12
N LEU A 597 -8.31 24.80 12.92
CA LEU A 597 -8.99 23.50 12.80
C LEU A 597 -10.50 23.56 12.95
N LEU A 598 -11.01 24.26 13.98
CA LEU A 598 -12.44 24.41 14.28
C LEU A 598 -13.22 25.07 13.14
N ILE A 599 -12.63 26.07 12.47
CA ILE A 599 -13.22 26.78 11.34
C ILE A 599 -13.32 25.82 10.14
N LYS A 600 -12.25 25.01 9.90
CA LYS A 600 -12.19 24.00 8.85
C LYS A 600 -13.29 22.94 9.05
N TYR A 601 -13.49 22.51 10.31
CA TYR A 601 -14.52 21.52 10.67
C TYR A 601 -15.92 22.11 10.52
N ALA A 602 -16.08 23.42 10.80
CA ALA A 602 -17.35 24.13 10.67
C ALA A 602 -17.78 24.32 9.20
N ILE A 603 -16.80 24.37 8.27
CA ILE A 603 -17.05 24.48 6.82
C ILE A 603 -17.56 23.12 6.31
N GLU A 604 -16.84 22.03 6.65
CA GLU A 604 -17.14 20.64 6.26
C GLU A 604 -18.47 20.12 6.78
N ARG A 605 -18.89 20.60 7.98
CA ARG A 605 -20.12 20.15 8.66
C ARG A 605 -21.32 21.09 8.54
N ASN A 606 -21.18 22.25 7.85
CA ASN A 606 -22.21 23.29 7.69
C ASN A 606 -22.62 23.77 9.10
N GLY A 607 -21.63 24.29 9.82
CA GLY A 607 -21.79 24.71 11.19
C GLY A 607 -21.49 23.57 12.14
N VAL A 608 -21.00 23.89 13.35
CA VAL A 608 -20.67 22.87 14.34
C VAL A 608 -20.94 23.35 15.77
N ASN A 609 -21.64 22.53 16.55
CA ASN A 609 -21.90 22.82 17.96
C ASN A 609 -20.73 22.28 18.75
N VAL A 610 -20.18 23.10 19.64
CA VAL A 610 -19.01 22.76 20.46
C VAL A 610 -19.37 22.81 21.93
N VAL A 611 -18.99 21.76 22.68
CA VAL A 611 -19.10 21.68 24.13
C VAL A 611 -17.71 21.32 24.62
N SER A 612 -17.08 22.25 25.35
CA SER A 612 -15.72 22.10 25.89
C SER A 612 -15.71 22.27 27.39
N GLY A 613 -14.67 21.76 28.04
CA GLY A 613 -14.51 21.88 29.48
C GLY A 613 -13.33 21.12 30.05
N PRO A 614 -13.07 21.29 31.36
CA PRO A 614 -11.94 20.58 31.98
C PRO A 614 -12.28 19.18 32.48
N ILE A 615 -11.25 18.33 32.57
CA ILE A 615 -11.35 16.96 33.09
C ILE A 615 -10.34 16.82 34.20
N PHE A 616 -10.75 16.19 35.31
CA PHE A 616 -9.88 15.92 36.45
C PHE A 616 -9.89 14.42 36.67
N ASP A 617 -8.76 13.76 36.35
CA ASP A 617 -8.58 12.31 36.51
C ASP A 617 -7.13 11.96 36.93
N TYR A 618 -6.74 12.44 38.12
CA TYR A 618 -5.42 12.24 38.72
C TYR A 618 -5.13 10.78 39.09
N ASN A 619 -6.17 10.04 39.51
CA ASN A 619 -6.05 8.63 39.87
C ASN A 619 -6.23 7.72 38.64
N TYR A 620 -6.33 8.32 37.43
CA TYR A 620 -6.46 7.69 36.10
C TYR A 620 -7.39 6.45 36.07
N ASP A 621 -8.61 6.59 36.63
CA ASP A 621 -9.60 5.51 36.67
C ASP A 621 -10.73 5.68 35.64
N GLY A 622 -10.61 6.69 34.78
CA GLY A 622 -11.59 7.01 33.75
C GLY A 622 -12.85 7.69 34.25
N HIS A 623 -12.86 8.10 35.55
CA HIS A 623 -13.99 8.76 36.20
C HIS A 623 -13.59 10.13 36.70
N PHE A 624 -14.56 11.06 36.78
CA PHE A 624 -14.36 12.41 37.30
C PHE A 624 -13.85 12.35 38.74
N ASP A 625 -12.85 13.16 39.06
CA ASP A 625 -12.28 13.17 40.41
C ASP A 625 -13.18 13.84 41.42
N ALA A 626 -13.10 13.36 42.67
CA ALA A 626 -13.75 13.95 43.83
C ALA A 626 -12.77 15.06 44.28
N PRO A 627 -13.20 16.16 44.94
CA PRO A 627 -12.24 17.23 45.30
C PRO A 627 -10.95 16.77 46.00
N ASP A 628 -11.04 15.73 46.85
CA ASP A 628 -9.92 15.14 47.58
C ASP A 628 -8.92 14.38 46.69
N GLU A 629 -9.33 14.01 45.47
CA GLU A 629 -8.50 13.26 44.51
C GLU A 629 -7.59 14.16 43.64
N ILE A 630 -7.86 15.48 43.61
CA ILE A 630 -7.05 16.44 42.84
C ILE A 630 -5.76 16.74 43.60
N THR A 631 -4.60 16.47 42.96
CA THR A 631 -3.28 16.63 43.57
C THR A 631 -2.47 17.84 43.03
N ASN A 632 -3.01 18.59 42.04
CA ASN A 632 -2.32 19.77 41.51
C ASN A 632 -3.24 20.97 41.36
N TYR A 633 -2.76 22.13 41.82
CA TYR A 633 -3.49 23.40 41.82
C TYR A 633 -2.61 24.53 41.29
N VAL A 634 -3.25 25.67 40.89
CA VAL A 634 -2.55 26.88 40.46
C VAL A 634 -1.82 27.35 41.73
N ALA A 635 -0.48 27.57 41.63
CA ALA A 635 0.40 27.95 42.75
C ALA A 635 -0.20 28.91 43.77
N GLY A 636 -0.30 28.43 45.01
CA GLY A 636 -0.83 29.17 46.16
C GLY A 636 -2.31 29.49 46.10
N THR A 637 -3.11 28.68 45.36
CA THR A 637 -4.58 28.85 45.23
C THR A 637 -5.29 27.50 45.32
N ASP A 638 -6.64 27.53 45.40
CA ASP A 638 -7.48 26.33 45.44
C ASP A 638 -8.11 26.05 44.06
N VAL A 639 -7.59 26.70 43.00
CA VAL A 639 -8.04 26.53 41.62
C VAL A 639 -7.38 25.24 41.08
N PRO A 640 -8.16 24.17 40.78
CA PRO A 640 -7.53 22.92 40.33
C PRO A 640 -7.03 22.94 38.90
N VAL A 641 -5.94 22.20 38.66
CA VAL A 641 -5.35 22.09 37.32
C VAL A 641 -5.97 20.87 36.63
N PRO A 642 -6.57 21.05 35.43
CA PRO A 642 -7.17 19.89 34.74
C PRO A 642 -6.10 18.92 34.23
N THR A 643 -6.42 17.62 34.20
CA THR A 643 -5.52 16.60 33.67
C THR A 643 -5.73 16.52 32.17
N HIS A 644 -6.96 16.81 31.70
CA HIS A 644 -7.38 16.78 30.31
C HIS A 644 -8.39 17.89 30.01
N TYR A 645 -8.60 18.16 28.71
CA TYR A 645 -9.61 19.10 28.21
C TYR A 645 -10.42 18.39 27.14
N PHE A 646 -11.75 18.42 27.28
CA PHE A 646 -12.63 17.80 26.30
C PHE A 646 -13.16 18.81 25.31
N VAL A 647 -13.37 18.37 24.05
CA VAL A 647 -13.96 19.15 22.98
C VAL A 647 -14.89 18.21 22.22
N VAL A 648 -16.21 18.34 22.45
CA VAL A 648 -17.19 17.51 21.77
C VAL A 648 -17.82 18.32 20.64
N LEU A 649 -17.59 17.88 19.39
CA LEU A 649 -18.14 18.52 18.19
C LEU A 649 -19.38 17.77 17.74
N THR A 650 -20.53 18.46 17.68
CA THR A 650 -21.80 17.87 17.24
C THR A 650 -22.38 18.67 16.09
N SER A 651 -22.73 17.98 15.01
CA SER A 651 -23.33 18.58 13.82
C SER A 651 -24.44 17.66 13.31
N CYS A 652 -25.15 18.09 12.26
CA CYS A 652 -26.21 17.28 11.67
C CYS A 652 -25.62 16.24 10.73
N LYS A 653 -26.15 15.00 10.75
CA LYS A 653 -25.72 13.91 9.86
C LYS A 653 -25.99 14.31 8.42
N ASN A 654 -27.18 14.92 8.18
CA ASN A 654 -27.58 15.48 6.89
C ASN A 654 -26.98 16.90 6.89
N LYS A 655 -25.92 17.09 6.09
CA LYS A 655 -25.17 18.35 6.00
C LYS A 655 -25.96 19.54 5.42
N THR A 656 -27.22 19.32 4.96
CA THR A 656 -28.08 20.38 4.44
C THR A 656 -28.62 21.25 5.59
N HIS A 657 -28.62 20.69 6.82
CA HIS A 657 -29.08 21.34 8.05
C HIS A 657 -27.93 21.76 8.95
N THR A 658 -28.14 22.82 9.74
CA THR A 658 -27.19 23.34 10.73
C THR A 658 -27.40 22.58 12.05
N PRO A 659 -26.42 22.57 13.01
CA PRO A 659 -26.64 21.82 14.27
C PRO A 659 -27.84 22.25 15.09
N ASP A 660 -28.23 23.54 15.01
CA ASP A 660 -29.37 24.09 15.76
C ASP A 660 -30.73 23.85 15.09
N SER A 661 -30.73 23.36 13.82
CA SER A 661 -31.95 23.06 13.07
C SER A 661 -31.85 21.66 12.40
N CYS A 662 -31.47 20.64 13.19
CA CYS A 662 -31.29 19.26 12.73
C CYS A 662 -32.44 18.33 13.19
N PRO A 663 -33.37 17.92 12.28
CA PRO A 663 -34.46 17.04 12.71
C PRO A 663 -34.06 15.55 12.87
N GLY A 664 -33.14 15.08 12.04
CA GLY A 664 -32.69 13.69 12.04
C GLY A 664 -31.54 13.37 12.98
N TRP A 665 -30.72 12.39 12.59
CA TRP A 665 -29.56 11.92 13.36
C TRP A 665 -28.46 12.98 13.44
N LEU A 666 -27.61 12.87 14.47
CA LEU A 666 -26.48 13.78 14.67
C LEU A 666 -25.17 13.07 14.35
N ASP A 667 -24.12 13.86 14.06
CA ASP A 667 -22.76 13.35 13.81
C ASP A 667 -21.87 13.93 14.90
N VAL A 668 -21.10 13.06 15.57
CA VAL A 668 -20.27 13.50 16.68
C VAL A 668 -18.77 13.24 16.48
N LEU A 669 -17.93 14.14 17.01
CA LEU A 669 -16.47 14.07 16.97
C LEU A 669 -15.89 14.55 18.34
N PRO A 670 -15.81 13.66 19.34
CA PRO A 670 -15.30 14.07 20.66
C PRO A 670 -13.79 13.92 20.80
N PHE A 671 -13.16 14.82 21.58
CA PHE A 671 -11.72 14.81 21.84
C PHE A 671 -11.48 14.91 23.35
N VAL A 672 -10.56 14.09 23.89
CA VAL A 672 -10.16 14.14 25.31
C VAL A 672 -8.63 14.33 25.25
N VAL A 673 -8.20 15.59 25.16
CA VAL A 673 -6.79 15.92 24.99
C VAL A 673 -6.08 16.10 26.34
N PRO A 674 -4.96 15.37 26.58
CA PRO A 674 -4.22 15.55 27.83
C PRO A 674 -3.65 16.95 27.99
N HIS A 675 -3.85 17.52 29.18
CA HIS A 675 -3.35 18.84 29.55
C HIS A 675 -1.95 18.61 30.15
N ARG A 676 -0.93 18.61 29.27
CA ARG A 676 0.47 18.34 29.63
C ARG A 676 1.37 19.58 29.53
N PRO A 677 2.41 19.72 30.39
CA PRO A 677 3.28 20.92 30.32
C PRO A 677 4.19 21.01 29.10
N THR A 678 4.40 19.87 28.38
CA THR A 678 5.23 19.81 27.17
C THR A 678 4.47 19.12 26.04
N ASN A 679 4.89 19.34 24.79
CA ASN A 679 4.28 18.71 23.62
C ASN A 679 5.16 17.57 23.06
N VAL A 680 5.96 16.92 23.96
CA VAL A 680 6.88 15.81 23.69
C VAL A 680 6.17 14.64 22.95
N GLU A 681 4.87 14.43 23.23
CA GLU A 681 4.05 13.39 22.60
C GLU A 681 3.94 13.60 21.07
N SER A 682 3.98 14.85 20.60
CA SER A 682 3.87 15.20 19.18
C SER A 682 5.20 15.28 18.45
N CYS A 683 6.33 15.38 19.19
CA CYS A 683 7.70 15.57 18.68
C CYS A 683 7.69 16.80 17.71
N PRO A 684 7.36 18.01 18.23
CA PRO A 684 7.19 19.17 17.35
C PRO A 684 8.40 20.07 17.13
N GLU A 685 9.61 19.62 17.54
CA GLU A 685 10.83 20.40 17.38
C GLU A 685 11.07 20.72 15.89
N ASN A 686 11.20 22.04 15.59
CA ASN A 686 11.40 22.63 14.26
C ASN A 686 10.27 22.22 13.28
N LYS A 687 9.02 22.24 13.78
CA LYS A 687 7.82 21.89 13.02
C LYS A 687 6.69 22.87 13.30
N ALA A 688 6.11 23.44 12.22
CA ALA A 688 4.98 24.37 12.29
C ALA A 688 3.72 23.60 12.75
N GLU A 689 2.81 24.30 13.45
CA GLU A 689 1.58 23.76 14.03
C GLU A 689 0.65 23.02 13.05
N ASP A 690 0.75 23.31 11.74
CA ASP A 690 -0.06 22.63 10.71
C ASP A 690 0.43 21.20 10.40
N LEU A 691 1.49 20.74 11.10
CA LEU A 691 2.10 19.42 10.91
C LEU A 691 1.96 18.47 12.10
N TRP A 692 1.47 18.96 13.27
CA TRP A 692 1.38 18.09 14.45
C TRP A 692 0.17 18.31 15.38
N VAL A 693 -0.46 19.52 15.38
CA VAL A 693 -1.60 19.83 16.26
C VAL A 693 -2.83 18.96 15.93
N GLU A 694 -3.24 18.89 14.65
CA GLU A 694 -4.39 18.08 14.20
C GLU A 694 -4.16 16.59 14.47
N GLU A 695 -2.92 16.11 14.24
CA GLU A 695 -2.50 14.73 14.47
C GLU A 695 -2.60 14.36 15.95
N ARG A 696 -2.31 15.32 16.86
CA ARG A 696 -2.39 15.12 18.30
C ARG A 696 -3.82 15.03 18.80
N PHE A 697 -4.71 15.89 18.28
CA PHE A 697 -6.14 15.88 18.62
C PHE A 697 -6.78 14.58 18.14
N LYS A 698 -6.51 14.17 16.88
CA LYS A 698 -7.01 12.94 16.26
C LYS A 698 -6.59 11.68 17.04
N ALA A 699 -5.38 11.69 17.64
CA ALA A 699 -4.86 10.59 18.46
C ALA A 699 -5.60 10.47 19.79
N HIS A 700 -6.29 11.54 20.22
CA HIS A 700 -7.01 11.57 21.49
C HIS A 700 -8.53 11.70 21.31
N ILE A 701 -9.04 11.09 20.22
CA ILE A 701 -10.48 10.99 19.94
C ILE A 701 -11.01 9.93 20.93
N ALA A 702 -12.22 10.16 21.46
CA ALA A 702 -12.88 9.24 22.39
C ALA A 702 -14.37 9.21 22.07
N ARG A 703 -15.16 8.43 22.83
CA ARG A 703 -16.62 8.36 22.65
C ARG A 703 -17.19 9.45 23.56
N VAL A 704 -18.46 9.86 23.34
CA VAL A 704 -19.15 10.84 24.20
C VAL A 704 -19.26 10.22 25.62
N ARG A 705 -19.52 8.90 25.70
CA ARG A 705 -19.61 8.14 26.95
C ARG A 705 -18.33 8.27 27.77
N ASP A 706 -17.15 8.28 27.11
CA ASP A 706 -15.85 8.46 27.78
C ASP A 706 -15.78 9.84 28.42
N VAL A 707 -16.22 10.90 27.68
CA VAL A 707 -16.28 12.30 28.14
C VAL A 707 -17.25 12.39 29.34
N GLU A 708 -18.41 11.71 29.24
CA GLU A 708 -19.44 11.66 30.28
C GLU A 708 -18.92 11.12 31.62
N LEU A 709 -18.17 10.01 31.58
CA LEU A 709 -17.59 9.37 32.77
C LEU A 709 -16.51 10.24 33.40
N LEU A 710 -15.65 10.86 32.57
CA LEU A 710 -14.56 11.74 33.00
C LEU A 710 -15.02 13.10 33.56
N THR A 711 -16.27 13.51 33.29
CA THR A 711 -16.78 14.82 33.72
C THR A 711 -17.96 14.80 34.70
N GLY A 712 -18.73 13.72 34.68
CA GLY A 712 -19.93 13.61 35.50
C GLY A 712 -21.05 14.44 34.92
N LEU A 713 -21.05 14.57 33.58
CA LEU A 713 -22.03 15.31 32.79
C LEU A 713 -22.75 14.33 31.85
N ASP A 714 -23.99 14.64 31.48
CA ASP A 714 -24.78 13.82 30.56
C ASP A 714 -25.33 14.71 29.45
N PHE A 715 -25.03 14.36 28.19
CA PHE A 715 -25.40 15.16 27.02
C PHE A 715 -26.63 14.67 26.25
N TYR A 716 -27.18 15.56 25.39
CA TYR A 716 -28.30 15.35 24.46
C TYR A 716 -29.60 14.83 25.08
N GLN A 717 -29.90 15.24 26.34
CA GLN A 717 -31.12 14.81 27.02
C GLN A 717 -32.40 15.46 26.46
N GLU A 718 -32.25 16.55 25.69
CA GLU A 718 -33.38 17.25 25.06
C GLU A 718 -33.48 17.00 23.55
N LYS A 719 -32.78 15.96 23.05
CA LYS A 719 -32.85 15.58 21.65
C LYS A 719 -34.02 14.62 21.47
N THR A 720 -35.00 15.00 20.61
CA THR A 720 -36.21 14.21 20.33
C THR A 720 -35.86 12.95 19.53
N GLN A 721 -35.38 11.92 20.24
CA GLN A 721 -34.93 10.63 19.73
C GLN A 721 -34.95 9.61 20.88
N PRO A 722 -35.25 8.31 20.63
CA PRO A 722 -35.24 7.33 21.74
C PRO A 722 -33.85 7.19 22.36
N VAL A 723 -33.81 6.95 23.69
CA VAL A 723 -32.58 6.81 24.50
C VAL A 723 -31.61 5.77 23.89
N SER A 724 -32.13 4.63 23.39
CA SER A 724 -31.36 3.57 22.74
C SER A 724 -30.59 4.08 21.50
N GLU A 725 -31.19 5.01 20.74
CA GLU A 725 -30.58 5.63 19.55
C GLU A 725 -29.53 6.67 19.96
N ILE A 726 -29.78 7.38 21.09
CA ILE A 726 -28.86 8.37 21.64
C ILE A 726 -27.61 7.65 22.21
N LEU A 727 -27.81 6.44 22.79
CA LEU A 727 -26.73 5.61 23.33
C LEU A 727 -25.81 5.09 22.22
N GLN A 728 -26.34 4.90 21.00
CA GLN A 728 -25.56 4.49 19.81
C GLN A 728 -24.60 5.63 19.46
N LEU A 729 -25.09 6.87 19.52
CA LEU A 729 -24.32 8.09 19.26
C LEU A 729 -23.24 8.30 20.34
N LYS A 730 -23.59 8.03 21.61
CA LYS A 730 -22.69 8.19 22.77
C LYS A 730 -21.56 7.17 22.82
N THR A 731 -21.75 5.98 22.24
CA THR A 731 -20.77 4.89 22.22
C THR A 731 -19.97 4.88 20.90
N TYR A 732 -20.35 5.74 19.95
CA TYR A 732 -19.72 5.86 18.63
C TYR A 732 -18.28 6.39 18.75
N LEU A 733 -17.35 5.73 18.06
CA LEU A 733 -15.95 6.13 18.04
C LEU A 733 -15.60 6.57 16.61
N PRO A 734 -15.41 7.89 16.37
CA PRO A 734 -15.05 8.34 15.00
C PRO A 734 -13.70 7.80 14.56
N THR A 735 -13.63 7.32 13.31
CA THR A 735 -12.41 6.73 12.71
C THR A 735 -12.03 7.49 11.44
N PHE A 736 -10.70 7.57 11.16
CA PHE A 736 -10.13 8.24 9.98
C PHE A 736 -9.16 7.32 9.25
N TRP B 5 -4.39 -38.57 -11.77
CA TRP B 5 -3.19 -37.82 -12.12
C TRP B 5 -2.78 -36.83 -11.02
N VAL B 6 -3.74 -36.07 -10.47
CA VAL B 6 -3.51 -35.04 -9.44
C VAL B 6 -2.93 -35.64 -8.13
N THR B 7 -3.34 -36.87 -7.77
CA THR B 7 -2.87 -37.58 -6.57
C THR B 7 -1.56 -38.34 -6.82
N GLU B 8 -1.31 -38.70 -8.10
CA GLU B 8 -0.11 -39.43 -8.53
C GLU B 8 1.15 -38.56 -8.38
N ALA B 9 2.28 -39.20 -8.01
CA ALA B 9 3.58 -38.57 -7.80
C ALA B 9 4.19 -38.02 -9.11
N CYS B 10 5.25 -37.19 -9.00
CA CYS B 10 5.96 -36.62 -10.15
C CYS B 10 6.55 -37.77 -10.97
N ALA B 11 6.16 -37.86 -12.27
CA ALA B 11 6.64 -38.90 -13.16
C ALA B 11 7.85 -38.44 -13.96
N GLN B 17 8.01 -40.88 -22.27
CA GLN B 17 6.94 -41.85 -22.14
C GLN B 17 5.87 -41.62 -23.23
N CYS B 18 6.28 -41.75 -24.52
CA CYS B 18 5.36 -41.59 -25.65
C CYS B 18 4.83 -42.93 -26.17
N PRO B 19 3.51 -43.06 -26.40
CA PRO B 19 2.96 -44.34 -26.88
C PRO B 19 3.20 -44.59 -28.38
N GLU B 20 2.71 -45.74 -28.89
CA GLU B 20 2.81 -46.19 -30.28
C GLU B 20 2.16 -45.19 -31.24
N GLY B 21 2.90 -44.79 -32.27
CA GLY B 21 2.46 -43.84 -33.27
C GLY B 21 2.90 -42.41 -33.01
N PHE B 22 3.41 -42.13 -31.79
CA PHE B 22 3.88 -40.81 -31.38
C PHE B 22 5.42 -40.75 -31.39
N ASP B 23 5.99 -40.52 -32.59
CA ASP B 23 7.44 -40.42 -32.80
C ASP B 23 8.00 -39.14 -32.22
N GLN B 24 7.26 -38.03 -32.38
CA GLN B 24 7.62 -36.71 -31.86
C GLN B 24 6.60 -36.26 -30.81
N PRO B 25 7.03 -35.62 -29.71
CA PRO B 25 6.07 -35.19 -28.67
C PRO B 25 5.15 -34.07 -29.16
N PRO B 26 3.82 -34.18 -28.96
CA PRO B 26 2.92 -33.09 -29.38
C PRO B 26 3.08 -31.85 -28.49
N VAL B 27 2.78 -30.67 -29.03
CA VAL B 27 2.90 -29.40 -28.31
C VAL B 27 1.51 -28.78 -28.07
N ILE B 28 1.20 -28.46 -26.81
CA ILE B 28 -0.04 -27.79 -26.41
C ILE B 28 0.29 -26.46 -25.74
N LEU B 29 -0.19 -25.35 -26.32
CA LEU B 29 -0.01 -24.01 -25.79
C LEU B 29 -1.37 -23.59 -25.20
N PHE B 30 -1.44 -23.54 -23.86
CA PHE B 30 -2.66 -23.22 -23.09
C PHE B 30 -2.58 -21.81 -22.52
N SER B 31 -3.54 -20.95 -22.89
CA SER B 31 -3.60 -19.59 -22.36
C SER B 31 -4.77 -19.42 -21.41
N MET B 32 -4.46 -18.97 -20.19
CA MET B 32 -5.44 -18.65 -19.17
C MET B 32 -5.35 -17.13 -19.05
N ASP B 33 -6.28 -16.43 -19.72
CA ASP B 33 -6.30 -14.97 -19.81
C ASP B 33 -6.26 -14.28 -18.45
N GLY B 34 -5.38 -13.28 -18.34
CA GLY B 34 -5.21 -12.46 -17.14
C GLY B 34 -4.73 -13.16 -15.89
N PHE B 35 -4.04 -14.31 -16.04
CA PHE B 35 -3.50 -15.07 -14.91
C PHE B 35 -2.17 -14.43 -14.52
N ARG B 36 -2.22 -13.46 -13.60
CA ARG B 36 -1.02 -12.77 -13.14
C ARG B 36 -0.10 -13.68 -12.33
N ALA B 37 1.22 -13.43 -12.42
CA ALA B 37 2.28 -14.19 -11.74
C ALA B 37 2.02 -14.36 -10.23
N GLU B 38 1.52 -13.28 -9.59
CA GLU B 38 1.16 -13.17 -8.17
C GLU B 38 0.13 -14.24 -7.76
N TYR B 39 -0.84 -14.57 -8.64
CA TYR B 39 -1.87 -15.59 -8.37
C TYR B 39 -1.23 -16.95 -8.11
N LEU B 40 -0.19 -17.30 -8.87
CA LEU B 40 0.55 -18.55 -8.71
C LEU B 40 1.38 -18.53 -7.43
N GLN B 41 2.06 -17.40 -7.15
CA GLN B 41 2.90 -17.21 -5.97
C GLN B 41 2.11 -17.37 -4.66
N THR B 42 0.88 -16.83 -4.63
CA THR B 42 0.02 -16.82 -3.44
C THR B 42 -1.01 -17.97 -3.37
N TRP B 43 -1.75 -18.22 -4.45
CA TRP B 43 -2.86 -19.17 -4.43
C TRP B 43 -2.63 -20.56 -5.08
N SER B 44 -1.37 -20.94 -5.40
CA SER B 44 -1.09 -22.25 -6.02
C SER B 44 -1.60 -23.46 -5.22
N THR B 45 -1.45 -23.45 -3.88
CA THR B 45 -1.87 -24.55 -3.00
C THR B 45 -3.42 -24.73 -2.97
N LEU B 46 -4.19 -23.75 -3.48
CA LEU B 46 -5.65 -23.82 -3.59
C LEU B 46 -6.04 -24.46 -4.93
N LEU B 47 -5.08 -24.57 -5.86
CA LEU B 47 -5.26 -25.11 -7.21
C LEU B 47 -4.45 -26.42 -7.35
N PRO B 48 -5.02 -27.59 -6.96
CA PRO B 48 -4.25 -28.84 -6.95
C PRO B 48 -3.61 -29.30 -8.27
N ASN B 49 -4.29 -29.08 -9.41
CA ASN B 49 -3.79 -29.49 -10.72
C ASN B 49 -2.64 -28.62 -11.21
N ILE B 50 -2.78 -27.28 -11.08
CA ILE B 50 -1.74 -26.31 -11.45
C ILE B 50 -0.56 -26.41 -10.47
N ASN B 51 -0.85 -26.73 -9.18
CA ASN B 51 0.18 -26.91 -8.14
C ASN B 51 1.07 -28.12 -8.42
N LYS B 52 0.49 -29.21 -8.97
CA LYS B 52 1.25 -30.41 -9.33
C LYS B 52 2.18 -30.08 -10.51
N LEU B 53 1.66 -29.31 -11.49
CA LEU B 53 2.40 -28.83 -12.66
C LEU B 53 3.55 -27.91 -12.20
N LYS B 54 3.30 -27.08 -11.18
CA LYS B 54 4.29 -26.17 -10.59
C LYS B 54 5.39 -26.95 -9.86
N THR B 55 5.00 -28.00 -9.11
CA THR B 55 5.92 -28.86 -8.35
C THR B 55 6.78 -29.77 -9.24
N CYS B 56 6.13 -30.54 -10.13
CA CYS B 56 6.78 -31.52 -11.00
C CYS B 56 7.49 -30.94 -12.22
N GLY B 57 6.86 -29.98 -12.89
CA GLY B 57 7.39 -29.38 -14.10
C GLY B 57 8.30 -28.20 -13.91
N LEU B 58 8.42 -27.39 -14.98
CA LEU B 58 9.24 -26.19 -15.03
C LEU B 58 8.33 -24.96 -14.97
N HIS B 59 8.80 -23.88 -14.33
CA HIS B 59 8.09 -22.61 -14.26
C HIS B 59 9.02 -21.44 -13.99
N SER B 60 8.70 -20.26 -14.57
CA SER B 60 9.48 -19.05 -14.35
C SER B 60 8.81 -18.28 -13.22
N LYS B 61 9.59 -17.46 -12.48
CA LYS B 61 9.08 -16.62 -11.39
C LYS B 61 7.94 -15.73 -11.95
N TYR B 62 8.10 -15.32 -13.23
CA TYR B 62 7.14 -14.58 -14.05
C TYR B 62 7.58 -14.52 -15.50
N MET B 63 6.62 -14.28 -16.41
CA MET B 63 6.89 -14.07 -17.83
C MET B 63 6.48 -12.63 -18.13
N ARG B 64 7.38 -11.86 -18.76
CA ARG B 64 7.11 -10.48 -19.11
C ARG B 64 6.32 -10.41 -20.42
N ALA B 65 5.23 -9.64 -20.39
CA ALA B 65 4.36 -9.42 -21.54
C ALA B 65 4.89 -8.23 -22.35
N VAL B 66 4.28 -7.95 -23.52
CA VAL B 66 4.64 -6.80 -24.35
C VAL B 66 3.68 -5.66 -24.05
N TYR B 67 4.12 -4.41 -24.25
CA TYR B 67 3.30 -3.23 -24.04
C TYR B 67 2.52 -2.90 -25.35
N PRO B 68 1.19 -2.61 -25.30
CA PRO B 68 0.29 -2.59 -24.13
C PRO B 68 -0.05 -3.99 -23.66
N THR B 69 -0.18 -4.18 -22.34
CA THR B 69 -0.46 -5.49 -21.74
C THR B 69 -1.94 -5.85 -21.92
N LYS B 70 -2.34 -6.03 -23.19
CA LYS B 70 -3.69 -6.38 -23.63
C LYS B 70 -3.68 -7.68 -24.43
N ALA B 71 -4.84 -8.34 -24.53
CA ALA B 71 -5.09 -9.65 -25.15
C ALA B 71 -4.51 -9.88 -26.56
N PHE B 72 -4.99 -9.14 -27.57
CA PHE B 72 -4.60 -9.33 -28.97
C PHE B 72 -3.12 -8.98 -29.26
N PRO B 73 -2.52 -7.85 -28.77
CA PRO B 73 -1.09 -7.63 -29.03
C PRO B 73 -0.19 -8.72 -28.43
N ASN B 74 -0.55 -9.23 -27.23
CA ASN B 74 0.22 -10.24 -26.49
C ASN B 74 0.07 -11.67 -27.00
N HIS B 75 -1.17 -12.13 -27.26
CA HIS B 75 -1.42 -13.49 -27.76
C HIS B 75 -0.76 -13.69 -29.13
N TYR B 76 -0.85 -12.67 -30.00
CA TYR B 76 -0.23 -12.70 -31.31
C TYR B 76 1.30 -12.61 -31.22
N THR B 77 1.85 -11.94 -30.17
CA THR B 77 3.29 -11.84 -29.92
C THR B 77 3.86 -13.21 -29.54
N ILE B 78 3.17 -13.94 -28.64
CA ILE B 78 3.55 -15.28 -28.17
C ILE B 78 3.73 -16.26 -29.36
N VAL B 79 2.80 -16.22 -30.32
CA VAL B 79 2.81 -17.11 -31.48
C VAL B 79 3.64 -16.59 -32.69
N THR B 80 4.19 -15.35 -32.64
CA THR B 80 5.01 -14.83 -33.75
C THR B 80 6.46 -14.49 -33.37
N GLY B 81 6.68 -14.20 -32.09
CA GLY B 81 7.97 -13.78 -31.56
C GLY B 81 8.30 -12.35 -31.93
N LEU B 82 7.26 -11.58 -32.32
CA LEU B 82 7.35 -10.20 -32.78
C LEU B 82 6.76 -9.20 -31.82
N TYR B 83 7.30 -7.97 -31.84
CA TYR B 83 6.77 -6.87 -31.05
C TYR B 83 5.50 -6.38 -31.77
N PRO B 84 4.44 -5.93 -31.04
CA PRO B 84 3.22 -5.45 -31.73
C PRO B 84 3.43 -4.51 -32.92
N GLU B 85 4.47 -3.65 -32.87
CA GLU B 85 4.81 -2.71 -33.95
C GLU B 85 5.18 -3.40 -35.28
N SER B 86 5.69 -4.66 -35.19
CA SER B 86 6.07 -5.48 -36.35
C SER B 86 4.95 -6.41 -36.81
N HIS B 87 4.22 -7.06 -35.87
CA HIS B 87 3.14 -7.97 -36.25
C HIS B 87 1.82 -7.24 -36.58
N GLY B 88 1.76 -5.93 -36.31
CA GLY B 88 0.62 -5.09 -36.66
C GLY B 88 -0.48 -4.91 -35.63
N ILE B 89 -0.72 -5.92 -34.79
CA ILE B 89 -1.77 -5.85 -33.76
C ILE B 89 -1.23 -5.07 -32.56
N ILE B 90 -1.30 -3.73 -32.65
CA ILE B 90 -0.76 -2.82 -31.63
C ILE B 90 -1.73 -2.58 -30.48
N ASP B 91 -3.02 -2.90 -30.68
CA ASP B 91 -4.11 -2.74 -29.73
C ASP B 91 -5.33 -3.55 -30.21
N ASN B 92 -6.35 -3.67 -29.35
CA ASN B 92 -7.60 -4.37 -29.67
C ASN B 92 -8.48 -3.43 -30.48
N ASN B 93 -8.33 -2.11 -30.23
CA ASN B 93 -9.02 -1.02 -30.92
C ASN B 93 -7.93 -0.17 -31.55
N MET B 94 -7.91 -0.09 -32.90
CA MET B 94 -6.92 0.67 -33.66
C MET B 94 -7.44 1.13 -35.02
N TYR B 95 -6.78 2.14 -35.62
CA TYR B 95 -7.14 2.69 -36.92
C TYR B 95 -5.93 2.77 -37.85
N ASP B 96 -6.07 2.25 -39.08
CA ASP B 96 -5.05 2.31 -40.12
C ASP B 96 -5.48 3.36 -41.14
N VAL B 97 -4.65 4.38 -41.35
CA VAL B 97 -4.93 5.49 -42.28
C VAL B 97 -4.91 5.02 -43.76
N TYR B 98 -3.94 4.17 -44.13
CA TYR B 98 -3.78 3.66 -45.49
C TYR B 98 -4.90 2.69 -45.89
N LEU B 99 -5.37 1.86 -44.94
CA LEU B 99 -6.47 0.93 -45.16
C LEU B 99 -7.80 1.66 -45.02
N ASN B 100 -7.82 2.75 -44.21
CA ASN B 100 -8.98 3.58 -43.86
C ASN B 100 -10.10 2.72 -43.25
N LYS B 101 -9.70 1.82 -42.33
CA LYS B 101 -10.58 0.87 -41.64
C LYS B 101 -10.32 0.91 -40.14
N ASN B 102 -11.34 0.56 -39.34
CA ASN B 102 -11.26 0.52 -37.88
C ASN B 102 -11.24 -0.93 -37.41
N PHE B 103 -10.24 -1.28 -36.59
CA PHE B 103 -10.11 -2.61 -36.03
C PHE B 103 -10.69 -2.63 -34.62
N SER B 104 -11.51 -3.64 -34.32
CA SER B 104 -12.15 -3.90 -33.03
C SER B 104 -12.63 -5.35 -32.98
N LEU B 105 -12.72 -5.92 -31.76
CA LEU B 105 -13.16 -7.31 -31.52
C LEU B 105 -14.63 -7.52 -31.89
N SER B 106 -15.45 -6.45 -31.79
CA SER B 106 -16.88 -6.46 -32.10
C SER B 106 -17.19 -6.36 -33.61
N SER B 107 -16.27 -5.76 -34.38
CA SER B 107 -16.38 -5.56 -35.83
C SER B 107 -15.93 -6.78 -36.64
N VAL B 108 -16.31 -6.82 -37.93
CA VAL B 108 -15.95 -7.88 -38.88
C VAL B 108 -14.48 -7.69 -39.36
N GLU B 109 -13.89 -6.49 -39.12
CA GLU B 109 -12.52 -6.13 -39.50
C GLU B 109 -11.44 -6.92 -38.74
N LYS B 110 -11.82 -7.61 -37.64
CA LYS B 110 -10.89 -8.45 -36.86
C LYS B 110 -10.47 -9.70 -37.65
N SER B 111 -11.31 -10.10 -38.65
CA SER B 111 -11.09 -11.25 -39.54
C SER B 111 -10.38 -10.87 -40.85
N ASN B 112 -10.17 -9.56 -41.10
CA ASN B 112 -9.48 -9.05 -42.28
C ASN B 112 -7.98 -9.37 -42.18
N PRO B 113 -7.42 -10.17 -43.12
CA PRO B 113 -5.99 -10.54 -43.04
C PRO B 113 -4.98 -9.40 -43.20
N ALA B 114 -5.43 -8.23 -43.69
CA ALA B 114 -4.59 -7.03 -43.92
C ALA B 114 -3.94 -6.49 -42.63
N TRP B 115 -4.59 -6.70 -41.47
CA TRP B 115 -4.09 -6.25 -40.16
C TRP B 115 -3.04 -7.17 -39.56
N TRP B 116 -3.02 -8.46 -39.95
CA TRP B 116 -2.15 -9.48 -39.38
C TRP B 116 -0.86 -9.72 -40.17
N SER B 117 0.26 -9.17 -39.65
CA SER B 117 1.59 -9.32 -40.23
C SER B 117 2.36 -10.46 -39.55
N GLY B 118 3.55 -10.77 -40.06
CA GLY B 118 4.38 -11.83 -39.52
C GLY B 118 3.90 -13.23 -39.85
N GLN B 119 4.49 -14.24 -39.18
CA GLN B 119 4.15 -15.64 -39.39
C GLN B 119 3.87 -16.38 -38.07
N PRO B 120 2.57 -16.59 -37.70
CA PRO B 120 2.28 -17.35 -36.47
C PRO B 120 2.75 -18.80 -36.54
N ILE B 121 3.07 -19.39 -35.38
CA ILE B 121 3.62 -20.74 -35.19
C ILE B 121 2.82 -21.82 -35.98
N TRP B 122 1.48 -21.74 -36.04
CA TRP B 122 0.67 -22.71 -36.78
C TRP B 122 1.04 -22.73 -38.27
N LEU B 123 1.28 -21.54 -38.88
CA LEU B 123 1.71 -21.41 -40.28
C LEU B 123 3.13 -21.96 -40.47
N THR B 124 4.06 -21.63 -39.53
CA THR B 124 5.45 -22.09 -39.53
C THR B 124 5.53 -23.62 -39.53
N ALA B 125 4.67 -24.26 -38.71
CA ALA B 125 4.56 -25.71 -38.60
C ALA B 125 3.99 -26.30 -39.89
N MET B 126 2.93 -25.67 -40.44
CA MET B 126 2.25 -26.10 -41.68
C MET B 126 3.13 -25.98 -42.93
N TYR B 127 3.95 -24.92 -43.01
CA TYR B 127 4.87 -24.70 -44.13
C TYR B 127 6.04 -25.69 -44.11
N GLN B 128 6.27 -26.37 -42.96
CA GLN B 128 7.37 -27.31 -42.78
C GLN B 128 6.91 -28.78 -42.52
N GLY B 129 5.78 -29.15 -43.14
CA GLY B 129 5.24 -30.51 -43.11
C GLY B 129 4.53 -31.00 -41.86
N LEU B 130 4.08 -30.10 -40.98
CA LEU B 130 3.36 -30.50 -39.76
C LEU B 130 1.92 -29.99 -39.79
N LYS B 131 1.02 -30.65 -39.06
CA LYS B 131 -0.37 -30.22 -38.97
C LYS B 131 -0.60 -29.45 -37.66
N ALA B 132 -1.46 -28.42 -37.69
CA ALA B 132 -1.73 -27.59 -36.52
C ALA B 132 -3.22 -27.37 -36.27
N ALA B 133 -3.64 -27.54 -34.99
CA ALA B 133 -5.02 -27.37 -34.55
C ALA B 133 -5.15 -26.23 -33.56
N SER B 134 -6.34 -25.62 -33.47
CA SER B 134 -6.59 -24.50 -32.56
C SER B 134 -8.03 -24.43 -32.05
N TYR B 135 -8.18 -24.36 -30.72
CA TYR B 135 -9.47 -24.16 -30.09
C TYR B 135 -9.38 -22.84 -29.35
N TYR B 136 -9.52 -21.75 -30.14
CA TYR B 136 -9.43 -20.34 -29.75
C TYR B 136 -7.99 -19.90 -29.52
N TRP B 137 -7.63 -18.82 -30.20
CA TRP B 137 -6.36 -18.09 -30.14
C TRP B 137 -6.46 -16.91 -31.11
N PRO B 138 -6.26 -15.66 -30.64
CA PRO B 138 -6.36 -14.51 -31.56
C PRO B 138 -5.47 -14.68 -32.79
N GLY B 139 -6.11 -14.68 -33.96
CA GLY B 139 -5.45 -14.86 -35.25
C GLY B 139 -5.69 -16.22 -35.89
N SER B 140 -5.99 -17.27 -35.09
CA SER B 140 -6.24 -18.62 -35.60
C SER B 140 -7.59 -18.76 -36.31
N ASP B 141 -8.54 -17.85 -36.03
CA ASP B 141 -9.85 -17.81 -36.68
C ASP B 141 -9.84 -16.74 -37.79
N VAL B 142 -8.62 -16.39 -38.27
CA VAL B 142 -8.32 -15.41 -39.31
C VAL B 142 -7.41 -16.09 -40.36
N ALA B 143 -7.63 -15.81 -41.65
CA ALA B 143 -6.84 -16.36 -42.74
C ALA B 143 -5.53 -15.57 -42.91
N VAL B 144 -4.63 -15.66 -41.90
CA VAL B 144 -3.31 -14.98 -41.88
C VAL B 144 -2.47 -15.52 -43.04
N ASN B 145 -2.00 -14.61 -43.92
CA ASN B 145 -1.22 -14.91 -45.13
C ASN B 145 -1.96 -15.89 -46.08
N GLY B 146 -3.29 -15.75 -46.11
CA GLY B 146 -4.20 -16.56 -46.93
C GLY B 146 -4.48 -17.96 -46.43
N SER B 147 -4.08 -18.29 -45.19
CA SER B 147 -4.29 -19.62 -44.63
C SER B 147 -4.73 -19.65 -43.16
N PHE B 148 -5.54 -20.66 -42.82
CA PHE B 148 -6.06 -20.96 -41.49
C PHE B 148 -5.31 -22.20 -40.97
N PRO B 149 -5.30 -22.51 -39.64
CA PRO B 149 -4.70 -23.78 -39.19
C PRO B 149 -5.54 -24.96 -39.70
N ASN B 150 -4.94 -26.17 -39.79
CA ASN B 150 -5.62 -27.39 -40.28
C ASN B 150 -7.02 -27.58 -39.67
N ILE B 151 -7.13 -27.38 -38.35
CA ILE B 151 -8.40 -27.43 -37.59
C ILE B 151 -8.45 -26.18 -36.71
N TYR B 152 -9.54 -25.41 -36.79
CA TYR B 152 -9.72 -24.18 -36.01
C TYR B 152 -11.17 -23.96 -35.54
N ARG B 153 -11.38 -22.94 -34.69
CA ARG B 153 -12.71 -22.60 -34.16
C ARG B 153 -12.92 -21.09 -34.18
N ASN B 154 -14.05 -20.63 -34.75
CA ASN B 154 -14.44 -19.22 -34.78
C ASN B 154 -14.76 -18.85 -33.33
N TYR B 155 -14.19 -17.74 -32.83
CA TYR B 155 -14.35 -17.35 -31.43
C TYR B 155 -15.79 -17.13 -30.97
N SER B 156 -16.10 -17.71 -29.80
CA SER B 156 -17.35 -17.66 -29.05
C SER B 156 -17.05 -18.02 -27.60
N ASN B 157 -17.24 -17.06 -26.69
CA ASN B 157 -16.96 -17.22 -25.26
C ASN B 157 -17.97 -18.13 -24.53
N SER B 158 -19.13 -18.40 -25.15
CA SER B 158 -20.22 -19.22 -24.58
C SER B 158 -19.88 -20.70 -24.40
N VAL B 159 -18.93 -21.24 -25.19
CA VAL B 159 -18.55 -22.66 -25.17
C VAL B 159 -17.89 -23.05 -23.83
N PRO B 160 -18.42 -24.07 -23.10
CA PRO B 160 -17.81 -24.46 -21.80
C PRO B 160 -16.41 -25.05 -21.95
N TYR B 161 -15.60 -24.97 -20.87
CA TYR B 161 -14.21 -25.43 -20.83
C TYR B 161 -14.06 -26.92 -21.11
N GLU B 162 -14.95 -27.76 -20.54
CA GLU B 162 -14.96 -29.22 -20.72
C GLU B 162 -15.10 -29.59 -22.20
N SER B 163 -15.97 -28.88 -22.93
CA SER B 163 -16.22 -29.09 -24.37
C SER B 163 -15.00 -28.74 -25.21
N ARG B 164 -14.26 -27.68 -24.82
CA ARG B 164 -13.04 -27.21 -25.48
C ARG B 164 -11.92 -28.26 -25.34
N ILE B 165 -11.77 -28.83 -24.13
CA ILE B 165 -10.81 -29.86 -23.76
C ILE B 165 -11.13 -31.17 -24.50
N ALA B 166 -12.41 -31.60 -24.49
CA ALA B 166 -12.91 -32.82 -25.14
C ALA B 166 -12.61 -32.85 -26.64
N THR B 167 -12.81 -31.70 -27.34
CA THR B 167 -12.54 -31.56 -28.77
C THR B 167 -11.04 -31.65 -29.06
N LEU B 168 -10.22 -31.10 -28.14
CA LEU B 168 -8.77 -31.14 -28.26
C LEU B 168 -8.26 -32.58 -28.09
N LEU B 169 -8.82 -33.33 -27.11
CA LEU B 169 -8.49 -34.74 -26.86
C LEU B 169 -8.92 -35.61 -28.04
N GLN B 170 -10.04 -35.24 -28.69
CA GLN B 170 -10.60 -35.88 -29.88
C GLN B 170 -9.63 -35.69 -31.07
N TRP B 171 -8.98 -34.50 -31.15
CA TRP B 171 -7.99 -34.18 -32.18
C TRP B 171 -6.71 -35.01 -31.99
N LEU B 172 -6.37 -35.33 -30.72
CA LEU B 172 -5.22 -36.16 -30.36
C LEU B 172 -5.51 -37.66 -30.60
N ASP B 173 -6.81 -38.01 -30.74
CA ASP B 173 -7.30 -39.37 -31.00
C ASP B 173 -7.34 -39.67 -32.51
N LEU B 174 -7.20 -38.63 -33.35
CA LEU B 174 -7.20 -38.72 -34.82
C LEU B 174 -6.03 -39.59 -35.33
N PRO B 175 -6.16 -40.27 -36.50
CA PRO B 175 -5.02 -41.06 -37.01
C PRO B 175 -3.83 -40.18 -37.38
N LYS B 176 -2.60 -40.72 -37.22
CA LYS B 176 -1.30 -40.06 -37.46
C LYS B 176 -1.25 -39.12 -38.67
N ALA B 177 -1.86 -39.52 -39.80
CA ALA B 177 -1.89 -38.73 -41.05
C ALA B 177 -2.71 -37.43 -40.91
N GLU B 178 -3.79 -37.47 -40.11
CA GLU B 178 -4.68 -36.33 -39.87
C GLU B 178 -4.32 -35.54 -38.61
N ARG B 179 -3.76 -36.25 -37.60
CA ARG B 179 -3.42 -35.72 -36.27
C ARG B 179 -2.40 -34.56 -36.27
N PRO B 180 -2.80 -33.41 -35.69
CA PRO B 180 -1.88 -32.27 -35.60
C PRO B 180 -0.78 -32.45 -34.55
N SER B 181 0.35 -31.75 -34.74
CA SER B 181 1.51 -31.78 -33.85
C SER B 181 1.48 -30.61 -32.86
N PHE B 182 0.93 -29.47 -33.29
CA PHE B 182 0.81 -28.26 -32.48
C PHE B 182 -0.66 -27.92 -32.20
N TYR B 183 -0.95 -27.53 -30.95
CA TYR B 183 -2.29 -27.19 -30.48
C TYR B 183 -2.28 -25.91 -29.63
N THR B 184 -3.34 -25.09 -29.78
CA THR B 184 -3.57 -23.87 -29.01
C THR B 184 -4.95 -23.93 -28.38
N ILE B 185 -5.03 -23.67 -27.07
CA ILE B 185 -6.29 -23.64 -26.33
C ILE B 185 -6.31 -22.35 -25.49
N TYR B 186 -7.46 -21.67 -25.49
CA TYR B 186 -7.66 -20.41 -24.78
C TYR B 186 -8.84 -20.48 -23.81
N VAL B 187 -8.66 -19.87 -22.62
CA VAL B 187 -9.65 -19.78 -21.55
C VAL B 187 -9.74 -18.30 -21.10
N GLU B 188 -10.97 -17.77 -20.96
CA GLU B 188 -11.26 -16.37 -20.61
C GLU B 188 -10.90 -15.98 -19.18
N GLU B 189 -10.95 -16.94 -18.24
CA GLU B 189 -10.65 -16.71 -16.81
C GLU B 189 -9.16 -16.94 -16.46
N PRO B 190 -8.60 -16.31 -15.39
CA PRO B 190 -9.22 -15.43 -14.39
C PRO B 190 -9.35 -13.94 -14.77
N ASP B 191 -9.23 -13.60 -16.08
CA ASP B 191 -9.33 -12.21 -16.55
C ASP B 191 -10.70 -11.57 -16.31
N SER B 192 -11.79 -12.28 -16.69
CA SER B 192 -13.17 -11.81 -16.54
C SER B 192 -13.49 -11.45 -15.09
N ALA B 193 -13.10 -12.31 -14.13
CA ALA B 193 -13.29 -12.09 -12.69
C ALA B 193 -12.42 -10.93 -12.19
N GLY B 194 -11.21 -10.81 -12.77
CA GLY B 194 -10.25 -9.74 -12.47
C GLY B 194 -10.82 -8.36 -12.76
N HIS B 195 -11.55 -8.23 -13.88
CA HIS B 195 -12.21 -6.99 -14.30
C HIS B 195 -13.39 -6.63 -13.39
N LYS B 196 -14.15 -7.65 -12.96
CA LYS B 196 -15.35 -7.50 -12.11
C LYS B 196 -15.07 -7.02 -10.69
N SER B 197 -14.13 -7.66 -9.97
CA SER B 197 -13.88 -7.34 -8.56
C SER B 197 -12.40 -7.13 -8.16
N GLY B 198 -11.51 -6.96 -9.13
CA GLY B 198 -10.10 -6.72 -8.86
C GLY B 198 -9.26 -7.97 -8.65
N PRO B 199 -7.91 -7.85 -8.64
CA PRO B 199 -7.05 -9.04 -8.48
C PRO B 199 -7.09 -9.73 -7.12
N VAL B 200 -7.45 -9.02 -6.03
CA VAL B 200 -7.54 -9.64 -4.69
C VAL B 200 -9.04 -9.67 -4.30
N SER B 201 -9.72 -10.72 -4.78
CA SER B 201 -11.16 -10.92 -4.58
C SER B 201 -11.54 -12.40 -4.54
N ALA B 202 -12.73 -12.70 -4.00
CA ALA B 202 -13.28 -14.05 -3.94
C ALA B 202 -13.61 -14.57 -5.34
N GLY B 203 -14.03 -13.66 -6.22
CA GLY B 203 -14.36 -13.93 -7.62
C GLY B 203 -13.19 -14.47 -8.42
N VAL B 204 -11.97 -13.93 -8.18
CA VAL B 204 -10.78 -14.42 -8.89
C VAL B 204 -10.36 -15.80 -8.35
N ILE B 205 -10.56 -16.07 -7.03
CA ILE B 205 -10.26 -17.38 -6.41
C ILE B 205 -11.10 -18.46 -7.10
N LYS B 206 -12.42 -18.22 -7.24
CA LYS B 206 -13.38 -19.09 -7.91
C LYS B 206 -12.98 -19.31 -9.37
N ALA B 207 -12.55 -18.24 -10.08
CA ALA B 207 -12.10 -18.26 -11.47
C ALA B 207 -10.82 -19.09 -11.62
N LEU B 208 -9.88 -18.95 -10.66
CA LEU B 208 -8.62 -19.70 -10.62
C LEU B 208 -8.89 -21.18 -10.38
N GLN B 209 -9.88 -21.51 -9.53
CA GLN B 209 -10.29 -22.88 -9.24
C GLN B 209 -10.98 -23.51 -10.45
N LEU B 210 -11.71 -22.69 -11.24
CA LEU B 210 -12.39 -23.09 -12.46
C LEU B 210 -11.38 -23.43 -13.57
N VAL B 211 -10.29 -22.64 -13.70
CA VAL B 211 -9.24 -22.88 -14.70
C VAL B 211 -8.38 -24.09 -14.30
N ASP B 212 -8.29 -24.37 -12.98
CA ASP B 212 -7.57 -25.53 -12.43
C ASP B 212 -8.31 -26.81 -12.80
N ASP B 213 -9.66 -26.77 -12.76
CA ASP B 213 -10.53 -27.90 -13.14
C ASP B 213 -10.37 -28.18 -14.62
N ALA B 214 -10.30 -27.12 -15.47
CA ALA B 214 -10.10 -27.20 -16.92
C ALA B 214 -8.76 -27.87 -17.25
N PHE B 215 -7.67 -27.46 -16.56
CA PHE B 215 -6.34 -28.04 -16.72
C PHE B 215 -6.31 -29.49 -16.21
N GLY B 216 -7.07 -29.75 -15.14
CA GLY B 216 -7.21 -31.07 -14.54
C GLY B 216 -7.86 -32.08 -15.46
N MET B 217 -8.92 -31.64 -16.18
CA MET B 217 -9.66 -32.44 -17.16
C MET B 217 -8.75 -32.79 -18.33
N LEU B 218 -7.88 -31.84 -18.75
CA LEU B 218 -6.93 -32.05 -19.84
C LEU B 218 -5.87 -33.08 -19.48
N MET B 219 -5.27 -32.97 -18.27
CA MET B 219 -4.26 -33.90 -17.77
C MET B 219 -4.80 -35.29 -17.55
N GLU B 220 -6.04 -35.40 -17.02
CA GLU B 220 -6.70 -36.69 -16.79
C GLU B 220 -7.06 -37.34 -18.12
N GLY B 221 -7.47 -36.51 -19.08
CA GLY B 221 -7.78 -36.94 -20.44
C GLY B 221 -6.56 -37.46 -21.16
N LEU B 222 -5.40 -36.79 -20.96
CA LEU B 222 -4.12 -37.19 -21.53
C LEU B 222 -3.62 -38.49 -20.90
N LYS B 223 -3.82 -38.68 -19.57
CA LYS B 223 -3.45 -39.88 -18.82
C LYS B 223 -4.20 -41.11 -19.35
N GLN B 224 -5.49 -40.92 -19.73
CA GLN B 224 -6.38 -41.94 -20.31
C GLN B 224 -5.82 -42.45 -21.65
N ARG B 225 -5.17 -41.56 -22.41
CA ARG B 225 -4.57 -41.88 -23.71
C ARG B 225 -3.07 -42.21 -23.58
N ASN B 226 -2.53 -42.19 -22.34
CA ASN B 226 -1.12 -42.44 -21.99
C ASN B 226 -0.19 -41.40 -22.66
N LEU B 227 -0.64 -40.12 -22.64
CA LEU B 227 0.05 -38.97 -23.23
C LEU B 227 0.45 -37.89 -22.22
N HIS B 228 0.16 -38.11 -20.91
CA HIS B 228 0.46 -37.16 -19.84
C HIS B 228 1.96 -36.87 -19.68
N ASN B 229 2.83 -37.85 -19.98
CA ASN B 229 4.29 -37.70 -19.92
C ASN B 229 4.90 -37.68 -21.34
N CYS B 230 4.04 -37.58 -22.37
CA CYS B 230 4.43 -37.54 -23.78
C CYS B 230 4.32 -36.11 -24.34
N VAL B 231 3.20 -35.44 -24.06
CA VAL B 231 2.91 -34.10 -24.56
C VAL B 231 3.75 -33.03 -23.85
N ASN B 232 4.30 -32.09 -24.65
CA ASN B 232 5.03 -30.92 -24.14
C ASN B 232 3.97 -29.81 -24.06
N ILE B 233 3.51 -29.54 -22.84
CA ILE B 233 2.46 -28.54 -22.58
C ILE B 233 3.04 -27.30 -21.90
N ILE B 234 2.62 -26.12 -22.39
CA ILE B 234 2.98 -24.81 -21.86
C ILE B 234 1.70 -24.11 -21.44
N VAL B 235 1.61 -23.74 -20.15
CA VAL B 235 0.46 -22.97 -19.68
C VAL B 235 0.97 -21.56 -19.32
N LEU B 236 0.41 -20.54 -19.99
CA LEU B 236 0.82 -19.16 -19.77
C LEU B 236 -0.37 -18.21 -19.80
N ALA B 237 -0.08 -16.92 -19.65
CA ALA B 237 -1.07 -15.85 -19.70
C ALA B 237 -0.55 -14.74 -20.61
N ASP B 238 -1.47 -13.94 -21.13
CA ASP B 238 -1.21 -12.79 -21.99
C ASP B 238 -0.75 -11.55 -21.23
N HIS B 239 -1.18 -11.40 -19.96
CA HIS B 239 -0.86 -10.27 -19.09
C HIS B 239 -1.31 -10.56 -17.65
N GLY B 240 -1.06 -9.61 -16.76
CA GLY B 240 -1.49 -9.67 -15.38
C GLY B 240 -2.81 -8.94 -15.15
N MET B 241 -3.00 -8.41 -13.92
CA MET B 241 -4.21 -7.69 -13.51
C MET B 241 -3.90 -6.76 -12.34
N ASP B 242 -4.47 -5.55 -12.37
CA ASP B 242 -4.32 -4.58 -11.29
C ASP B 242 -5.65 -3.99 -10.88
N GLN B 243 -5.75 -3.48 -9.65
CA GLN B 243 -6.96 -2.88 -9.10
C GLN B 243 -7.16 -1.45 -9.61
N THR B 244 -8.40 -1.12 -9.98
CA THR B 244 -8.79 0.22 -10.44
C THR B 244 -9.84 0.80 -9.50
N SER B 245 -9.80 2.13 -9.35
CA SER B 245 -10.75 2.88 -8.53
C SER B 245 -11.24 4.09 -9.32
N CYS B 246 -12.51 4.48 -9.10
CA CYS B 246 -13.08 5.66 -9.74
C CYS B 246 -12.49 6.95 -9.24
N ASP B 247 -11.82 6.85 -8.08
CA ASP B 247 -11.14 7.94 -7.41
C ASP B 247 -9.71 8.05 -7.96
N ARG B 248 -9.33 7.10 -8.86
CA ARG B 248 -8.02 7.04 -9.51
C ARG B 248 -8.18 7.16 -11.05
N VAL B 249 -8.84 8.25 -11.51
CA VAL B 249 -9.06 8.54 -12.93
C VAL B 249 -8.66 9.98 -13.24
N GLU B 250 -7.81 10.15 -14.26
CA GLU B 250 -7.35 11.44 -14.78
C GLU B 250 -8.25 11.85 -15.94
N TYR B 251 -8.69 13.11 -15.97
CA TYR B 251 -9.58 13.60 -17.03
C TYR B 251 -8.92 14.65 -17.89
N MET B 252 -9.07 14.53 -19.22
CA MET B 252 -8.49 15.45 -20.21
C MET B 252 -9.15 16.84 -20.19
N THR B 253 -10.35 16.95 -19.58
CA THR B 253 -11.12 18.19 -19.42
C THR B 253 -10.40 19.12 -18.43
N ASP B 254 -9.59 18.55 -17.52
CA ASP B 254 -8.79 19.25 -16.51
C ASP B 254 -7.52 19.88 -17.10
N TYR B 255 -7.19 19.56 -18.36
CA TYR B 255 -6.00 20.06 -19.05
C TYR B 255 -6.31 20.86 -20.32
N PHE B 256 -7.45 20.57 -20.98
CA PHE B 256 -7.87 21.26 -22.20
C PHE B 256 -9.20 21.99 -22.00
N PRO B 257 -9.36 23.25 -22.51
CA PRO B 257 -10.64 23.94 -22.35
C PRO B 257 -11.74 23.36 -23.24
N GLU B 258 -11.34 22.75 -24.38
CA GLU B 258 -12.20 22.12 -25.38
C GLU B 258 -11.44 20.97 -26.04
N ILE B 259 -12.03 19.75 -26.02
CA ILE B 259 -11.42 18.56 -26.59
C ILE B 259 -11.96 18.32 -28.01
N ASN B 260 -11.10 18.55 -29.01
CA ASN B 260 -11.44 18.40 -30.43
C ASN B 260 -10.72 17.17 -31.03
N PHE B 261 -10.04 16.38 -30.17
CA PHE B 261 -9.30 15.19 -30.54
C PHE B 261 -10.01 13.90 -30.14
N TYR B 262 -9.61 12.77 -30.77
CA TYR B 262 -10.09 11.43 -30.45
C TYR B 262 -9.06 10.81 -29.49
N MET B 263 -9.54 10.08 -28.46
CA MET B 263 -8.66 9.45 -27.49
C MET B 263 -9.02 8.00 -27.22
N TYR B 264 -8.03 7.09 -27.33
CA TYR B 264 -8.18 5.68 -27.00
C TYR B 264 -7.96 5.66 -25.50
N GLN B 265 -9.04 5.65 -24.72
CA GLN B 265 -9.03 5.74 -23.26
C GLN B 265 -8.57 4.47 -22.52
N GLY B 266 -8.22 4.63 -21.25
CA GLY B 266 -7.82 3.53 -20.37
C GLY B 266 -6.41 3.56 -19.81
N PRO B 267 -5.77 2.37 -19.69
CA PRO B 267 -4.42 2.31 -19.09
C PRO B 267 -3.26 2.57 -20.05
N ALA B 268 -3.49 2.53 -21.38
CA ALA B 268 -2.46 2.79 -22.40
C ALA B 268 -3.05 3.73 -23.48
N PRO B 269 -3.28 5.03 -23.13
CA PRO B 269 -3.95 5.94 -24.08
C PRO B 269 -3.14 6.41 -25.27
N ARG B 270 -3.86 6.71 -26.36
CA ARG B 270 -3.34 7.22 -27.64
C ARG B 270 -4.30 8.33 -28.13
N ILE B 271 -3.74 9.47 -28.53
CA ILE B 271 -4.52 10.63 -29.00
C ILE B 271 -4.25 10.89 -30.49
N ARG B 272 -5.33 11.04 -31.27
CA ARG B 272 -5.29 11.34 -32.70
C ARG B 272 -6.39 12.34 -33.08
N THR B 273 -6.48 12.71 -34.37
CA THR B 273 -7.51 13.64 -34.84
C THR B 273 -8.84 12.94 -35.08
N ARG B 274 -9.95 13.71 -34.99
CA ARG B 274 -11.29 13.21 -35.26
C ARG B 274 -11.51 13.24 -36.77
N ASN B 275 -10.83 14.19 -37.46
CA ASN B 275 -10.89 14.41 -38.90
C ASN B 275 -9.97 13.42 -39.65
N ILE B 276 -10.30 12.12 -39.59
CA ILE B 276 -9.55 11.04 -40.25
C ILE B 276 -10.24 10.64 -41.58
N PRO B 277 -9.51 10.39 -42.69
CA PRO B 277 -8.04 10.39 -42.87
C PRO B 277 -7.40 11.72 -43.29
N GLN B 278 -8.22 12.76 -43.53
CA GLN B 278 -7.83 14.09 -44.01
C GLN B 278 -6.74 14.79 -43.18
N ASP B 279 -6.82 14.70 -41.84
CA ASP B 279 -5.87 15.37 -40.94
C ASP B 279 -4.99 14.45 -40.10
N PHE B 280 -4.92 13.14 -40.41
CA PHE B 280 -4.12 12.15 -39.66
C PHE B 280 -2.65 12.54 -39.48
N PHE B 281 -2.00 13.01 -40.56
CA PHE B 281 -0.59 13.40 -40.53
C PHE B 281 -0.37 14.88 -40.18
N THR B 282 -1.31 15.75 -40.56
CA THR B 282 -1.24 17.20 -40.29
C THR B 282 -1.54 17.55 -38.82
N PHE B 283 -2.20 16.64 -38.08
CA PHE B 283 -2.57 16.80 -36.66
C PHE B 283 -1.34 17.14 -35.83
N ASN B 284 -1.40 18.27 -35.10
CA ASN B 284 -0.29 18.73 -34.27
C ASN B 284 -0.15 17.88 -33.01
N SER B 285 0.54 16.73 -33.16
CA SER B 285 0.79 15.75 -32.11
C SER B 285 1.72 16.32 -31.03
N GLU B 286 2.73 17.10 -31.45
CA GLU B 286 3.71 17.73 -30.58
C GLU B 286 3.10 18.84 -29.71
N GLU B 287 1.96 19.43 -30.14
CA GLU B 287 1.23 20.44 -29.40
C GLU B 287 0.51 19.79 -28.20
N ILE B 288 -0.15 18.63 -28.44
CA ILE B 288 -0.89 17.86 -27.44
C ILE B 288 0.03 17.37 -26.30
N VAL B 289 1.21 16.80 -26.64
CA VAL B 289 2.18 16.31 -25.66
C VAL B 289 2.74 17.46 -24.82
N ARG B 290 2.95 18.66 -25.44
CA ARG B 290 3.45 19.87 -24.79
C ARG B 290 2.39 20.41 -23.82
N ASP B 291 1.11 20.43 -24.25
CA ASP B 291 -0.03 20.92 -23.46
C ASP B 291 -0.40 20.02 -22.28
N LEU B 292 0.19 18.80 -22.22
CA LEU B 292 -0.05 17.83 -21.15
C LEU B 292 1.19 17.59 -20.27
N SER B 293 2.38 18.09 -20.69
CA SER B 293 3.63 17.95 -19.97
C SER B 293 3.78 18.91 -18.79
N CYS B 294 4.10 18.35 -17.60
CA CYS B 294 4.36 19.03 -16.33
C CYS B 294 3.28 20.07 -15.95
N ARG B 295 2.02 19.74 -16.21
CA ARG B 295 0.89 20.62 -15.94
C ARG B 295 0.52 20.68 -14.45
N LYS B 296 0.51 19.52 -13.79
CA LYS B 296 0.19 19.38 -12.36
C LYS B 296 1.35 18.64 -11.67
N SER B 297 1.67 19.03 -10.42
CA SER B 297 2.74 18.43 -9.61
C SER B 297 2.55 16.94 -9.35
N ASP B 298 1.31 16.52 -9.03
CA ASP B 298 0.97 15.13 -8.76
C ASP B 298 0.26 14.45 -9.95
N GLN B 299 0.67 14.79 -11.19
CA GLN B 299 0.14 14.25 -12.44
C GLN B 299 0.35 12.73 -12.47
N HIS B 300 -0.74 11.96 -12.67
CA HIS B 300 -0.74 10.49 -12.65
C HIS B 300 -0.56 9.85 -14.04
N PHE B 301 0.02 10.61 -14.98
CA PHE B 301 0.31 10.19 -16.35
C PHE B 301 1.44 11.04 -16.92
N LYS B 302 2.10 10.55 -17.97
CA LYS B 302 3.17 11.28 -18.64
C LYS B 302 2.98 11.24 -20.15
N PRO B 303 2.81 12.41 -20.81
CA PRO B 303 2.66 12.40 -22.27
C PRO B 303 4.01 12.18 -22.96
N TYR B 304 3.97 11.52 -24.13
CA TYR B 304 5.14 11.21 -24.92
C TYR B 304 4.80 11.20 -26.40
N LEU B 305 5.77 11.58 -27.22
CA LEU B 305 5.71 11.39 -28.66
C LEU B 305 6.32 9.99 -28.75
N THR B 306 5.73 9.07 -29.55
CA THR B 306 6.18 7.68 -29.63
C THR B 306 7.72 7.49 -29.79
N PRO B 307 8.50 8.27 -30.60
CA PRO B 307 9.96 8.06 -30.62
C PRO B 307 10.67 8.36 -29.29
N ASP B 308 10.03 9.16 -28.41
CA ASP B 308 10.56 9.54 -27.09
C ASP B 308 10.27 8.52 -25.98
N LEU B 309 9.36 7.56 -26.23
CA LEU B 309 9.02 6.50 -25.27
C LEU B 309 10.24 5.62 -24.98
N PRO B 310 10.38 5.05 -23.74
CA PRO B 310 11.51 4.15 -23.46
C PRO B 310 11.67 3.09 -24.54
N LYS B 311 12.89 2.99 -25.10
CA LYS B 311 13.29 2.12 -26.21
C LYS B 311 13.02 0.63 -25.98
N ARG B 312 13.04 0.15 -24.72
CA ARG B 312 12.78 -1.26 -24.38
C ARG B 312 11.35 -1.69 -24.71
N LEU B 313 10.40 -0.73 -24.81
CA LEU B 313 9.00 -0.99 -25.12
C LEU B 313 8.79 -1.36 -26.59
N HIS B 314 9.67 -0.83 -27.49
CA HIS B 314 9.62 -1.02 -28.95
C HIS B 314 8.20 -0.73 -29.47
N TYR B 315 7.64 0.42 -29.08
CA TYR B 315 6.27 0.80 -29.42
C TYR B 315 6.20 2.15 -30.13
N ALA B 316 6.61 2.17 -31.42
CA ALA B 316 6.62 3.38 -32.25
C ALA B 316 6.55 3.14 -33.76
N LYS B 317 7.29 2.14 -34.28
CA LYS B 317 7.39 1.87 -35.72
C LYS B 317 6.17 1.13 -36.31
N ASN B 318 5.06 1.87 -36.41
CA ASN B 318 3.79 1.42 -37.00
C ASN B 318 2.85 2.61 -37.13
N VAL B 319 2.21 2.76 -38.31
CA VAL B 319 1.26 3.83 -38.60
C VAL B 319 0.05 3.80 -37.65
N ARG B 320 -0.33 2.59 -37.19
CA ARG B 320 -1.44 2.36 -36.25
C ARG B 320 -1.14 2.92 -34.86
N ILE B 321 0.17 3.00 -34.49
CA ILE B 321 0.59 3.59 -33.22
C ILE B 321 0.60 5.10 -33.43
N ASP B 322 -0.41 5.80 -32.89
CA ASP B 322 -0.55 7.25 -32.97
C ASP B 322 0.63 7.94 -32.32
N LYS B 323 1.06 9.10 -32.84
CA LYS B 323 2.22 9.82 -32.32
C LYS B 323 2.06 10.24 -30.85
N VAL B 324 0.84 10.61 -30.42
CA VAL B 324 0.57 10.99 -29.02
C VAL B 324 0.34 9.73 -28.19
N HIS B 325 1.14 9.56 -27.13
CA HIS B 325 1.00 8.45 -26.20
C HIS B 325 1.05 8.94 -24.76
N LEU B 326 0.28 8.28 -23.88
CA LEU B 326 0.23 8.61 -22.46
C LEU B 326 0.69 7.40 -21.64
N MET B 327 1.72 7.57 -20.80
CA MET B 327 2.20 6.49 -19.92
C MET B 327 1.50 6.73 -18.59
N VAL B 328 0.54 5.86 -18.26
CA VAL B 328 -0.29 5.98 -17.05
C VAL B 328 0.37 5.26 -15.86
N ASP B 329 0.36 5.93 -14.69
CA ASP B 329 0.89 5.41 -13.43
C ASP B 329 0.09 4.19 -12.95
N ARG B 330 0.71 3.38 -12.06
CA ARG B 330 0.14 2.18 -11.45
C ARG B 330 -1.23 2.47 -10.84
N GLN B 331 -2.22 1.62 -11.16
CA GLN B 331 -3.61 1.63 -10.68
C GLN B 331 -4.45 2.86 -11.11
N TRP B 332 -3.94 3.68 -12.05
CA TRP B 332 -4.68 4.86 -12.53
C TRP B 332 -5.25 4.66 -13.95
N LEU B 333 -6.14 5.57 -14.39
CA LEU B 333 -6.77 5.52 -15.71
C LEU B 333 -6.86 6.92 -16.29
N ALA B 334 -6.87 7.04 -17.63
CA ALA B 334 -7.00 8.32 -18.32
C ALA B 334 -8.13 8.29 -19.34
N TYR B 335 -9.11 9.20 -19.17
CA TYR B 335 -10.31 9.30 -20.01
C TYR B 335 -10.51 10.73 -20.55
N ARG B 336 -11.37 10.87 -21.58
CA ARG B 336 -11.70 12.15 -22.23
C ARG B 336 -12.43 13.07 -21.26
N ASN B 337 -13.51 12.57 -20.63
CA ASN B 337 -14.36 13.31 -19.69
C ASN B 337 -14.75 12.48 -18.45
N LYS B 338 -15.51 13.09 -17.51
CA LYS B 338 -15.95 12.50 -16.24
C LYS B 338 -17.12 11.50 -16.38
N GLY B 339 -17.73 11.43 -17.57
CA GLY B 339 -18.84 10.54 -17.86
C GLY B 339 -18.44 9.08 -17.93
N ASN B 342 -15.52 -0.21 -16.17
CA ASN B 342 -15.20 1.17 -16.52
C ASN B 342 -14.09 1.73 -15.63
N CYS B 343 -14.40 2.03 -14.37
CA CYS B 343 -13.43 2.59 -13.43
C CYS B 343 -13.32 1.70 -12.20
N GLU B 344 -14.22 0.71 -12.08
CA GLU B 344 -14.29 -0.20 -10.95
C GLU B 344 -13.78 -1.59 -11.21
N GLY B 345 -13.27 -2.22 -10.16
CA GLY B 345 -12.75 -3.58 -10.20
C GLY B 345 -11.27 -3.61 -10.52
N GLY B 346 -10.95 -4.03 -11.73
CA GLY B 346 -9.57 -4.11 -12.20
C GLY B 346 -9.39 -4.12 -13.71
N THR B 347 -8.17 -3.77 -14.16
CA THR B 347 -7.81 -3.78 -15.58
C THR B 347 -6.30 -4.04 -15.78
N HIS B 348 -5.92 -4.17 -17.05
CA HIS B 348 -4.58 -4.40 -17.55
C HIS B 348 -4.42 -3.56 -18.83
N GLY B 349 -3.17 -3.39 -19.28
CA GLY B 349 -2.82 -2.59 -20.45
C GLY B 349 -1.64 -1.68 -20.15
N TYR B 350 -1.32 -1.55 -18.85
CA TYR B 350 -0.24 -0.76 -18.27
C TYR B 350 1.14 -1.23 -18.71
N ASN B 351 2.17 -0.52 -18.25
CA ASN B 351 3.60 -0.81 -18.46
C ASN B 351 3.88 -2.27 -18.09
N ASN B 352 4.55 -3.02 -18.99
CA ASN B 352 4.88 -4.43 -18.81
C ASN B 352 5.88 -4.70 -17.66
N GLU B 353 6.58 -3.65 -17.16
CA GLU B 353 7.53 -3.77 -16.04
C GLU B 353 6.80 -3.78 -14.69
N PHE B 354 5.54 -3.30 -14.66
CA PHE B 354 4.73 -3.29 -13.43
C PHE B 354 4.49 -4.73 -12.99
N LYS B 355 4.78 -5.03 -11.70
CA LYS B 355 4.66 -6.35 -11.08
C LYS B 355 3.27 -6.98 -11.32
N SER B 356 2.21 -6.17 -11.21
CA SER B 356 0.82 -6.58 -11.42
C SER B 356 0.53 -7.05 -12.85
N MET B 357 1.33 -6.57 -13.83
CA MET B 357 1.18 -6.90 -15.25
C MET B 357 1.93 -8.15 -15.68
N GLU B 358 2.72 -8.74 -14.75
CA GLU B 358 3.50 -9.95 -15.00
C GLU B 358 2.57 -11.17 -15.16
N ALA B 359 2.88 -12.01 -16.15
CA ALA B 359 2.11 -13.20 -16.47
C ALA B 359 2.79 -14.48 -15.98
N ILE B 360 2.03 -15.58 -15.93
CA ILE B 360 2.55 -16.89 -15.54
C ILE B 360 3.18 -17.60 -16.75
N PHE B 361 4.05 -18.58 -16.50
CA PHE B 361 4.66 -19.45 -17.49
C PHE B 361 5.04 -20.74 -16.79
N LEU B 362 4.37 -21.84 -17.19
CA LEU B 362 4.62 -23.18 -16.66
C LEU B 362 4.74 -24.15 -17.83
N ALA B 363 5.64 -25.13 -17.71
CA ALA B 363 5.89 -26.13 -18.74
C ALA B 363 6.03 -27.53 -18.15
N HIS B 364 5.46 -28.52 -18.84
CA HIS B 364 5.48 -29.93 -18.46
C HIS B 364 5.68 -30.76 -19.72
N GLY B 365 6.47 -31.82 -19.62
CA GLY B 365 6.73 -32.70 -20.75
C GLY B 365 8.13 -33.27 -20.81
N PRO B 366 8.38 -34.23 -21.75
CA PRO B 366 9.71 -34.86 -21.84
C PRO B 366 10.86 -33.95 -22.28
N SER B 367 10.58 -32.92 -23.10
CA SER B 367 11.60 -31.99 -23.59
C SER B 367 12.04 -30.95 -22.54
N PHE B 368 11.22 -30.74 -21.49
CA PHE B 368 11.50 -29.77 -20.43
C PHE B 368 12.21 -30.37 -19.22
N LYS B 369 12.98 -29.52 -18.48
CA LYS B 369 13.68 -29.92 -17.27
C LYS B 369 12.66 -30.01 -16.13
N GLU B 370 12.72 -31.10 -15.36
CA GLU B 370 11.81 -31.40 -14.25
C GLU B 370 12.16 -30.60 -13.00
N LYS B 371 11.13 -30.30 -12.17
CA LYS B 371 11.23 -29.58 -10.88
C LYS B 371 12.20 -28.38 -10.94
N THR B 372 12.02 -27.55 -11.97
CA THR B 372 12.91 -26.40 -12.22
C THR B 372 12.19 -25.05 -12.13
N VAL B 373 12.82 -24.12 -11.40
CA VAL B 373 12.37 -22.73 -11.27
C VAL B 373 13.39 -21.89 -12.05
N ILE B 374 12.92 -21.25 -13.13
CA ILE B 374 13.80 -20.41 -13.96
C ILE B 374 13.55 -18.93 -13.68
N GLU B 375 14.54 -18.09 -14.01
CA GLU B 375 14.48 -16.65 -13.83
C GLU B 375 13.49 -16.02 -14.82
N PRO B 376 12.90 -14.83 -14.54
CA PRO B 376 11.95 -14.25 -15.50
C PRO B 376 12.50 -14.03 -16.91
N PHE B 377 11.63 -14.15 -17.92
CA PHE B 377 11.97 -13.97 -19.33
C PHE B 377 10.79 -13.34 -20.07
N GLU B 378 11.00 -12.88 -21.31
CA GLU B 378 9.98 -12.22 -22.12
C GLU B 378 9.20 -13.16 -23.03
N ASN B 379 7.90 -12.85 -23.26
CA ASN B 379 7.01 -13.65 -24.10
C ASN B 379 7.44 -13.69 -25.59
N ILE B 380 8.33 -12.75 -26.02
CA ILE B 380 8.87 -12.67 -27.39
C ILE B 380 9.81 -13.85 -27.69
N GLU B 381 10.27 -14.54 -26.63
CA GLU B 381 11.18 -15.69 -26.69
C GLU B 381 10.49 -17.04 -26.88
N VAL B 382 9.16 -17.10 -26.63
CA VAL B 382 8.34 -18.31 -26.70
C VAL B 382 8.32 -18.93 -28.12
N TYR B 383 8.18 -18.10 -29.17
CA TYR B 383 8.13 -18.53 -30.57
C TYR B 383 9.28 -19.47 -30.97
N ASN B 384 10.54 -19.08 -30.67
CA ASN B 384 11.73 -19.87 -30.97
C ASN B 384 11.72 -21.20 -30.20
N LEU B 385 11.25 -21.18 -28.93
CA LEU B 385 11.11 -22.36 -28.09
C LEU B 385 10.10 -23.33 -28.70
N LEU B 386 8.93 -22.81 -29.18
CA LEU B 386 7.88 -23.60 -29.82
C LEU B 386 8.40 -24.28 -31.10
N CYS B 387 9.27 -23.57 -31.86
CA CYS B 387 9.91 -24.06 -33.08
C CYS B 387 10.89 -25.19 -32.74
N ASP B 388 11.64 -25.04 -31.63
CA ASP B 388 12.60 -26.03 -31.14
C ASP B 388 11.92 -27.32 -30.68
N LEU B 389 10.73 -27.19 -30.05
CA LEU B 389 9.92 -28.32 -29.58
C LEU B 389 9.34 -29.10 -30.76
N LEU B 390 8.94 -28.38 -31.82
CA LEU B 390 8.34 -28.95 -33.04
C LEU B 390 9.39 -29.35 -34.11
N HIS B 391 10.69 -29.17 -33.81
CA HIS B 391 11.85 -29.47 -34.69
C HIS B 391 11.75 -28.72 -36.04
N ILE B 392 11.28 -27.46 -35.99
CA ILE B 392 11.10 -26.61 -37.17
C ILE B 392 11.94 -25.33 -37.09
N GLN B 393 12.24 -24.74 -38.27
CA GLN B 393 13.04 -23.52 -38.40
C GLN B 393 12.17 -22.28 -38.20
N PRO B 394 12.56 -21.35 -37.29
CA PRO B 394 11.73 -20.15 -37.07
C PRO B 394 11.82 -19.10 -38.16
N ALA B 395 10.72 -18.37 -38.38
CA ALA B 395 10.66 -17.25 -39.32
C ALA B 395 11.36 -16.05 -38.63
N PRO B 396 11.87 -15.02 -39.36
CA PRO B 396 12.55 -13.91 -38.66
C PRO B 396 11.69 -13.23 -37.59
N ASN B 397 12.18 -13.21 -36.35
CA ASN B 397 11.48 -12.65 -35.20
C ASN B 397 12.41 -11.83 -34.28
N ASN B 398 11.90 -11.37 -33.12
CA ASN B 398 12.64 -10.53 -32.19
C ASN B 398 13.22 -11.27 -30.98
N GLY B 399 12.98 -12.58 -30.91
CA GLY B 399 13.56 -13.42 -29.86
C GLY B 399 15.03 -13.67 -30.12
N SER B 400 15.77 -14.07 -29.09
CA SER B 400 17.19 -14.40 -29.20
C SER B 400 17.27 -15.92 -29.11
N HIS B 401 17.36 -16.57 -30.28
CA HIS B 401 17.38 -18.04 -30.42
C HIS B 401 18.53 -18.69 -29.65
N GLY B 402 18.18 -19.37 -28.57
CA GLY B 402 19.12 -20.04 -27.67
C GLY B 402 19.07 -19.54 -26.24
N SER B 403 18.43 -18.39 -26.00
CA SER B 403 18.31 -17.80 -24.66
C SER B 403 17.41 -18.62 -23.72
N LEU B 404 16.55 -19.49 -24.30
CA LEU B 404 15.63 -20.36 -23.58
C LEU B 404 16.07 -21.84 -23.57
N ASN B 405 17.34 -22.11 -23.93
CA ASN B 405 17.92 -23.47 -23.95
C ASN B 405 18.05 -24.09 -22.55
N HIS B 406 18.12 -23.25 -21.51
CA HIS B 406 18.23 -23.69 -20.10
C HIS B 406 16.91 -24.28 -19.56
N LEU B 407 15.84 -24.25 -20.38
CA LEU B 407 14.51 -24.81 -20.09
C LEU B 407 14.42 -26.25 -20.61
N LEU B 408 15.20 -26.55 -21.66
CA LEU B 408 15.23 -27.83 -22.37
C LEU B 408 16.27 -28.82 -21.84
N LYS B 409 15.92 -30.12 -21.83
CA LYS B 409 16.80 -31.21 -21.40
C LYS B 409 17.90 -31.40 -22.45
N ALA B 410 17.52 -31.38 -23.74
CA ALA B 410 18.41 -31.50 -24.89
C ALA B 410 18.05 -30.41 -25.91
N PRO B 411 18.75 -29.25 -25.89
CA PRO B 411 18.42 -28.15 -26.82
C PRO B 411 18.54 -28.53 -28.30
N PHE B 412 17.57 -28.06 -29.11
CA PHE B 412 17.50 -28.31 -30.55
C PHE B 412 18.43 -27.38 -31.35
N TYR B 413 18.53 -26.11 -30.92
CA TYR B 413 19.37 -25.11 -31.58
C TYR B 413 20.52 -24.67 -30.68
N GLN B 414 21.73 -24.66 -31.25
CA GLN B 414 22.95 -24.23 -30.57
C GLN B 414 23.33 -22.84 -31.06
N PRO B 415 23.25 -21.79 -30.21
CA PRO B 415 23.59 -20.44 -30.69
C PRO B 415 25.10 -20.23 -30.83
N SER B 416 25.48 -19.28 -31.69
CA SER B 416 26.87 -18.91 -31.94
C SER B 416 27.05 -17.40 -31.88
N HIS B 417 28.28 -16.94 -31.59
CA HIS B 417 28.65 -15.52 -31.53
C HIS B 417 28.47 -14.88 -32.89
N ALA B 418 27.92 -13.65 -32.92
CA ALA B 418 27.71 -12.88 -34.16
C ALA B 418 29.06 -12.52 -34.78
N GLU B 419 29.22 -12.80 -36.07
CA GLU B 419 30.45 -12.55 -36.81
C GLU B 419 30.66 -11.06 -37.07
N GLU B 420 31.87 -10.56 -36.76
CA GLU B 420 32.27 -9.16 -36.96
C GLU B 420 32.39 -8.90 -38.48
N LEU B 421 31.70 -7.85 -38.96
CA LEU B 421 31.65 -7.49 -40.37
C LEU B 421 32.70 -6.45 -40.79
N SER B 422 33.29 -5.73 -39.82
CA SER B 422 34.35 -4.72 -40.05
C SER B 422 35.47 -4.85 -39.04
N LYS B 423 36.72 -4.89 -39.52
CA LYS B 423 37.93 -5.01 -38.69
C LYS B 423 38.58 -3.64 -38.44
N SER B 424 39.20 -3.48 -37.26
CA SER B 424 39.92 -2.26 -36.85
C SER B 424 41.14 -2.04 -37.74
N ALA B 425 41.37 -0.79 -38.16
CA ALA B 425 42.50 -0.41 -39.02
C ALA B 425 42.96 1.02 -38.77
N GLY B 426 44.28 1.22 -38.81
CA GLY B 426 44.93 2.52 -38.62
C GLY B 426 44.93 3.04 -37.20
N CYS B 427 45.06 4.38 -37.06
CA CYS B 427 45.12 5.15 -35.81
C CYS B 427 46.32 4.79 -34.91
N GLY B 428 47.40 4.33 -35.52
CA GLY B 428 48.62 3.99 -34.82
C GLY B 428 49.42 5.24 -34.48
N PHE B 429 50.14 5.21 -33.35
CA PHE B 429 50.96 6.35 -32.92
C PHE B 429 52.20 6.44 -33.83
N THR B 430 52.48 7.66 -34.32
CA THR B 430 53.62 7.96 -35.20
C THR B 430 54.45 9.12 -34.66
N THR B 431 53.80 10.28 -34.45
CA THR B 431 54.44 11.51 -33.95
C THR B 431 53.68 12.10 -32.74
N PRO B 432 54.39 12.65 -31.72
CA PRO B 432 53.67 13.27 -30.59
C PRO B 432 53.26 14.72 -30.85
N LEU B 433 53.61 15.24 -32.04
CA LEU B 433 53.31 16.61 -32.48
C LEU B 433 52.10 16.60 -33.42
N PRO B 434 51.01 17.32 -33.10
CA PRO B 434 49.83 17.31 -34.01
C PRO B 434 50.05 18.07 -35.31
N LYS B 435 49.55 17.50 -36.42
CA LYS B 435 49.65 18.08 -37.77
C LYS B 435 48.68 19.25 -37.92
N ASP B 436 47.60 19.24 -37.15
CA ASP B 436 46.55 20.26 -37.12
C ASP B 436 46.09 20.43 -35.67
N SER B 437 45.90 21.68 -35.23
CA SER B 437 45.44 22.00 -33.88
C SER B 437 43.93 21.82 -33.75
N LEU B 438 43.21 21.81 -34.90
CA LEU B 438 41.76 21.66 -35.05
C LEU B 438 40.95 22.74 -34.30
N ASN B 439 41.54 23.96 -34.20
CA ASN B 439 41.01 25.14 -33.52
C ASN B 439 40.66 24.87 -32.03
N CYS B 440 41.44 23.95 -31.41
CA CYS B 440 41.32 23.57 -30.01
C CYS B 440 42.43 24.21 -29.20
N SER B 441 42.12 24.63 -27.97
CA SER B 441 43.10 25.27 -27.11
C SER B 441 43.13 24.74 -25.69
N CYS B 442 44.35 24.62 -25.14
CA CYS B 442 44.67 24.23 -23.79
C CYS B 442 45.88 25.07 -23.36
N LEU B 443 45.60 26.22 -22.72
CA LEU B 443 46.64 27.15 -22.28
C LEU B 443 47.49 26.61 -21.12
N ALA B 444 47.01 25.54 -20.45
CA ALA B 444 47.68 24.86 -19.34
C ALA B 444 48.97 24.18 -19.83
N LEU B 445 49.03 23.82 -21.13
CA LEU B 445 50.20 23.21 -21.75
C LEU B 445 51.09 24.32 -22.32
N GLN B 446 51.70 25.10 -21.39
CA GLN B 446 52.59 26.24 -21.66
C GLN B 446 53.48 26.45 -20.42
N GLU B 450 55.27 23.85 -19.07
CA GLU B 450 54.53 22.67 -19.55
C GLU B 450 54.73 22.46 -21.06
N GLU B 451 54.54 21.21 -21.53
CA GLU B 451 54.70 20.81 -22.93
C GLU B 451 53.82 19.60 -23.29
N GLU B 452 53.61 19.36 -24.60
CA GLU B 452 52.84 18.24 -25.13
C GLU B 452 53.61 16.91 -25.06
N GLN B 453 54.08 16.57 -23.85
CA GLN B 453 54.76 15.32 -23.50
C GLN B 453 53.68 14.33 -23.03
N VAL B 454 52.46 14.84 -22.81
CA VAL B 454 51.25 14.10 -22.45
C VAL B 454 50.81 13.24 -23.64
N ASN B 455 51.24 13.61 -24.87
CA ASN B 455 50.97 12.87 -26.10
C ASN B 455 51.72 11.55 -26.11
N GLN B 456 52.86 11.46 -25.38
CA GLN B 456 53.65 10.24 -25.27
C GLN B 456 52.95 9.18 -24.40
N ARG B 457 51.99 9.63 -23.55
CA ARG B 457 51.16 8.77 -22.71
C ARG B 457 50.17 7.99 -23.59
N LEU B 458 49.90 8.51 -24.80
CA LEU B 458 49.03 7.91 -25.83
C LEU B 458 49.80 6.85 -26.63
N ASN B 459 51.14 6.88 -26.54
CA ASN B 459 52.05 5.93 -27.18
C ASN B 459 52.30 4.79 -26.20
N LEU B 460 51.48 3.74 -26.29
CA LEU B 460 51.55 2.57 -25.41
C LEU B 460 52.30 1.42 -26.08
N ASN B 461 53.15 0.71 -25.31
CA ASN B 461 53.88 -0.46 -25.82
C ASN B 461 52.95 -1.69 -25.78
N ARG B 462 53.37 -2.84 -26.36
CA ARG B 462 52.59 -4.09 -26.42
C ARG B 462 52.09 -4.55 -25.04
N GLY B 463 52.93 -4.38 -24.01
CA GLY B 463 52.62 -4.73 -22.63
C GLY B 463 51.60 -3.81 -22.00
N GLU B 464 51.65 -2.51 -22.36
CA GLU B 464 50.73 -1.49 -21.88
C GLU B 464 49.34 -1.66 -22.50
N VAL B 465 49.29 -2.07 -23.78
CA VAL B 465 48.04 -2.35 -24.51
C VAL B 465 47.36 -3.57 -23.87
N SER B 466 48.14 -4.64 -23.60
CA SER B 466 47.68 -5.88 -22.95
C SER B 466 47.13 -5.63 -21.54
N ALA B 467 47.77 -4.72 -20.78
CA ALA B 467 47.37 -4.32 -19.42
C ALA B 467 46.01 -3.59 -19.43
N THR B 468 45.82 -2.61 -20.35
CA THR B 468 44.57 -1.87 -20.46
C THR B 468 43.45 -2.75 -21.06
N GLU B 469 43.82 -3.76 -21.88
CA GLU B 469 42.87 -4.71 -22.46
C GLU B 469 42.36 -5.63 -21.36
N LYS B 470 43.24 -6.05 -20.44
CA LYS B 470 42.89 -6.93 -19.32
C LYS B 470 41.96 -6.21 -18.32
N THR B 471 42.22 -4.92 -18.07
CA THR B 471 41.43 -4.13 -17.13
C THR B 471 40.14 -3.57 -17.73
N ASN B 472 40.25 -2.80 -18.83
CA ASN B 472 39.12 -2.08 -19.43
C ASN B 472 38.32 -2.86 -20.47
N LEU B 473 38.86 -3.98 -21.00
CA LEU B 473 38.11 -4.85 -21.92
C LEU B 473 38.11 -6.28 -21.31
N PRO B 474 37.56 -6.51 -20.08
CA PRO B 474 37.65 -7.86 -19.49
C PRO B 474 36.85 -8.96 -20.18
N PHE B 475 35.82 -8.58 -20.95
CA PHE B 475 34.95 -9.52 -21.68
C PHE B 475 35.19 -9.42 -23.19
N GLY B 476 36.27 -8.71 -23.55
CA GLY B 476 36.64 -8.47 -24.94
C GLY B 476 36.01 -7.21 -25.50
N ARG B 477 36.56 -6.71 -26.60
CA ARG B 477 36.06 -5.52 -27.28
C ARG B 477 34.67 -5.77 -27.90
N PRO B 478 33.76 -4.76 -27.93
CA PRO B 478 32.48 -4.96 -28.64
C PRO B 478 32.78 -5.14 -30.13
N ARG B 479 32.17 -6.16 -30.79
CA ARG B 479 32.40 -6.43 -32.20
C ARG B 479 31.51 -5.56 -33.07
N VAL B 480 32.03 -5.11 -34.21
CA VAL B 480 31.31 -4.26 -35.16
C VAL B 480 30.55 -5.16 -36.15
N ILE B 481 29.22 -5.27 -35.95
CA ILE B 481 28.35 -6.08 -36.81
C ILE B 481 27.73 -5.12 -37.86
N GLN B 482 28.62 -4.41 -38.58
CA GLN B 482 28.31 -3.43 -39.60
C GLN B 482 29.26 -3.57 -40.77
N LYS B 483 28.73 -3.60 -42.00
CA LYS B 483 29.53 -3.68 -43.22
C LYS B 483 30.06 -2.29 -43.58
N ASN B 484 31.32 -2.23 -44.04
CA ASN B 484 32.05 -1.03 -44.47
C ASN B 484 32.09 0.09 -43.41
N LYS B 485 32.18 -0.30 -42.12
CA LYS B 485 32.27 0.64 -41.00
C LYS B 485 33.76 0.87 -40.69
N ASP B 486 34.33 1.95 -41.26
CA ASP B 486 35.74 2.32 -41.07
C ASP B 486 35.96 2.79 -39.65
N HIS B 487 36.73 2.01 -38.88
CA HIS B 487 36.98 2.31 -37.47
C HIS B 487 38.36 1.86 -36.99
N CYS B 488 38.76 2.35 -35.81
CA CYS B 488 40.03 2.02 -35.17
C CYS B 488 39.88 2.01 -33.65
N LEU B 489 40.71 1.21 -32.97
CA LEU B 489 40.70 1.15 -31.52
C LEU B 489 41.77 2.08 -30.95
N LEU B 490 41.39 2.85 -29.92
CA LEU B 490 42.29 3.80 -29.25
C LEU B 490 42.53 3.36 -27.82
N TYR B 491 43.79 3.03 -27.51
CA TYR B 491 44.23 2.54 -26.21
C TYR B 491 44.81 3.65 -25.34
N HIS B 492 44.40 3.67 -24.06
CA HIS B 492 44.85 4.59 -23.02
C HIS B 492 44.96 3.78 -21.73
N ARG B 493 45.75 4.26 -20.75
CA ARG B 493 45.96 3.57 -19.48
C ARG B 493 44.67 3.38 -18.65
N GLU B 494 43.70 4.30 -18.78
CA GLU B 494 42.45 4.25 -18.01
C GLU B 494 41.22 3.77 -18.79
N TYR B 495 41.26 3.83 -20.14
CA TYR B 495 40.12 3.44 -20.99
C TYR B 495 40.53 3.04 -22.41
N VAL B 496 39.66 2.27 -23.09
CA VAL B 496 39.83 1.83 -24.47
C VAL B 496 38.56 2.25 -25.24
N SER B 497 38.72 2.78 -26.45
CA SER B 497 37.56 3.19 -27.26
C SER B 497 37.64 2.68 -28.69
N GLY B 498 36.48 2.57 -29.34
CA GLY B 498 36.35 2.19 -30.74
C GLY B 498 35.88 3.40 -31.49
N PHE B 499 36.80 4.09 -32.18
CA PHE B 499 36.53 5.33 -32.89
C PHE B 499 35.95 5.15 -34.30
N GLY B 500 34.78 5.76 -34.55
CA GLY B 500 34.11 5.77 -35.84
C GLY B 500 34.63 6.93 -36.67
N LYS B 501 35.43 6.61 -37.70
CA LYS B 501 36.10 7.59 -38.59
C LYS B 501 35.15 8.50 -39.39
N ALA B 502 34.11 7.92 -40.01
CA ALA B 502 33.13 8.66 -40.82
C ALA B 502 32.29 9.66 -40.01
N MET B 503 31.91 9.29 -38.78
CA MET B 503 31.12 10.15 -37.90
C MET B 503 31.98 11.03 -36.98
N LYS B 504 33.33 10.83 -37.02
CA LYS B 504 34.35 11.57 -36.28
C LYS B 504 34.21 11.47 -34.75
N MET B 505 33.58 10.41 -34.25
CA MET B 505 33.37 10.19 -32.81
C MET B 505 33.45 8.69 -32.45
N PRO B 506 33.61 8.30 -31.16
CA PRO B 506 33.63 6.86 -30.86
C PRO B 506 32.27 6.21 -30.97
N MET B 507 32.24 4.93 -31.35
CA MET B 507 31.04 4.10 -31.43
C MET B 507 30.81 3.59 -30.00
N TRP B 508 31.92 3.30 -29.30
CA TRP B 508 31.95 2.80 -27.93
C TRP B 508 33.21 3.26 -27.19
N SER B 509 33.11 3.33 -25.87
CA SER B 509 34.18 3.67 -24.94
C SER B 509 34.01 2.76 -23.73
N SER B 510 35.04 1.93 -23.46
CA SER B 510 35.05 0.94 -22.39
C SER B 510 36.09 1.25 -21.31
N TYR B 511 35.69 1.11 -20.03
CA TYR B 511 36.55 1.39 -18.88
C TYR B 511 36.02 0.76 -17.59
N THR B 512 36.91 0.15 -16.79
CA THR B 512 36.53 -0.44 -15.52
C THR B 512 36.87 0.53 -14.39
N VAL B 513 35.83 1.05 -13.71
CA VAL B 513 35.99 1.96 -12.59
C VAL B 513 36.26 1.08 -11.36
N PRO B 514 37.42 1.20 -10.67
CA PRO B 514 37.64 0.36 -9.48
C PRO B 514 36.79 0.84 -8.30
N LYS B 515 36.66 0.01 -7.24
CA LYS B 515 35.86 0.36 -6.06
C LYS B 515 36.35 1.67 -5.42
N PRO B 516 35.51 2.73 -5.39
CA PRO B 516 35.95 4.01 -4.80
C PRO B 516 36.15 3.95 -3.30
N GLY B 517 37.23 4.59 -2.83
CA GLY B 517 37.57 4.63 -1.42
C GLY B 517 37.03 5.89 -0.77
N ASP B 518 37.81 6.97 -0.85
CA ASP B 518 37.45 8.27 -0.30
C ASP B 518 36.61 9.05 -1.31
N THR B 519 35.27 8.98 -1.17
CA THR B 519 34.29 9.67 -2.02
C THR B 519 34.32 11.19 -1.70
N SER B 520 34.79 11.53 -0.48
CA SER B 520 34.94 12.91 -0.01
C SER B 520 36.04 13.61 -0.83
N SER B 521 35.67 14.75 -1.45
CA SER B 521 36.50 15.59 -2.29
C SER B 521 37.23 14.84 -3.42
N LEU B 522 36.47 14.50 -4.48
CA LEU B 522 37.00 13.83 -5.68
C LEU B 522 37.46 14.90 -6.68
N PRO B 523 38.60 14.71 -7.40
CA PRO B 523 39.08 15.76 -8.32
C PRO B 523 38.13 16.11 -9.47
N PRO B 524 37.95 17.41 -9.78
CA PRO B 524 37.03 17.77 -10.87
C PRO B 524 37.70 17.67 -12.25
N THR B 525 36.91 17.89 -13.32
CA THR B 525 37.42 17.85 -14.70
C THR B 525 38.24 19.11 -14.98
N VAL B 526 39.42 18.94 -15.63
CA VAL B 526 40.33 20.04 -15.99
C VAL B 526 39.60 20.97 -16.98
N PRO B 527 39.34 22.23 -16.59
CA PRO B 527 38.59 23.12 -17.48
C PRO B 527 39.43 23.86 -18.53
N ASP B 528 38.78 24.29 -19.62
CA ASP B 528 39.33 25.05 -20.75
C ASP B 528 40.56 24.37 -21.41
N CYS B 529 40.58 23.02 -21.37
CA CYS B 529 41.67 22.24 -21.95
C CYS B 529 41.16 21.16 -22.92
N LEU B 530 41.41 21.39 -24.22
CA LEU B 530 41.04 20.51 -25.32
C LEU B 530 42.12 20.58 -26.40
N ARG B 531 42.52 19.41 -26.93
CA ARG B 531 43.54 19.33 -27.97
C ARG B 531 43.26 18.21 -28.97
N ALA B 532 43.97 18.23 -30.11
CA ALA B 532 43.85 17.24 -31.17
C ALA B 532 44.51 15.92 -30.80
N ASP B 533 43.91 14.79 -31.22
CA ASP B 533 44.48 13.46 -30.99
C ASP B 533 45.43 13.17 -32.15
N VAL B 534 46.72 13.01 -31.83
CA VAL B 534 47.81 12.73 -32.78
C VAL B 534 47.65 11.42 -33.55
N ARG B 535 46.93 10.44 -32.98
CA ARG B 535 46.70 9.13 -33.59
C ARG B 535 45.69 9.17 -34.73
N VAL B 536 44.65 10.02 -34.61
CA VAL B 536 43.59 10.13 -35.61
C VAL B 536 43.83 11.32 -36.57
N ASP B 537 43.63 11.06 -37.88
CA ASP B 537 43.74 11.99 -39.01
C ASP B 537 42.90 13.26 -38.77
N PRO B 538 43.40 14.48 -39.14
CA PRO B 538 42.60 15.71 -38.93
C PRO B 538 41.27 15.72 -39.70
N SER B 539 41.23 15.05 -40.87
CA SER B 539 40.05 14.93 -41.72
C SER B 539 38.98 14.01 -41.10
N GLU B 540 39.40 13.10 -40.21
CA GLU B 540 38.52 12.14 -39.52
C GLU B 540 38.27 12.57 -38.06
N SER B 541 38.70 13.78 -37.70
CA SER B 541 38.59 14.33 -36.35
C SER B 541 37.61 15.50 -36.26
N GLN B 542 37.01 15.68 -35.05
CA GLN B 542 36.12 16.78 -34.74
C GLN B 542 36.96 18.00 -34.41
N LYS B 543 36.49 19.19 -34.80
CA LYS B 543 37.17 20.45 -34.52
C LYS B 543 36.40 21.19 -33.42
N CYS B 544 37.12 21.90 -32.53
CA CYS B 544 36.52 22.67 -31.43
C CYS B 544 35.68 23.84 -31.98
N SER B 545 36.00 24.30 -33.21
CA SER B 545 35.31 25.37 -33.92
C SER B 545 33.91 24.96 -34.40
N PHE B 546 33.63 23.64 -34.49
CA PHE B 546 32.32 23.10 -34.91
C PHE B 546 31.23 23.43 -33.89
N TYR B 547 31.60 23.49 -32.60
CA TYR B 547 30.70 23.78 -31.49
C TYR B 547 30.58 25.27 -31.17
N LEU B 548 31.13 26.15 -32.04
CA LEU B 548 31.03 27.60 -31.88
C LEU B 548 29.82 28.12 -32.66
N ALA B 549 29.63 27.63 -33.91
CA ALA B 549 28.53 28.01 -34.81
C ALA B 549 27.16 27.57 -34.28
N ASP B 550 27.04 26.32 -33.81
CA ASP B 550 25.80 25.77 -33.25
C ASP B 550 25.52 26.38 -31.88
N GLN B 551 24.25 26.65 -31.55
CA GLN B 551 23.88 27.27 -30.28
C GLN B 551 23.20 26.33 -29.29
N ASN B 552 22.52 25.27 -29.79
CA ASN B 552 21.80 24.31 -28.95
C ASN B 552 22.70 23.20 -28.40
N ILE B 553 23.66 22.72 -29.21
CA ILE B 553 24.60 21.67 -28.78
C ILE B 553 25.98 22.21 -28.47
N ASP B 554 26.63 21.56 -27.51
CA ASP B 554 28.00 21.78 -27.08
C ASP B 554 28.69 20.41 -27.18
N HIS B 555 29.98 20.36 -26.87
CA HIS B 555 30.71 19.10 -26.88
C HIS B 555 30.70 18.53 -25.47
N GLY B 556 30.62 17.21 -25.38
CA GLY B 556 30.63 16.46 -24.14
C GLY B 556 31.69 15.39 -24.17
N PHE B 557 32.11 14.91 -23.00
CA PHE B 557 33.09 13.83 -22.91
C PHE B 557 32.37 12.50 -22.76
N LEU B 558 32.67 11.54 -23.66
CA LEU B 558 32.06 10.21 -23.60
C LEU B 558 32.61 9.47 -22.38
N TYR B 559 33.95 9.46 -22.23
CA TYR B 559 34.62 8.91 -21.06
C TYR B 559 34.89 10.09 -20.11
N PRO B 560 34.44 10.06 -18.82
CA PRO B 560 34.71 11.20 -17.92
C PRO B 560 36.20 11.29 -17.56
N PRO B 561 36.91 12.39 -17.90
CA PRO B 561 38.36 12.46 -17.63
C PRO B 561 38.80 12.32 -16.17
N ALA B 562 38.01 12.86 -15.23
CA ALA B 562 38.34 12.88 -13.79
C ALA B 562 37.96 11.62 -12.97
N ILE B 563 37.36 10.58 -13.61
CA ILE B 563 36.94 9.36 -12.92
C ILE B 563 38.11 8.45 -12.48
N LYS B 564 39.20 8.38 -13.27
CA LYS B 564 40.34 7.50 -12.98
C LYS B 564 41.69 8.21 -13.03
N GLY B 565 42.61 7.77 -12.17
CA GLY B 565 43.97 8.28 -12.08
C GLY B 565 44.11 9.64 -11.43
N ASN B 566 45.22 10.33 -11.78
CA ASN B 566 45.59 11.66 -11.29
C ASN B 566 45.33 12.76 -12.34
N ASN B 567 45.97 13.93 -12.19
CA ASN B 567 45.87 15.09 -13.11
C ASN B 567 46.39 14.77 -14.52
N GLU B 568 47.53 14.04 -14.59
CA GLU B 568 48.17 13.61 -15.84
C GLU B 568 47.28 12.61 -16.59
N SER B 569 46.53 11.77 -15.85
CA SER B 569 45.61 10.78 -16.41
C SER B 569 44.47 11.44 -17.18
N GLN B 570 43.97 12.60 -16.69
CA GLN B 570 42.88 13.39 -17.28
C GLN B 570 43.20 13.84 -18.71
N TYR B 571 44.48 14.16 -18.99
CA TYR B 571 44.96 14.62 -20.30
C TYR B 571 44.76 13.61 -21.43
N ASP B 572 44.73 12.30 -21.10
CA ASP B 572 44.49 11.20 -22.05
C ASP B 572 43.05 11.23 -22.59
N ALA B 573 42.14 11.92 -21.86
CA ALA B 573 40.72 12.04 -22.20
C ALA B 573 40.30 13.44 -22.65
N LEU B 574 41.17 14.46 -22.49
CA LEU B 574 40.88 15.83 -22.92
C LEU B 574 41.31 16.04 -24.39
N ILE B 575 40.92 15.08 -25.25
CA ILE B 575 41.25 15.06 -26.68
C ILE B 575 40.00 14.99 -27.55
N THR B 576 40.14 15.41 -28.84
CA THR B 576 39.09 15.48 -29.86
C THR B 576 38.36 14.16 -30.12
N SER B 577 39.06 13.02 -29.92
CA SER B 577 38.51 11.68 -30.12
C SER B 577 37.56 11.20 -29.01
N ASN B 578 37.53 11.92 -27.87
CA ASN B 578 36.66 11.62 -26.72
C ASN B 578 35.47 12.60 -26.68
N LEU B 579 35.31 13.42 -27.74
CA LEU B 579 34.20 14.38 -27.83
C LEU B 579 32.99 13.78 -28.54
N VAL B 580 31.81 14.11 -28.03
CA VAL B 580 30.50 13.69 -28.57
C VAL B 580 29.51 14.89 -28.57
N PRO B 581 28.66 15.05 -29.62
CA PRO B 581 27.72 16.19 -29.62
C PRO B 581 26.65 16.05 -28.55
N MET B 582 26.55 17.03 -27.64
CA MET B 582 25.59 17.00 -26.54
C MET B 582 24.80 18.27 -26.35
N TYR B 583 23.48 18.13 -26.13
CA TYR B 583 22.61 19.26 -25.82
C TYR B 583 22.94 19.71 -24.41
N LYS B 584 22.99 21.04 -24.19
CA LYS B 584 23.31 21.68 -22.91
C LYS B 584 22.53 21.10 -21.73
N GLU B 585 21.21 20.87 -21.92
CA GLU B 585 20.32 20.30 -20.91
C GLU B 585 20.60 18.81 -20.64
N PHE B 586 20.98 18.06 -21.69
CA PHE B 586 21.32 16.64 -21.59
C PHE B 586 22.64 16.46 -20.85
N LYS B 587 23.62 17.37 -21.07
CA LYS B 587 24.94 17.38 -20.45
C LYS B 587 24.84 17.46 -18.92
N LYS B 588 23.79 18.13 -18.40
CA LYS B 588 23.50 18.26 -16.96
C LYS B 588 23.21 16.88 -16.36
N MET B 589 22.46 16.02 -17.09
CA MET B 589 22.12 14.65 -16.68
C MET B 589 23.35 13.74 -16.81
N TRP B 590 24.06 13.86 -17.94
CA TRP B 590 25.24 13.08 -18.29
C TRP B 590 26.38 13.31 -17.29
N ASP B 591 26.71 14.58 -17.00
CA ASP B 591 27.75 14.92 -16.04
C ASP B 591 27.39 14.54 -14.61
N TYR B 592 26.10 14.62 -14.23
CA TYR B 592 25.65 14.24 -12.88
C TYR B 592 25.76 12.73 -12.68
N PHE B 593 25.42 11.95 -13.72
CA PHE B 593 25.48 10.49 -13.69
C PHE B 593 26.92 10.02 -13.50
N HIS B 594 27.87 10.56 -14.27
CA HIS B 594 29.28 10.16 -14.22
C HIS B 594 30.03 10.69 -12.99
N LYS B 595 29.55 11.77 -12.37
CA LYS B 595 30.19 12.36 -11.19
C LYS B 595 29.64 11.82 -9.86
N VAL B 596 28.31 11.59 -9.77
CA VAL B 596 27.67 11.15 -8.52
C VAL B 596 27.16 9.70 -8.59
N LEU B 597 26.23 9.40 -9.51
CA LEU B 597 25.57 8.09 -9.65
C LEU B 597 26.52 6.92 -9.93
N LEU B 598 27.44 7.09 -10.89
CA LEU B 598 28.41 6.07 -11.32
C LEU B 598 29.34 5.63 -10.18
N ILE B 599 29.76 6.57 -9.32
CA ILE B 599 30.62 6.31 -8.17
C ILE B 599 29.83 5.50 -7.12
N LYS B 600 28.54 5.84 -6.91
CA LYS B 600 27.62 5.15 -6.00
C LYS B 600 27.43 3.69 -6.46
N TYR B 601 27.27 3.49 -7.79
CA TYR B 601 27.09 2.17 -8.39
C TYR B 601 28.37 1.34 -8.29
N ALA B 602 29.54 2.00 -8.39
CA ALA B 602 30.86 1.37 -8.30
C ALA B 602 31.17 0.89 -6.87
N ILE B 603 30.59 1.55 -5.85
CA ILE B 603 30.74 1.18 -4.43
C ILE B 603 29.92 -0.09 -4.16
N GLU B 604 28.63 -0.08 -4.57
CA GLU B 604 27.65 -1.17 -4.42
C GLU B 604 28.04 -2.46 -5.15
N ARG B 605 28.74 -2.33 -6.30
CA ARG B 605 29.13 -3.46 -7.16
C ARG B 605 30.60 -3.92 -7.03
N ASN B 606 31.41 -3.24 -6.17
CA ASN B 606 32.86 -3.51 -5.97
C ASN B 606 33.56 -3.34 -7.33
N GLY B 607 33.44 -2.14 -7.87
CA GLY B 607 33.95 -1.79 -9.18
C GLY B 607 32.90 -2.04 -10.25
N VAL B 608 32.95 -1.27 -11.34
CA VAL B 608 31.97 -1.42 -12.42
C VAL B 608 32.61 -1.13 -13.78
N ASN B 609 32.40 -2.04 -14.75
CA ASN B 609 32.87 -1.85 -16.11
C ASN B 609 31.78 -1.08 -16.85
N VAL B 610 32.18 -0.02 -17.55
CA VAL B 610 31.27 0.85 -18.29
C VAL B 610 31.61 0.83 -19.77
N VAL B 611 30.58 0.66 -20.62
CA VAL B 611 30.68 0.78 -22.07
C VAL B 611 29.60 1.77 -22.47
N SER B 612 30.01 2.92 -23.00
CA SER B 612 29.14 4.01 -23.39
C SER B 612 29.35 4.38 -24.85
N GLY B 613 28.36 5.04 -25.46
CA GLY B 613 28.46 5.47 -26.85
C GLY B 613 27.19 6.08 -27.40
N PRO B 614 27.26 6.60 -28.64
CA PRO B 614 26.06 7.21 -29.24
C PRO B 614 25.16 6.21 -29.96
N ILE B 615 23.88 6.57 -30.08
CA ILE B 615 22.87 5.80 -30.79
C ILE B 615 22.22 6.72 -31.81
N PHE B 616 22.03 6.21 -33.03
CA PHE B 616 21.37 6.95 -34.10
C PHE B 616 20.17 6.11 -34.54
N ASP B 617 18.96 6.59 -34.21
CA ASP B 617 17.69 5.93 -34.57
C ASP B 617 16.60 6.96 -34.88
N TYR B 618 16.83 7.74 -35.95
CA TYR B 618 15.92 8.79 -36.43
C TYR B 618 14.62 8.26 -36.98
N ASN B 619 14.66 7.07 -37.62
CA ASN B 619 13.47 6.43 -38.18
C ASN B 619 12.76 5.55 -37.12
N TYR B 620 13.23 5.61 -35.85
CA TYR B 620 12.72 4.93 -34.65
C TYR B 620 12.25 3.47 -34.91
N ASP B 621 13.12 2.66 -35.54
CA ASP B 621 12.83 1.26 -35.85
C ASP B 621 13.56 0.26 -34.92
N GLY B 622 14.26 0.80 -33.91
CA GLY B 622 15.01 0.01 -32.94
C GLY B 622 16.34 -0.52 -33.46
N HIS B 623 16.74 -0.08 -34.66
CA HIS B 623 17.98 -0.49 -35.33
C HIS B 623 18.89 0.69 -35.57
N PHE B 624 20.22 0.46 -35.61
CA PHE B 624 21.22 1.48 -35.89
C PHE B 624 20.96 2.09 -37.27
N ASP B 625 21.05 3.42 -37.37
CA ASP B 625 20.81 4.11 -38.64
C ASP B 625 21.95 3.94 -39.62
N ALA B 626 21.59 3.94 -40.92
CA ALA B 626 22.52 3.96 -42.04
C ALA B 626 22.86 5.45 -42.21
N PRO B 627 24.04 5.85 -42.74
CA PRO B 627 24.35 7.30 -42.84
C PRO B 627 23.28 8.18 -43.48
N ASP B 628 22.55 7.65 -44.47
CA ASP B 628 21.46 8.34 -45.18
C ASP B 628 20.19 8.55 -44.32
N GLU B 629 20.06 7.80 -43.21
CA GLU B 629 18.90 7.87 -42.30
C GLU B 629 19.02 8.99 -41.22
N ILE B 630 20.24 9.51 -41.01
CA ILE B 630 20.51 10.58 -40.03
C ILE B 630 20.02 11.93 -40.62
N THR B 631 19.08 12.58 -39.90
CA THR B 631 18.48 13.84 -40.34
C THR B 631 18.93 15.09 -39.55
N ASN B 632 19.80 14.93 -38.53
CA ASN B 632 20.31 16.06 -37.77
C ASN B 632 21.81 15.99 -37.54
N TYR B 633 22.49 17.11 -37.78
CA TYR B 633 23.95 17.25 -37.67
C TYR B 633 24.32 18.52 -36.89
N VAL B 634 25.57 18.59 -36.41
CA VAL B 634 26.13 19.77 -35.74
C VAL B 634 26.15 20.84 -36.85
N ALA B 635 25.53 22.02 -36.60
CA ALA B 635 25.37 23.13 -37.55
C ALA B 635 26.55 23.36 -38.49
N GLY B 636 26.28 23.21 -39.79
CA GLY B 636 27.24 23.39 -40.87
C GLY B 636 28.36 22.38 -40.93
N THR B 637 28.16 21.16 -40.40
CA THR B 637 29.16 20.07 -40.37
C THR B 637 28.51 18.72 -40.74
N ASP B 638 29.33 17.68 -40.94
CA ASP B 638 28.86 16.32 -41.23
C ASP B 638 28.92 15.42 -39.98
N VAL B 639 29.08 16.04 -38.78
CA VAL B 639 29.13 15.35 -37.50
C VAL B 639 27.67 15.05 -37.09
N PRO B 640 27.26 13.77 -37.01
CA PRO B 640 25.85 13.49 -36.70
C PRO B 640 25.49 13.67 -35.22
N VAL B 641 24.23 14.08 -34.98
CA VAL B 641 23.72 14.26 -33.62
C VAL B 641 23.07 12.95 -33.17
N PRO B 642 23.49 12.37 -32.03
CA PRO B 642 22.86 11.12 -31.58
C PRO B 642 21.43 11.34 -31.11
N THR B 643 20.57 10.32 -31.30
CA THR B 643 19.17 10.37 -30.84
C THR B 643 19.15 9.92 -29.38
N HIS B 644 20.09 9.02 -29.02
CA HIS B 644 20.22 8.43 -27.68
C HIS B 644 21.69 8.19 -27.33
N TYR B 645 21.96 7.96 -26.04
CA TYR B 645 23.26 7.61 -25.51
C TYR B 645 23.11 6.37 -24.65
N PHE B 646 23.92 5.34 -24.91
CA PHE B 646 23.87 4.11 -24.12
C PHE B 646 24.94 4.12 -23.05
N VAL B 647 24.63 3.48 -21.91
CA VAL B 647 25.54 3.28 -20.78
C VAL B 647 25.29 1.86 -20.27
N VAL B 648 26.18 0.91 -20.61
CA VAL B 648 26.04 -0.46 -20.14
C VAL B 648 26.99 -0.69 -18.97
N LEU B 649 26.43 -0.98 -17.79
CA LEU B 649 27.20 -1.24 -16.57
C LEU B 649 27.29 -2.74 -16.35
N THR B 650 28.53 -3.28 -16.32
CA THR B 650 28.76 -4.71 -16.10
C THR B 650 29.68 -4.91 -14.91
N SER B 651 29.27 -5.76 -13.97
CA SER B 651 30.04 -6.10 -12.80
C SER B 651 29.91 -7.59 -12.53
N CYS B 652 30.62 -8.10 -11.51
CA CYS B 652 30.55 -9.50 -11.15
C CYS B 652 29.32 -9.77 -10.30
N LYS B 653 28.61 -10.90 -10.56
CA LYS B 653 27.43 -11.32 -9.80
C LYS B 653 27.85 -11.56 -8.34
N ASN B 654 29.02 -12.21 -8.14
CA ASN B 654 29.64 -12.42 -6.83
C ASN B 654 30.43 -11.13 -6.57
N LYS B 655 29.93 -10.29 -5.65
CA LYS B 655 30.50 -8.99 -5.30
C LYS B 655 31.90 -9.04 -4.65
N THR B 656 32.43 -10.25 -4.36
CA THR B 656 33.77 -10.42 -3.77
C THR B 656 34.85 -10.18 -4.85
N HIS B 657 34.46 -10.29 -6.14
CA HIS B 657 35.32 -10.10 -7.31
C HIS B 657 35.04 -8.77 -8.02
N THR B 658 36.07 -8.22 -8.66
CA THR B 658 35.98 -6.98 -9.46
C THR B 658 35.56 -7.37 -10.89
N PRO B 659 35.03 -6.43 -11.74
CA PRO B 659 34.62 -6.83 -13.11
C PRO B 659 35.72 -7.42 -13.99
N ASP B 660 36.99 -7.01 -13.76
CA ASP B 660 38.14 -7.49 -14.53
C ASP B 660 38.70 -8.84 -14.04
N SER B 661 38.24 -9.31 -12.87
CA SER B 661 38.66 -10.60 -12.29
C SER B 661 37.45 -11.42 -11.81
N CYS B 662 36.44 -11.58 -12.70
CA CYS B 662 35.18 -12.29 -12.42
C CYS B 662 35.12 -13.68 -13.12
N PRO B 663 35.30 -14.80 -12.38
CA PRO B 663 35.23 -16.11 -13.04
C PRO B 663 33.81 -16.62 -13.36
N GLY B 664 32.84 -16.28 -12.51
CA GLY B 664 31.45 -16.71 -12.65
C GLY B 664 30.58 -15.82 -13.51
N TRP B 665 29.27 -15.79 -13.20
CA TRP B 665 28.26 -14.99 -13.90
C TRP B 665 28.47 -13.49 -13.72
N LEU B 666 27.94 -12.69 -14.66
CA LEU B 666 28.04 -11.24 -14.62
C LEU B 666 26.68 -10.63 -14.27
N ASP B 667 26.68 -9.38 -13.78
CA ASP B 667 25.48 -8.62 -13.46
C ASP B 667 25.48 -7.40 -14.36
N VAL B 668 24.36 -7.16 -15.08
CA VAL B 668 24.30 -6.06 -16.03
C VAL B 668 23.19 -5.05 -15.70
N LEU B 669 23.47 -3.76 -16.02
CA LEU B 669 22.55 -2.64 -15.86
C LEU B 669 22.69 -1.67 -17.07
N PRO B 670 21.98 -1.96 -18.19
CA PRO B 670 22.09 -1.09 -19.37
C PRO B 670 21.09 0.06 -19.38
N PHE B 671 21.49 1.21 -19.94
CA PHE B 671 20.66 2.41 -20.08
C PHE B 671 20.69 2.90 -21.53
N VAL B 672 19.53 3.27 -22.07
CA VAL B 672 19.41 3.85 -23.42
C VAL B 672 18.67 5.18 -23.19
N VAL B 673 19.43 6.23 -22.87
CA VAL B 673 18.86 7.53 -22.52
C VAL B 673 18.67 8.43 -23.74
N PRO B 674 17.45 8.95 -23.98
CA PRO B 674 17.23 9.85 -25.11
C PRO B 674 18.03 11.15 -25.01
N HIS B 675 18.68 11.51 -26.11
CA HIS B 675 19.47 12.72 -26.23
C HIS B 675 18.51 13.82 -26.71
N ARG B 676 17.86 14.50 -25.76
CA ARG B 676 16.85 15.52 -25.99
C ARG B 676 17.33 16.94 -25.64
N PRO B 677 16.86 18.00 -26.36
CA PRO B 677 17.33 19.36 -26.04
C PRO B 677 16.78 19.96 -24.73
N THR B 678 15.73 19.36 -24.16
CA THR B 678 15.11 19.80 -22.90
C THR B 678 14.93 18.60 -21.96
N ASN B 679 14.76 18.87 -20.66
CA ASN B 679 14.53 17.85 -19.64
C ASN B 679 13.07 17.83 -19.19
N VAL B 680 12.14 18.18 -20.12
CA VAL B 680 10.69 18.24 -19.91
C VAL B 680 10.11 16.89 -19.44
N GLU B 681 10.71 15.77 -19.87
CA GLU B 681 10.30 14.42 -19.48
C GLU B 681 10.46 14.20 -17.97
N SER B 682 11.42 14.88 -17.34
CA SER B 682 11.72 14.75 -15.92
C SER B 682 10.95 15.74 -15.02
N CYS B 683 10.40 16.83 -15.61
CA CYS B 683 9.70 17.94 -14.92
C CYS B 683 10.58 18.53 -13.77
N PRO B 684 11.77 19.12 -14.06
CA PRO B 684 12.62 19.62 -12.96
C PRO B 684 12.43 21.10 -12.64
N GLU B 685 11.25 21.46 -12.10
CA GLU B 685 10.93 22.84 -11.73
C GLU B 685 11.78 23.30 -10.52
N ASN B 686 12.97 23.86 -10.83
CA ASN B 686 14.00 24.34 -9.89
C ASN B 686 14.59 23.23 -9.00
N LYS B 687 14.10 21.98 -9.18
CA LYS B 687 14.51 20.78 -8.44
C LYS B 687 15.98 20.45 -8.67
N ALA B 688 16.69 20.11 -7.57
CA ALA B 688 18.09 19.73 -7.62
C ALA B 688 18.23 18.38 -8.30
N GLU B 689 19.36 18.15 -8.98
CA GLU B 689 19.67 16.95 -9.76
C GLU B 689 19.56 15.61 -8.99
N ASP B 690 19.66 15.64 -7.64
CA ASP B 690 19.53 14.43 -6.80
C ASP B 690 18.06 13.97 -6.65
N LEU B 691 17.12 14.68 -7.30
CA LEU B 691 15.68 14.39 -7.23
C LEU B 691 15.05 13.94 -8.57
N TRP B 692 15.81 14.01 -9.70
CA TRP B 692 15.23 13.66 -11.00
C TRP B 692 16.17 12.96 -12.01
N VAL B 693 17.50 13.11 -11.89
CA VAL B 693 18.47 12.51 -12.84
C VAL B 693 18.46 10.96 -12.77
N GLU B 694 18.57 10.38 -11.55
CA GLU B 694 18.56 8.92 -11.35
C GLU B 694 17.23 8.30 -11.81
N GLU B 695 16.11 9.00 -11.53
CA GLU B 695 14.75 8.60 -11.91
C GLU B 695 14.61 8.54 -13.44
N ARG B 696 15.28 9.46 -14.16
CA ARG B 696 15.24 9.53 -15.62
C ARG B 696 16.04 8.40 -16.27
N PHE B 697 17.22 8.08 -15.71
CA PHE B 697 18.07 6.99 -16.19
C PHE B 697 17.36 5.64 -15.97
N LYS B 698 16.79 5.44 -14.76
CA LYS B 698 16.05 4.23 -14.39
C LYS B 698 14.83 3.97 -15.29
N ALA B 699 14.17 5.05 -15.77
CA ALA B 699 13.02 4.98 -16.67
C ALA B 699 13.43 4.52 -18.08
N HIS B 700 14.73 4.66 -18.41
CA HIS B 700 15.26 4.30 -19.73
C HIS B 700 16.24 3.11 -19.68
N ILE B 701 15.98 2.18 -18.74
CA ILE B 701 16.72 0.93 -18.64
C ILE B 701 16.25 0.05 -19.82
N ALA B 702 17.16 -0.71 -20.42
CA ALA B 702 16.87 -1.60 -21.54
C ALA B 702 17.69 -2.89 -21.37
N ARG B 703 17.57 -3.84 -22.30
CA ARG B 703 18.35 -5.07 -22.29
C ARG B 703 19.63 -4.77 -23.08
N VAL B 704 20.69 -5.59 -22.93
CA VAL B 704 21.94 -5.45 -23.70
C VAL B 704 21.59 -5.65 -25.20
N ARG B 705 20.68 -6.61 -25.50
CA ARG B 705 20.20 -6.91 -26.84
C ARG B 705 19.60 -5.67 -27.52
N ASP B 706 18.88 -4.82 -26.75
CA ASP B 706 18.30 -3.57 -27.24
C ASP B 706 19.42 -2.60 -27.68
N VAL B 707 20.49 -2.48 -26.84
CA VAL B 707 21.68 -1.66 -27.09
C VAL B 707 22.39 -2.18 -28.35
N GLU B 708 22.51 -3.52 -28.47
CA GLU B 708 23.14 -4.22 -29.60
C GLU B 708 22.49 -3.87 -30.94
N LEU B 709 21.14 -3.92 -31.00
CA LEU B 709 20.37 -3.62 -32.21
C LEU B 709 20.47 -2.14 -32.60
N LEU B 710 20.42 -1.24 -31.60
CA LEU B 710 20.52 0.21 -31.80
C LEU B 710 21.91 0.71 -32.18
N THR B 711 22.97 -0.11 -31.97
CA THR B 711 24.35 0.30 -32.26
C THR B 711 25.08 -0.48 -33.35
N GLY B 712 24.65 -1.73 -33.57
CA GLY B 712 25.32 -2.62 -34.52
C GLY B 712 26.62 -3.15 -33.92
N LEU B 713 26.63 -3.30 -32.60
CA LEU B 713 27.76 -3.80 -31.80
C LEU B 713 27.33 -5.09 -31.08
N ASP B 714 28.28 -5.99 -30.80
CA ASP B 714 28.01 -7.24 -30.10
C ASP B 714 28.99 -7.35 -28.94
N PHE B 715 28.46 -7.51 -27.71
CA PHE B 715 29.26 -7.55 -26.49
C PHE B 715 29.53 -8.94 -25.92
N TYR B 716 30.51 -9.02 -25.00
CA TYR B 716 30.93 -10.20 -24.22
C TYR B 716 31.32 -11.45 -25.05
N GLN B 717 31.89 -11.25 -26.25
CA GLN B 717 32.30 -12.37 -27.11
C GLN B 717 33.53 -13.12 -26.58
N GLU B 718 34.30 -12.49 -25.65
CA GLU B 718 35.49 -13.10 -25.04
C GLU B 718 35.25 -13.58 -23.60
N LYS B 719 33.97 -13.69 -23.20
CA LYS B 719 33.61 -14.19 -21.87
C LYS B 719 33.51 -15.72 -21.95
N THR B 720 34.33 -16.43 -21.15
CA THR B 720 34.39 -17.90 -21.12
C THR B 720 33.11 -18.46 -20.45
N GLN B 721 32.04 -18.54 -21.25
CA GLN B 721 30.70 -19.01 -20.88
C GLN B 721 29.97 -19.43 -22.15
N PRO B 722 29.07 -20.46 -22.12
CA PRO B 722 28.34 -20.82 -23.35
C PRO B 722 27.44 -19.67 -23.85
N VAL B 723 27.30 -19.56 -25.18
CA VAL B 723 26.52 -18.53 -25.88
C VAL B 723 25.08 -18.44 -25.34
N SER B 724 24.44 -19.59 -25.05
CA SER B 724 23.08 -19.67 -24.49
C SER B 724 22.96 -18.97 -23.13
N GLU B 725 24.02 -19.06 -22.29
CA GLU B 725 24.10 -18.40 -20.98
C GLU B 725 24.34 -16.89 -21.14
N ILE B 726 25.14 -16.50 -22.16
CA ILE B 726 25.44 -15.11 -22.49
C ILE B 726 24.16 -14.41 -23.03
N LEU B 727 23.33 -15.17 -23.78
CA LEU B 727 22.07 -14.68 -24.33
C LEU B 727 21.04 -14.41 -23.23
N GLN B 728 21.12 -15.16 -22.10
CA GLN B 728 20.27 -14.95 -20.92
C GLN B 728 20.60 -13.59 -20.32
N LEU B 729 21.91 -13.27 -20.23
CA LEU B 729 22.43 -11.99 -19.73
C LEU B 729 22.04 -10.83 -20.67
N LYS B 730 22.10 -11.05 -21.99
CA LYS B 730 21.78 -10.05 -23.02
C LYS B 730 20.29 -9.70 -23.12
N THR B 731 19.41 -10.64 -22.74
CA THR B 731 17.95 -10.46 -22.77
C THR B 731 17.39 -10.05 -21.41
N TYR B 732 18.25 -10.02 -20.37
CA TYR B 732 17.89 -9.65 -19.00
C TYR B 732 17.49 -8.18 -18.90
N LEU B 733 16.37 -7.92 -18.23
CA LEU B 733 15.87 -6.58 -18.00
C LEU B 733 15.93 -6.28 -16.50
N PRO B 734 16.88 -5.41 -16.05
CA PRO B 734 16.96 -5.09 -14.61
C PRO B 734 15.70 -4.38 -14.11
N THR B 735 15.19 -4.80 -12.95
CA THR B 735 13.97 -4.27 -12.33
C THR B 735 14.29 -3.73 -10.92
N PHE B 736 13.57 -2.67 -10.50
CA PHE B 736 13.71 -2.03 -9.19
C PHE B 736 12.36 -1.91 -8.49
#